data_1VER
# 
_entry.id   1VER 
# 
_audit_conform.dict_name       mmcif_pdbx.dic 
_audit_conform.dict_version    5.399 
_audit_conform.dict_location   http://mmcif.pdb.org/dictionaries/ascii/mmcif_pdbx.dic 
# 
loop_
_database_2.database_id 
_database_2.database_code 
_database_2.pdbx_database_accession 
_database_2.pdbx_DOI 
PDB   1VER         pdb_00001ver 10.2210/pdb1ver/pdb 
RCSB  RCSB006537   ?            ?                   
WWPDB D_1000006537 ?            ?                   
# 
loop_
_pdbx_audit_revision_history.ordinal 
_pdbx_audit_revision_history.data_content_type 
_pdbx_audit_revision_history.major_revision 
_pdbx_audit_revision_history.minor_revision 
_pdbx_audit_revision_history.revision_date 
1 'Structure model' 1 0 2004-08-24 
2 'Structure model' 1 1 2008-04-27 
3 'Structure model' 1 2 2011-07-13 
4 'Structure model' 1 3 2023-12-27 
5 'Structure model' 1 4 2024-11-20 
# 
_pdbx_audit_revision_details.ordinal             1 
_pdbx_audit_revision_details.revision_ordinal    1 
_pdbx_audit_revision_details.data_content_type   'Structure model' 
_pdbx_audit_revision_details.provider            repository 
_pdbx_audit_revision_details.type                'Initial release' 
_pdbx_audit_revision_details.description         ? 
_pdbx_audit_revision_details.details             ? 
# 
loop_
_pdbx_audit_revision_group.ordinal 
_pdbx_audit_revision_group.revision_ordinal 
_pdbx_audit_revision_group.data_content_type 
_pdbx_audit_revision_group.group 
1 2 'Structure model' 'Version format compliance' 
2 3 'Structure model' Advisory                    
3 3 'Structure model' 'Version format compliance' 
4 4 'Structure model' 'Data collection'           
5 4 'Structure model' 'Database references'       
6 5 'Structure model' 'Structure summary'         
# 
loop_
_pdbx_audit_revision_category.ordinal 
_pdbx_audit_revision_category.revision_ordinal 
_pdbx_audit_revision_category.data_content_type 
_pdbx_audit_revision_category.category 
1 4 'Structure model' chem_comp_atom            
2 4 'Structure model' chem_comp_bond            
3 4 'Structure model' database_2                
4 5 'Structure model' pdbx_entry_details        
5 5 'Structure model' pdbx_modification_feature 
# 
loop_
_pdbx_audit_revision_item.ordinal 
_pdbx_audit_revision_item.revision_ordinal 
_pdbx_audit_revision_item.data_content_type 
_pdbx_audit_revision_item.item 
1 4 'Structure model' '_database_2.pdbx_DOI'                
2 4 'Structure model' '_database_2.pdbx_database_accession' 
# 
_pdbx_database_status.status_code                     REL 
_pdbx_database_status.entry_id                        1VER 
_pdbx_database_status.recvd_initial_deposition_date   2004-04-05 
_pdbx_database_status.deposit_site                    PDBJ 
_pdbx_database_status.process_site                    PDBJ 
_pdbx_database_status.status_code_sf                  REL 
_pdbx_database_status.SG_entry                        . 
_pdbx_database_status.pdb_format_compatible           Y 
_pdbx_database_status.status_code_mr                  ? 
_pdbx_database_status.status_code_cs                  ? 
_pdbx_database_status.status_code_nmr_data            ? 
_pdbx_database_status.methods_development_category    ? 
# 
_pdbx_database_related.db_name        PDB 
_pdbx_database_related.db_id          1VES 
_pdbx_database_related.details        'the same protein (12Y-2)' 
_pdbx_database_related.content_type   unspecified 
# 
_audit_author.name           'Streltsov, V.A.' 
_audit_author.pdbx_ordinal   1 
# 
_citation.id                        primary 
_citation.title                     
'Structural evidence for evolution of shark Ig new antigen receptor variable domain antibodies from a cell-surface receptor' 
_citation.journal_abbrev            Proc.Natl.Acad.Sci.USA 
_citation.journal_volume            101 
_citation.page_first                12444 
_citation.page_last                 12449 
_citation.year                      2004 
_citation.journal_id_ASTM           PNASA6 
_citation.country                   US 
_citation.journal_id_ISSN           0027-8424 
_citation.journal_id_CSD            0040 
_citation.book_publisher            ? 
_citation.pdbx_database_id_PubMed   15304650 
_citation.pdbx_database_id_DOI      10.1073/pnas.0403509101 
# 
loop_
_citation_author.citation_id 
_citation_author.name 
_citation_author.ordinal 
_citation_author.identifier_ORCID 
primary 'Streltsov, V.A.'  1 ? 
primary 'Varghese, J.N.'   2 ? 
primary 'Carmichael, J.A.' 3 ? 
primary 'Irving, R.A.'     4 ? 
primary 'Hudson, P.J.'     5 ? 
primary 'Nuttall, S.D.'    6 ? 
# 
loop_
_entity.id 
_entity.type 
_entity.src_method 
_entity.pdbx_description 
_entity.formula_weight 
_entity.pdbx_number_of_molecules 
_entity.pdbx_ec 
_entity.pdbx_mutation 
_entity.pdbx_fragment 
_entity.details 
1 polymer man 'New Antigen Receptor variable domain' 12266.757 1  ? ? ? ? 
2 water   nat water                                  18.015    97 ? ? ? ? 
# 
_entity_name_com.entity_id   1 
_entity_name_com.name        VNAR 
# 
_entity_poly.entity_id                      1 
_entity_poly.type                           'polypeptide(L)' 
_entity_poly.nstd_linkage                   no 
_entity_poly.nstd_monomer                   no 
_entity_poly.pdbx_seq_one_letter_code       
;AWVDQTPRTATKETGESLTINCVLRDASYGLESTGWYRTKLGSTNEQTISIGGRYVETVNKGSKSFSLRIRDLRVEDSGT
YKCGAFRFWLPYGYGSLPLSEKGAGTVLTVK
;
_entity_poly.pdbx_seq_one_letter_code_can   
;AWVDQTPRTATKETGESLTINCVLRDASYGLESTGWYRTKLGSTNEQTISIGGRYVETVNKGSKSFSLRIRDLRVEDSGT
YKCGAFRFWLPYGYGSLPLSEKGAGTVLTVK
;
_entity_poly.pdbx_strand_id                 A 
_entity_poly.pdbx_target_identifier         ? 
# 
_pdbx_entity_nonpoly.entity_id   2 
_pdbx_entity_nonpoly.name        water 
_pdbx_entity_nonpoly.comp_id     HOH 
# 
loop_
_entity_poly_seq.entity_id 
_entity_poly_seq.num 
_entity_poly_seq.mon_id 
_entity_poly_seq.hetero 
1 1   ALA n 
1 2   TRP n 
1 3   VAL n 
1 4   ASP n 
1 5   GLN n 
1 6   THR n 
1 7   PRO n 
1 8   ARG n 
1 9   THR n 
1 10  ALA n 
1 11  THR n 
1 12  LYS n 
1 13  GLU n 
1 14  THR n 
1 15  GLY n 
1 16  GLU n 
1 17  SER n 
1 18  LEU n 
1 19  THR n 
1 20  ILE n 
1 21  ASN n 
1 22  CYS n 
1 23  VAL n 
1 24  LEU n 
1 25  ARG n 
1 26  ASP n 
1 27  ALA n 
1 28  SER n 
1 29  TYR n 
1 30  GLY n 
1 31  LEU n 
1 32  GLU n 
1 33  SER n 
1 34  THR n 
1 35  GLY n 
1 36  TRP n 
1 37  TYR n 
1 38  ARG n 
1 39  THR n 
1 40  LYS n 
1 41  LEU n 
1 42  GLY n 
1 43  SER n 
1 44  THR n 
1 45  ASN n 
1 46  GLU n 
1 47  GLN n 
1 48  THR n 
1 49  ILE n 
1 50  SER n 
1 51  ILE n 
1 52  GLY n 
1 53  GLY n 
1 54  ARG n 
1 55  TYR n 
1 56  VAL n 
1 57  GLU n 
1 58  THR n 
1 59  VAL n 
1 60  ASN n 
1 61  LYS n 
1 62  GLY n 
1 63  SER n 
1 64  LYS n 
1 65  SER n 
1 66  PHE n 
1 67  SER n 
1 68  LEU n 
1 69  ARG n 
1 70  ILE n 
1 71  ARG n 
1 72  ASP n 
1 73  LEU n 
1 74  ARG n 
1 75  VAL n 
1 76  GLU n 
1 77  ASP n 
1 78  SER n 
1 79  GLY n 
1 80  THR n 
1 81  TYR n 
1 82  LYS n 
1 83  CYS n 
1 84  GLY n 
1 85  ALA n 
1 86  PHE n 
1 87  ARG n 
1 88  PHE n 
1 89  TRP n 
1 90  LEU n 
1 91  PRO n 
1 92  TYR n 
1 93  GLY n 
1 94  TYR n 
1 95  GLY n 
1 96  SER n 
1 97  LEU n 
1 98  PRO n 
1 99  LEU n 
1 100 SER n 
1 101 GLU n 
1 102 LYS n 
1 103 GLY n 
1 104 ALA n 
1 105 GLY n 
1 106 THR n 
1 107 VAL n 
1 108 LEU n 
1 109 THR n 
1 110 VAL n 
1 111 LYS n 
# 
_entity_src_gen.entity_id                          1 
_entity_src_gen.pdbx_src_id                        1 
_entity_src_gen.pdbx_alt_source_flag               sample 
_entity_src_gen.pdbx_seq_type                      ? 
_entity_src_gen.pdbx_beg_seq_num                   ? 
_entity_src_gen.pdbx_end_seq_num                   ? 
_entity_src_gen.gene_src_common_name               'spotted wobbegong' 
_entity_src_gen.gene_src_genus                     Orectolobus 
_entity_src_gen.pdbx_gene_src_gene                 ? 
_entity_src_gen.gene_src_species                   ? 
_entity_src_gen.gene_src_strain                    ? 
_entity_src_gen.gene_src_tissue                    ? 
_entity_src_gen.gene_src_tissue_fraction           ? 
_entity_src_gen.gene_src_details                   ? 
_entity_src_gen.pdbx_gene_src_fragment             ? 
_entity_src_gen.pdbx_gene_src_scientific_name      'Orectolobus maculatus' 
_entity_src_gen.pdbx_gene_src_ncbi_taxonomy_id     168098 
_entity_src_gen.pdbx_gene_src_variant              ? 
_entity_src_gen.pdbx_gene_src_cell_line            ? 
_entity_src_gen.pdbx_gene_src_atcc                 ? 
_entity_src_gen.pdbx_gene_src_organ                ? 
_entity_src_gen.pdbx_gene_src_organelle            ? 
_entity_src_gen.pdbx_gene_src_cell                 ? 
_entity_src_gen.pdbx_gene_src_cellular_location    ? 
_entity_src_gen.host_org_common_name               ? 
_entity_src_gen.pdbx_host_org_scientific_name      'Escherichia coli' 
_entity_src_gen.pdbx_host_org_ncbi_taxonomy_id     562 
_entity_src_gen.host_org_genus                     Escherichia 
_entity_src_gen.pdbx_host_org_gene                 ? 
_entity_src_gen.pdbx_host_org_organ                ? 
_entity_src_gen.host_org_species                   ? 
_entity_src_gen.pdbx_host_org_tissue               ? 
_entity_src_gen.pdbx_host_org_tissue_fraction      ? 
_entity_src_gen.pdbx_host_org_strain               ? 
_entity_src_gen.pdbx_host_org_variant              ? 
_entity_src_gen.pdbx_host_org_cell_line            ? 
_entity_src_gen.pdbx_host_org_atcc                 ? 
_entity_src_gen.pdbx_host_org_culture_collection   ? 
_entity_src_gen.pdbx_host_org_cell                 ? 
_entity_src_gen.pdbx_host_org_organelle            ? 
_entity_src_gen.pdbx_host_org_cellular_location    ? 
_entity_src_gen.pdbx_host_org_vector_type          plasmid 
_entity_src_gen.pdbx_host_org_vector               ? 
_entity_src_gen.host_org_details                   ? 
_entity_src_gen.expression_system_id               ? 
_entity_src_gen.plasmid_name                       pGC 
_entity_src_gen.plasmid_details                    ? 
_entity_src_gen.pdbx_description                   ? 
# 
loop_
_chem_comp.id 
_chem_comp.type 
_chem_comp.mon_nstd_flag 
_chem_comp.name 
_chem_comp.pdbx_synonyms 
_chem_comp.formula 
_chem_comp.formula_weight 
ALA 'L-peptide linking' y ALANINE         ? 'C3 H7 N O2'     89.093  
ARG 'L-peptide linking' y ARGININE        ? 'C6 H15 N4 O2 1' 175.209 
ASN 'L-peptide linking' y ASPARAGINE      ? 'C4 H8 N2 O3'    132.118 
ASP 'L-peptide linking' y 'ASPARTIC ACID' ? 'C4 H7 N O4'     133.103 
CYS 'L-peptide linking' y CYSTEINE        ? 'C3 H7 N O2 S'   121.158 
GLN 'L-peptide linking' y GLUTAMINE       ? 'C5 H10 N2 O3'   146.144 
GLU 'L-peptide linking' y 'GLUTAMIC ACID' ? 'C5 H9 N O4'     147.129 
GLY 'peptide linking'   y GLYCINE         ? 'C2 H5 N O2'     75.067  
HOH non-polymer         . WATER           ? 'H2 O'           18.015  
ILE 'L-peptide linking' y ISOLEUCINE      ? 'C6 H13 N O2'    131.173 
LEU 'L-peptide linking' y LEUCINE         ? 'C6 H13 N O2'    131.173 
LYS 'L-peptide linking' y LYSINE          ? 'C6 H15 N2 O2 1' 147.195 
PHE 'L-peptide linking' y PHENYLALANINE   ? 'C9 H11 N O2'    165.189 
PRO 'L-peptide linking' y PROLINE         ? 'C5 H9 N O2'     115.130 
SER 'L-peptide linking' y SERINE          ? 'C3 H7 N O3'     105.093 
THR 'L-peptide linking' y THREONINE       ? 'C4 H9 N O3'     119.119 
TRP 'L-peptide linking' y TRYPTOPHAN      ? 'C11 H12 N2 O2'  204.225 
TYR 'L-peptide linking' y TYROSINE        ? 'C9 H11 N O3'    181.189 
VAL 'L-peptide linking' y VALINE          ? 'C5 H11 N O2'    117.146 
# 
loop_
_pdbx_poly_seq_scheme.asym_id 
_pdbx_poly_seq_scheme.entity_id 
_pdbx_poly_seq_scheme.seq_id 
_pdbx_poly_seq_scheme.mon_id 
_pdbx_poly_seq_scheme.ndb_seq_num 
_pdbx_poly_seq_scheme.pdb_seq_num 
_pdbx_poly_seq_scheme.auth_seq_num 
_pdbx_poly_seq_scheme.pdb_mon_id 
_pdbx_poly_seq_scheme.auth_mon_id 
_pdbx_poly_seq_scheme.pdb_strand_id 
_pdbx_poly_seq_scheme.pdb_ins_code 
_pdbx_poly_seq_scheme.hetero 
A 1 1   ALA 1   1   1   ALA ALA A . n 
A 1 2   TRP 2   2   2   TRP TRP A . n 
A 1 3   VAL 3   3   3   VAL VAL A . n 
A 1 4   ASP 4   4   4   ASP ASP A . n 
A 1 5   GLN 5   5   5   GLN GLN A . n 
A 1 6   THR 6   6   6   THR THR A . n 
A 1 7   PRO 7   7   7   PRO PRO A . n 
A 1 8   ARG 8   8   8   ARG ARG A . n 
A 1 9   THR 9   9   9   THR THR A . n 
A 1 10  ALA 10  10  10  ALA ALA A . n 
A 1 11  THR 11  11  11  THR THR A . n 
A 1 12  LYS 12  12  12  LYS LYS A . n 
A 1 13  GLU 13  13  13  GLU GLU A . n 
A 1 14  THR 14  14  14  THR THR A . n 
A 1 15  GLY 15  15  15  GLY GLY A . n 
A 1 16  GLU 16  16  16  GLU GLU A . n 
A 1 17  SER 17  17  17  SER SER A . n 
A 1 18  LEU 18  18  18  LEU LEU A . n 
A 1 19  THR 19  19  19  THR THR A . n 
A 1 20  ILE 20  20  20  ILE ILE A . n 
A 1 21  ASN 21  21  21  ASN ASN A . n 
A 1 22  CYS 22  22  22  CYS CYS A . n 
A 1 23  VAL 23  23  23  VAL VAL A . n 
A 1 24  LEU 24  24  24  LEU LEU A . n 
A 1 25  ARG 25  25  25  ARG ARG A . n 
A 1 26  ASP 26  26  26  ASP ASP A . n 
A 1 27  ALA 27  27  27  ALA ALA A . n 
A 1 28  SER 28  28  28  SER SER A . n 
A 1 29  TYR 29  29  29  TYR TYR A . n 
A 1 30  GLY 30  30  30  GLY GLY A . n 
A 1 31  LEU 31  31  31  LEU LEU A . n 
A 1 32  GLU 32  32  32  GLU GLU A . n 
A 1 33  SER 33  33  33  SER SER A . n 
A 1 34  THR 34  34  34  THR THR A . n 
A 1 35  GLY 35  35  35  GLY GLY A . n 
A 1 36  TRP 36  36  36  TRP TRP A . n 
A 1 37  TYR 37  37  37  TYR TYR A . n 
A 1 38  ARG 38  38  38  ARG ARG A . n 
A 1 39  THR 39  39  39  THR THR A . n 
A 1 40  LYS 40  40  40  LYS LYS A . n 
A 1 41  LEU 41  41  41  LEU LEU A . n 
A 1 42  GLY 42  42  42  GLY GLY A . n 
A 1 43  SER 43  43  43  SER SER A . n 
A 1 44  THR 44  44  44  THR THR A . n 
A 1 45  ASN 45  45  45  ASN ASN A . n 
A 1 46  GLU 46  46  46  GLU GLU A . n 
A 1 47  GLN 47  47  47  GLN GLN A . n 
A 1 48  THR 48  48  48  THR THR A . n 
A 1 49  ILE 49  49  49  ILE ILE A . n 
A 1 50  SER 50  50  50  SER SER A . n 
A 1 51  ILE 51  51  51  ILE ILE A . n 
A 1 52  GLY 52  52  52  GLY GLY A . n 
A 1 53  GLY 53  53  53  GLY GLY A . n 
A 1 54  ARG 54  54  54  ARG ARG A . n 
A 1 55  TYR 55  55  55  TYR TYR A . n 
A 1 56  VAL 56  56  56  VAL VAL A . n 
A 1 57  GLU 57  57  57  GLU GLU A . n 
A 1 58  THR 58  58  58  THR THR A . n 
A 1 59  VAL 59  59  59  VAL VAL A . n 
A 1 60  ASN 60  60  60  ASN ASN A . n 
A 1 61  LYS 61  61  61  LYS LYS A . n 
A 1 62  GLY 62  62  62  GLY GLY A . n 
A 1 63  SER 63  63  63  SER SER A . n 
A 1 64  LYS 64  64  64  LYS LYS A . n 
A 1 65  SER 65  65  65  SER SER A . n 
A 1 66  PHE 66  66  66  PHE PHE A . n 
A 1 67  SER 67  67  67  SER SER A . n 
A 1 68  LEU 68  68  68  LEU LEU A . n 
A 1 69  ARG 69  69  69  ARG ARG A . n 
A 1 70  ILE 70  70  70  ILE ILE A . n 
A 1 71  ARG 71  71  71  ARG ARG A . n 
A 1 72  ASP 72  72  72  ASP ASP A . n 
A 1 73  LEU 73  73  73  LEU LEU A . n 
A 1 74  ARG 74  74  74  ARG ARG A . n 
A 1 75  VAL 75  75  75  VAL VAL A . n 
A 1 76  GLU 76  76  76  GLU GLU A . n 
A 1 77  ASP 77  77  77  ASP ASP A . n 
A 1 78  SER 78  78  78  SER SER A . n 
A 1 79  GLY 79  79  79  GLY GLY A . n 
A 1 80  THR 80  80  80  THR THR A . n 
A 1 81  TYR 81  81  81  TYR TYR A . n 
A 1 82  LYS 82  82  82  LYS LYS A . n 
A 1 83  CYS 83  83  83  CYS CYS A . n 
A 1 84  GLY 84  84  84  GLY GLY A . n 
A 1 85  ALA 85  85  85  ALA ALA A . n 
A 1 86  PHE 86  86  86  PHE PHE A . n 
A 1 87  ARG 87  87  87  ARG ARG A . n 
A 1 88  PHE 88  88  ?   ?   ?   A . n 
A 1 89  TRP 89  89  ?   ?   ?   A . n 
A 1 90  LEU 90  90  ?   ?   ?   A . n 
A 1 91  PRO 91  91  ?   ?   ?   A . n 
A 1 92  TYR 92  92  ?   ?   ?   A . n 
A 1 93  GLY 93  93  ?   ?   ?   A . n 
A 1 94  TYR 94  94  ?   ?   ?   A . n 
A 1 95  GLY 95  95  ?   ?   ?   A . n 
A 1 96  SER 96  96  ?   ?   ?   A . n 
A 1 97  LEU 97  97  ?   ?   ?   A . n 
A 1 98  PRO 98  98  ?   ?   ?   A . n 
A 1 99  LEU 99  99  99  LEU LEU A . n 
A 1 100 SER 100 100 100 SER SER A . n 
A 1 101 GLU 101 101 101 GLU GLU A . n 
A 1 102 LYS 102 102 102 LYS LYS A . n 
A 1 103 GLY 103 103 103 GLY GLY A . n 
A 1 104 ALA 104 104 104 ALA ALA A . n 
A 1 105 GLY 105 105 105 GLY GLY A . n 
A 1 106 THR 106 106 106 THR THR A . n 
A 1 107 VAL 107 107 107 VAL VAL A . n 
A 1 108 LEU 108 108 108 LEU LEU A . n 
A 1 109 THR 109 109 109 THR THR A . n 
A 1 110 VAL 110 110 110 VAL VAL A . n 
A 1 111 LYS 111 111 111 LYS LYS A . n 
# 
loop_
_pdbx_nonpoly_scheme.asym_id 
_pdbx_nonpoly_scheme.entity_id 
_pdbx_nonpoly_scheme.mon_id 
_pdbx_nonpoly_scheme.ndb_seq_num 
_pdbx_nonpoly_scheme.pdb_seq_num 
_pdbx_nonpoly_scheme.auth_seq_num 
_pdbx_nonpoly_scheme.pdb_mon_id 
_pdbx_nonpoly_scheme.auth_mon_id 
_pdbx_nonpoly_scheme.pdb_strand_id 
_pdbx_nonpoly_scheme.pdb_ins_code 
B 2 HOH 1  112 1  HOH HOH A . 
B 2 HOH 2  113 2  HOH HOH A . 
B 2 HOH 3  114 3  HOH HOH A . 
B 2 HOH 4  115 4  HOH HOH A . 
B 2 HOH 5  116 5  HOH HOH A . 
B 2 HOH 6  117 6  HOH HOH A . 
B 2 HOH 7  118 7  HOH HOH A . 
B 2 HOH 8  119 8  HOH HOH A . 
B 2 HOH 9  120 9  HOH HOH A . 
B 2 HOH 10 121 10 HOH HOH A . 
B 2 HOH 11 122 11 HOH HOH A . 
B 2 HOH 12 123 12 HOH HOH A . 
B 2 HOH 13 124 13 HOH HOH A . 
B 2 HOH 14 125 14 HOH HOH A . 
B 2 HOH 15 126 15 HOH HOH A . 
B 2 HOH 16 127 16 HOH HOH A . 
B 2 HOH 17 128 17 HOH HOH A . 
B 2 HOH 18 129 18 HOH HOH A . 
B 2 HOH 19 130 19 HOH HOH A . 
B 2 HOH 20 131 20 HOH HOH A . 
B 2 HOH 21 132 21 HOH HOH A . 
B 2 HOH 22 133 22 HOH HOH A . 
B 2 HOH 23 134 23 HOH HOH A . 
B 2 HOH 24 135 24 HOH HOH A . 
B 2 HOH 25 136 25 HOH HOH A . 
B 2 HOH 26 137 26 HOH HOH A . 
B 2 HOH 27 138 27 HOH HOH A . 
B 2 HOH 28 139 28 HOH HOH A . 
B 2 HOH 29 140 29 HOH HOH A . 
B 2 HOH 30 141 30 HOH HOH A . 
B 2 HOH 31 142 31 HOH HOH A . 
B 2 HOH 32 143 32 HOH HOH A . 
B 2 HOH 33 144 33 HOH HOH A . 
B 2 HOH 34 145 34 HOH HOH A . 
B 2 HOH 35 146 35 HOH HOH A . 
B 2 HOH 36 147 36 HOH HOH A . 
B 2 HOH 37 148 37 HOH HOH A . 
B 2 HOH 38 149 38 HOH HOH A . 
B 2 HOH 39 150 39 HOH HOH A . 
B 2 HOH 40 151 40 HOH HOH A . 
B 2 HOH 41 152 41 HOH HOH A . 
B 2 HOH 42 153 42 HOH HOH A . 
B 2 HOH 43 154 43 HOH HOH A . 
B 2 HOH 44 155 44 HOH HOH A . 
B 2 HOH 45 156 45 HOH HOH A . 
B 2 HOH 46 157 46 HOH HOH A . 
B 2 HOH 47 158 47 HOH HOH A . 
B 2 HOH 48 159 48 HOH HOH A . 
B 2 HOH 49 160 49 HOH HOH A . 
B 2 HOH 50 161 50 HOH HOH A . 
B 2 HOH 51 162 51 HOH HOH A . 
B 2 HOH 52 163 52 HOH HOH A . 
B 2 HOH 53 164 53 HOH HOH A . 
B 2 HOH 54 165 54 HOH HOH A . 
B 2 HOH 55 166 55 HOH HOH A . 
B 2 HOH 56 167 56 HOH HOH A . 
B 2 HOH 57 168 57 HOH HOH A . 
B 2 HOH 58 169 58 HOH HOH A . 
B 2 HOH 59 170 59 HOH HOH A . 
B 2 HOH 60 171 60 HOH HOH A . 
B 2 HOH 61 172 61 HOH HOH A . 
B 2 HOH 62 173 62 HOH HOH A . 
B 2 HOH 63 174 63 HOH HOH A . 
B 2 HOH 64 175 64 HOH HOH A . 
B 2 HOH 65 176 65 HOH HOH A . 
B 2 HOH 66 177 66 HOH HOH A . 
B 2 HOH 67 178 67 HOH HOH A . 
B 2 HOH 68 179 68 HOH HOH A . 
B 2 HOH 69 180 69 HOH HOH A . 
B 2 HOH 70 181 70 HOH HOH A . 
B 2 HOH 71 182 71 HOH HOH A . 
B 2 HOH 72 183 72 HOH HOH A . 
B 2 HOH 73 184 73 HOH HOH A . 
B 2 HOH 74 185 74 HOH HOH A . 
B 2 HOH 75 186 75 HOH HOH A . 
B 2 HOH 76 187 76 HOH HOH A . 
B 2 HOH 77 188 77 HOH HOH A . 
B 2 HOH 78 189 78 HOH HOH A . 
B 2 HOH 79 190 79 HOH HOH A . 
B 2 HOH 80 191 80 HOH HOH A . 
B 2 HOH 81 192 81 HOH HOH A . 
B 2 HOH 82 193 82 HOH HOH A . 
B 2 HOH 83 194 83 HOH HOH A . 
B 2 HOH 84 195 84 HOH HOH A . 
B 2 HOH 85 196 85 HOH HOH A . 
B 2 HOH 86 197 86 HOH HOH A . 
B 2 HOH 87 198 87 HOH HOH A . 
B 2 HOH 88 199 88 HOH HOH A . 
B 2 HOH 89 200 89 HOH HOH A . 
B 2 HOH 90 201 90 HOH HOH A . 
B 2 HOH 91 202 91 HOH HOH A . 
B 2 HOH 92 203 92 HOH HOH A . 
B 2 HOH 93 204 93 HOH HOH A . 
B 2 HOH 94 205 94 HOH HOH A . 
B 2 HOH 95 206 95 HOH HOH A . 
B 2 HOH 96 207 96 HOH HOH A . 
B 2 HOH 97 208 97 HOH HOH A . 
# 
loop_
_software.name 
_software.classification 
_software.version 
_software.citation_id 
_software.pdbx_ordinal 
DENZO     'data reduction' .      ? 1 
SCALEPACK 'data scaling'   .      ? 2 
SHARP     phasing          .      ? 3 
REFMAC    refinement       5.1.24 ? 4 
# 
_cell.entry_id           1VER 
_cell.length_a           97.259 
_cell.length_b           97.259 
_cell.length_c           65.228 
_cell.angle_alpha        90.00 
_cell.angle_beta         90.00 
_cell.angle_gamma        90.00 
_cell.Z_PDB              16 
_cell.pdbx_unique_axis   ? 
# 
_symmetry.entry_id                         1VER 
_symmetry.space_group_name_H-M             'I 41 2 2' 
_symmetry.pdbx_full_space_group_name_H-M   ? 
_symmetry.cell_setting                     ? 
_symmetry.Int_Tables_number                98 
# 
_exptl.entry_id          1VER 
_exptl.method            'X-RAY DIFFRACTION' 
_exptl.crystals_number   1 
# 
_exptl_crystal.id                    1 
_exptl_crystal.density_meas          ? 
_exptl_crystal.density_Matthews      3.14 
_exptl_crystal.density_percent_sol   60.86 
_exptl_crystal.description           ? 
# 
_exptl_crystal_grow.crystal_id      1 
_exptl_crystal_grow.method          'VAPOR DIFFUSION, HANGING DROP' 
_exptl_crystal_grow.temp            298 
_exptl_crystal_grow.temp_details    ? 
_exptl_crystal_grow.pH              6.50 
_exptl_crystal_grow.pdbx_details    '0.1M BIS-TRIS PROPANE, 45% PPG P400, pH 6.50, VAPOR DIFFUSION, HANGING DROP, temperature 298K' 
_exptl_crystal_grow.pdbx_pH_range   . 
# 
_diffrn.id                     1 
_diffrn.ambient_temp           113.0 
_diffrn.ambient_temp_details   ? 
_diffrn.crystal_id             1 
# 
_diffrn_detector.diffrn_id              1 
_diffrn_detector.detector               'IMAGE PLATE' 
_diffrn_detector.type                   'MAR scanner 180 mm plate' 
_diffrn_detector.pdbx_collection_date   2003-10 
_diffrn_detector.details                'Axco microcapillary focusing optics' 
# 
_diffrn_radiation.diffrn_id                        1 
_diffrn_radiation.wavelength_id                    1 
_diffrn_radiation.pdbx_monochromatic_or_laue_m_l   M 
_diffrn_radiation.monochromator                    'NI FILTER' 
_diffrn_radiation.pdbx_diffrn_protocol             'SINGLE WAVELENGTH' 
_diffrn_radiation.pdbx_scattering_type             x-ray 
# 
_diffrn_radiation_wavelength.id           1 
_diffrn_radiation_wavelength.wavelength   1.5418 
_diffrn_radiation_wavelength.wt           1.0 
# 
_diffrn_source.diffrn_id                   1 
_diffrn_source.source                      'ROTATING ANODE' 
_diffrn_source.type                        'RIGAKU RUH3R' 
_diffrn_source.pdbx_synchrotron_site       ? 
_diffrn_source.pdbx_synchrotron_beamline   ? 
_diffrn_source.pdbx_wavelength             ? 
_diffrn_source.pdbx_wavelength_list        1.5418 
# 
_reflns.entry_id                     1VER 
_reflns.observed_criterion_sigma_I   0.000 
_reflns.observed_criterion_sigma_F   ? 
_reflns.d_resolution_low             69.01 
_reflns.d_resolution_high            2.82 
_reflns.number_obs                   3975 
_reflns.number_all                   ? 
_reflns.percent_possible_obs         99.0 
_reflns.pdbx_Rmerge_I_obs            0.045 
_reflns.pdbx_Rsym_value              0.045 
_reflns.pdbx_netI_over_sigmaI        18.10 
_reflns.B_iso_Wilson_estimate        ? 
_reflns.pdbx_redundancy              15.10 
_reflns.R_free_details               ? 
_reflns.limit_h_max                  ? 
_reflns.limit_h_min                  ? 
_reflns.limit_k_max                  ? 
_reflns.limit_k_min                  ? 
_reflns.limit_l_max                  ? 
_reflns.limit_l_min                  ? 
_reflns.observed_criterion_F_max     ? 
_reflns.observed_criterion_F_min     ? 
_reflns.pdbx_ordinal                 1 
_reflns.pdbx_diffrn_id               1 
# 
_reflns_shell.d_res_high             2.82 
_reflns_shell.d_res_low              2.90 
_reflns_shell.percent_possible_all   94.3 
_reflns_shell.Rmerge_I_obs           ? 
_reflns_shell.pdbx_Rsym_value        ? 
_reflns_shell.meanI_over_sigI_obs    1.8 
_reflns_shell.pdbx_redundancy        4.3 
_reflns_shell.percent_possible_obs   ? 
_reflns_shell.number_unique_all      ? 
_reflns_shell.pdbx_ordinal           1 
_reflns_shell.pdbx_diffrn_id         1 
# 
_refine.entry_id                                 1VER 
_refine.ls_number_reflns_obs                     3353 
_refine.ls_number_reflns_all                     ? 
_refine.pdbx_ls_sigma_I                          ? 
_refine.pdbx_ls_sigma_F                          ? 
_refine.pdbx_data_cutoff_high_absF               ? 
_refine.pdbx_data_cutoff_low_absF                ? 
_refine.pdbx_data_cutoff_high_rms_absF           ? 
_refine.ls_d_res_low                             6.00 
_refine.ls_d_res_high                            2.82 
_refine.ls_percent_reflns_obs                    99.29 
_refine.ls_R_factor_obs                          0.16972 
_refine.ls_R_factor_all                          0.16972 
_refine.ls_R_factor_R_work                       0.16588 
_refine.ls_R_factor_R_free                       0.25391 
_refine.ls_R_factor_R_free_error                 ? 
_refine.ls_R_factor_R_free_error_details         ? 
_refine.ls_percent_reflns_R_free                 4.4 
_refine.ls_number_reflns_R_free                  153 
_refine.ls_number_parameters                     ? 
_refine.ls_number_restraints                     ? 
_refine.occupancy_min                            ? 
_refine.occupancy_max                            ? 
_refine.correlation_coeff_Fo_to_Fc               0.965 
_refine.correlation_coeff_Fo_to_Fc_free          0.911 
_refine.B_iso_mean                               40.210 
_refine.aniso_B[1][1]                            3.53 
_refine.aniso_B[2][2]                            3.53 
_refine.aniso_B[3][3]                            -7.06 
_refine.aniso_B[1][2]                            0.00 
_refine.aniso_B[1][3]                            0.00 
_refine.aniso_B[2][3]                            0.00 
_refine.solvent_model_details                    'BABINET MODEL WITH MASK' 
_refine.solvent_model_param_ksol                 ? 
_refine.solvent_model_param_bsol                 ? 
_refine.pdbx_solvent_vdw_probe_radii             1.40 
_refine.pdbx_solvent_ion_probe_radii             0.80 
_refine.pdbx_solvent_shrinkage_radii             0.80 
_refine.pdbx_ls_cross_valid_method               THROUGHOUT 
_refine.details                                  ? 
_refine.pdbx_starting_model                      ? 
_refine.pdbx_method_to_determine_struct          MIR 
_refine.pdbx_isotropic_thermal_model             ? 
_refine.pdbx_stereochemistry_target_values       'MAXIMUM LIKELIHOOD' 
_refine.pdbx_stereochem_target_val_spec_case     ? 
_refine.pdbx_R_Free_selection_details            RANDOM 
_refine.pdbx_overall_ESU_R                       ? 
_refine.pdbx_overall_ESU_R_Free                  0.370 
_refine.overall_SU_ML                            0.288 
_refine.overall_SU_B                             16.179 
_refine.ls_redundancy_reflns_obs                 ? 
_refine.B_iso_min                                ? 
_refine.B_iso_max                                ? 
_refine.overall_SU_R_Cruickshank_DPI             ? 
_refine.overall_SU_R_free                        ? 
_refine.pdbx_refine_id                           'X-RAY DIFFRACTION' 
_refine.pdbx_TLS_residual_ADP_flag               'LIKELY RESIDUAL' 
_refine.pdbx_diffrn_id                           1 
_refine.pdbx_overall_phase_error                 ? 
_refine.pdbx_overall_SU_R_free_Cruickshank_DPI   ? 
_refine.pdbx_overall_SU_R_Blow_DPI               ? 
_refine.pdbx_overall_SU_R_free_Blow_DPI          ? 
# 
_refine_hist.pdbx_refine_id                   'X-RAY DIFFRACTION' 
_refine_hist.cycle_id                         LAST 
_refine_hist.pdbx_number_atoms_protein        770 
_refine_hist.pdbx_number_atoms_nucleic_acid   0 
_refine_hist.pdbx_number_atoms_ligand         0 
_refine_hist.number_atoms_solvent             97 
_refine_hist.number_atoms_total               867 
_refine_hist.d_res_high                       2.82 
_refine_hist.d_res_low                        6.00 
# 
loop_
_refine_ls_restr.type 
_refine_ls_restr.dev_ideal 
_refine_ls_restr.dev_ideal_target 
_refine_ls_restr.weight 
_refine_ls_restr.number 
_refine_ls_restr.pdbx_refine_id 
_refine_ls_restr.pdbx_restraint_function 
r_bond_refined_d         0.012 0.021 ? 780  'X-RAY DIFFRACTION' ? 
r_bond_other_d           0.002 0.020 ? 710  'X-RAY DIFFRACTION' ? 
r_angle_refined_deg      1.552 1.955 ? 1050 'X-RAY DIFFRACTION' ? 
r_angle_other_deg        0.838 3.000 ? 1648 'X-RAY DIFFRACTION' ? 
r_dihedral_angle_1_deg   8.873 5.000 ? 98   'X-RAY DIFFRACTION' ? 
r_dihedral_angle_2_deg   ?     ?     ? ?    'X-RAY DIFFRACTION' ? 
r_dihedral_angle_3_deg   ?     ?     ? ?    'X-RAY DIFFRACTION' ? 
r_dihedral_angle_4_deg   ?     ?     ? ?    'X-RAY DIFFRACTION' ? 
r_chiral_restr           0.085 0.200 ? 121  'X-RAY DIFFRACTION' ? 
r_gen_planes_refined     0.005 0.020 ? 857  'X-RAY DIFFRACTION' ? 
r_gen_planes_other       0.001 0.020 ? 165  'X-RAY DIFFRACTION' ? 
r_nbd_refined            0.220 0.200 ? 147  'X-RAY DIFFRACTION' ? 
r_nbd_other              0.224 0.200 ? 841  'X-RAY DIFFRACTION' ? 
r_nbtor_refined          ?     ?     ? ?    'X-RAY DIFFRACTION' ? 
r_nbtor_other            0.089 0.200 ? 558  'X-RAY DIFFRACTION' ? 
r_xyhbond_nbd_refined    0.220 0.200 ? 32   'X-RAY DIFFRACTION' ? 
r_xyhbond_nbd_other      ?     ?     ? ?    'X-RAY DIFFRACTION' ? 
r_metal_ion_refined      ?     ?     ? ?    'X-RAY DIFFRACTION' ? 
r_metal_ion_other        ?     ?     ? ?    'X-RAY DIFFRACTION' ? 
r_symmetry_vdw_refined   0.370 0.200 ? 11   'X-RAY DIFFRACTION' ? 
r_symmetry_vdw_other     0.364 0.200 ? 26   'X-RAY DIFFRACTION' ? 
r_symmetry_hbond_refined 0.160 0.200 ? 11   'X-RAY DIFFRACTION' ? 
r_symmetry_hbond_other   ?     ?     ? ?    'X-RAY DIFFRACTION' ? 
r_mcbond_it              0.363 1.500 ? 488  'X-RAY DIFFRACTION' ? 
r_mcbond_other           ?     ?     ? ?    'X-RAY DIFFRACTION' ? 
r_mcangle_it             0.690 2.000 ? 783  'X-RAY DIFFRACTION' ? 
r_scbond_it              1.038 3.000 ? 292  'X-RAY DIFFRACTION' ? 
r_scangle_it             1.864 4.500 ? 267  'X-RAY DIFFRACTION' ? 
r_rigid_bond_restr       ?     ?     ? ?    'X-RAY DIFFRACTION' ? 
r_sphericity_free        ?     ?     ? ?    'X-RAY DIFFRACTION' ? 
r_sphericity_bonded      ?     ?     ? ?    'X-RAY DIFFRACTION' ? 
# 
_refine_ls_shell.pdbx_total_number_of_bins_used   20 
_refine_ls_shell.d_res_high                       2.820 
_refine_ls_shell.d_res_low                        2.877 
_refine_ls_shell.number_reflns_R_work             195 
_refine_ls_shell.R_factor_R_work                  0.339 
_refine_ls_shell.percent_reflns_obs               ? 
_refine_ls_shell.R_factor_R_free                  0.543 
_refine_ls_shell.R_factor_R_free_error            ? 
_refine_ls_shell.percent_reflns_R_free            ? 
_refine_ls_shell.number_reflns_R_free             11 
_refine_ls_shell.number_reflns_obs                ? 
_refine_ls_shell.redundancy_reflns_obs            ? 
_refine_ls_shell.number_reflns_all                ? 
_refine_ls_shell.pdbx_refine_id                   'X-RAY DIFFRACTION' 
_refine_ls_shell.R_factor_all                     ? 
# 
_struct.entry_id                  1VER 
_struct.title                     'Structure of New Antigen Receptor variable domain from sharks' 
_struct.pdbx_model_details        ? 
_struct.pdbx_CASP_flag            ? 
_struct.pdbx_model_type_details   ? 
# 
_struct_keywords.entry_id        1VER 
_struct_keywords.pdbx_keywords   'IMMUNE SYSTEM' 
_struct_keywords.text            'IG VNAR, NATIVE, 12Y-1, IMMUNE SYSTEM' 
# 
loop_
_struct_asym.id 
_struct_asym.pdbx_blank_PDB_chainid_flag 
_struct_asym.pdbx_modified 
_struct_asym.entity_id 
_struct_asym.details 
A N N 1 ? 
B N N 2 ? 
# 
_struct_ref.id                         1 
_struct_ref.db_name                    UNP 
_struct_ref.db_code                    Q6X1E7_9CHON 
_struct_ref.entity_id                  1 
_struct_ref.pdbx_seq_one_letter_code   
;AWVDQTPRTATKETGESLTINCVLRDASYGLESTGWYRTKLGSTNEQTISIGGRYVETVNKGSKSFSLRIRDLRVEDSGT
YKCGAFRFWLPYGYGSLPLSEKGAGTVLTVK
;
_struct_ref.pdbx_align_begin           1 
_struct_ref.pdbx_db_accession          Q6X1E7 
_struct_ref.pdbx_db_isoform            ? 
# 
_struct_ref_seq.align_id                      1 
_struct_ref_seq.ref_id                        1 
_struct_ref_seq.pdbx_PDB_id_code              1VER 
_struct_ref_seq.pdbx_strand_id                A 
_struct_ref_seq.seq_align_beg                 1 
_struct_ref_seq.pdbx_seq_align_beg_ins_code   ? 
_struct_ref_seq.seq_align_end                 111 
_struct_ref_seq.pdbx_seq_align_end_ins_code   ? 
_struct_ref_seq.pdbx_db_accession             Q6X1E7 
_struct_ref_seq.db_align_beg                  1 
_struct_ref_seq.pdbx_db_align_beg_ins_code    ? 
_struct_ref_seq.db_align_end                  111 
_struct_ref_seq.pdbx_db_align_end_ins_code    ? 
_struct_ref_seq.pdbx_auth_seq_align_beg       1 
_struct_ref_seq.pdbx_auth_seq_align_end       111 
# 
_pdbx_struct_assembly.id                   1 
_pdbx_struct_assembly.details              author_defined_assembly 
_pdbx_struct_assembly.method_details       ? 
_pdbx_struct_assembly.oligomeric_details   monomeric 
_pdbx_struct_assembly.oligomeric_count     1 
# 
_pdbx_struct_assembly_gen.assembly_id       1 
_pdbx_struct_assembly_gen.oper_expression   1 
_pdbx_struct_assembly_gen.asym_id_list      A,B 
# 
_pdbx_struct_oper_list.id                   1 
_pdbx_struct_oper_list.type                 'identity operation' 
_pdbx_struct_oper_list.name                 1_555 
_pdbx_struct_oper_list.symmetry_operation   x,y,z 
_pdbx_struct_oper_list.matrix[1][1]         1.0000000000 
_pdbx_struct_oper_list.matrix[1][2]         0.0000000000 
_pdbx_struct_oper_list.matrix[1][3]         0.0000000000 
_pdbx_struct_oper_list.vector[1]            0.0000000000 
_pdbx_struct_oper_list.matrix[2][1]         0.0000000000 
_pdbx_struct_oper_list.matrix[2][2]         1.0000000000 
_pdbx_struct_oper_list.matrix[2][3]         0.0000000000 
_pdbx_struct_oper_list.vector[2]            0.0000000000 
_pdbx_struct_oper_list.matrix[3][1]         0.0000000000 
_pdbx_struct_oper_list.matrix[3][2]         0.0000000000 
_pdbx_struct_oper_list.matrix[3][3]         1.0000000000 
_pdbx_struct_oper_list.vector[3]            0.0000000000 
# 
_struct_biol.id                    1 
_struct_biol.pdbx_parent_biol_id   ? 
_struct_biol.details               ? 
# 
_struct_conf.conf_type_id            HELX_P 
_struct_conf.id                      HELX_P1 
_struct_conf.pdbx_PDB_helix_id       1 
_struct_conf.beg_label_comp_id       ARG 
_struct_conf.beg_label_asym_id       A 
_struct_conf.beg_label_seq_id        74 
_struct_conf.pdbx_beg_PDB_ins_code   ? 
_struct_conf.end_label_comp_id       SER 
_struct_conf.end_label_asym_id       A 
_struct_conf.end_label_seq_id        78 
_struct_conf.pdbx_end_PDB_ins_code   ? 
_struct_conf.beg_auth_comp_id        ARG 
_struct_conf.beg_auth_asym_id        A 
_struct_conf.beg_auth_seq_id         74 
_struct_conf.end_auth_comp_id        SER 
_struct_conf.end_auth_asym_id        A 
_struct_conf.end_auth_seq_id         78 
_struct_conf.pdbx_PDB_helix_class    5 
_struct_conf.details                 ? 
_struct_conf.pdbx_PDB_helix_length   5 
# 
_struct_conf_type.id          HELX_P 
_struct_conf_type.criteria    ? 
_struct_conf_type.reference   ? 
# 
_struct_conn.id                            disulf1 
_struct_conn.conn_type_id                  disulf 
_struct_conn.pdbx_leaving_atom_flag        ? 
_struct_conn.pdbx_PDB_id                   ? 
_struct_conn.ptnr1_label_asym_id           A 
_struct_conn.ptnr1_label_comp_id           CYS 
_struct_conn.ptnr1_label_seq_id            22 
_struct_conn.ptnr1_label_atom_id           SG 
_struct_conn.pdbx_ptnr1_label_alt_id       ? 
_struct_conn.pdbx_ptnr1_PDB_ins_code       ? 
_struct_conn.pdbx_ptnr1_standard_comp_id   ? 
_struct_conn.ptnr1_symmetry                1_555 
_struct_conn.ptnr2_label_asym_id           A 
_struct_conn.ptnr2_label_comp_id           CYS 
_struct_conn.ptnr2_label_seq_id            83 
_struct_conn.ptnr2_label_atom_id           SG 
_struct_conn.pdbx_ptnr2_label_alt_id       ? 
_struct_conn.pdbx_ptnr2_PDB_ins_code       ? 
_struct_conn.ptnr1_auth_asym_id            A 
_struct_conn.ptnr1_auth_comp_id            CYS 
_struct_conn.ptnr1_auth_seq_id             22 
_struct_conn.ptnr2_auth_asym_id            A 
_struct_conn.ptnr2_auth_comp_id            CYS 
_struct_conn.ptnr2_auth_seq_id             83 
_struct_conn.ptnr2_symmetry                1_555 
_struct_conn.pdbx_ptnr3_label_atom_id      ? 
_struct_conn.pdbx_ptnr3_label_seq_id       ? 
_struct_conn.pdbx_ptnr3_label_comp_id      ? 
_struct_conn.pdbx_ptnr3_label_asym_id      ? 
_struct_conn.pdbx_ptnr3_label_alt_id       ? 
_struct_conn.pdbx_ptnr3_PDB_ins_code       ? 
_struct_conn.details                       ? 
_struct_conn.pdbx_dist_value               2.034 
_struct_conn.pdbx_value_order              ? 
_struct_conn.pdbx_role                     ? 
# 
_struct_conn_type.id          disulf 
_struct_conn_type.criteria    ? 
_struct_conn_type.reference   ? 
# 
_pdbx_modification_feature.ordinal                            1 
_pdbx_modification_feature.label_comp_id                      CYS 
_pdbx_modification_feature.label_asym_id                      A 
_pdbx_modification_feature.label_seq_id                       22 
_pdbx_modification_feature.label_alt_id                       ? 
_pdbx_modification_feature.modified_residue_label_comp_id     CYS 
_pdbx_modification_feature.modified_residue_label_asym_id     A 
_pdbx_modification_feature.modified_residue_label_seq_id      83 
_pdbx_modification_feature.modified_residue_label_alt_id      ? 
_pdbx_modification_feature.auth_comp_id                       CYS 
_pdbx_modification_feature.auth_asym_id                       A 
_pdbx_modification_feature.auth_seq_id                        22 
_pdbx_modification_feature.PDB_ins_code                       ? 
_pdbx_modification_feature.symmetry                           1_555 
_pdbx_modification_feature.modified_residue_auth_comp_id      CYS 
_pdbx_modification_feature.modified_residue_auth_asym_id      A 
_pdbx_modification_feature.modified_residue_auth_seq_id       83 
_pdbx_modification_feature.modified_residue_PDB_ins_code      ? 
_pdbx_modification_feature.modified_residue_symmetry          1_555 
_pdbx_modification_feature.comp_id_linking_atom               SG 
_pdbx_modification_feature.modified_residue_id_linking_atom   SG 
_pdbx_modification_feature.modified_residue_id                . 
_pdbx_modification_feature.ref_pcm_id                         . 
_pdbx_modification_feature.ref_comp_id                        . 
_pdbx_modification_feature.type                               None 
_pdbx_modification_feature.category                           'Disulfide bridge' 
# 
_struct_mon_prot_cis.pdbx_id                1 
_struct_mon_prot_cis.label_comp_id          THR 
_struct_mon_prot_cis.label_seq_id           6 
_struct_mon_prot_cis.label_asym_id          A 
_struct_mon_prot_cis.label_alt_id           . 
_struct_mon_prot_cis.pdbx_PDB_ins_code      ? 
_struct_mon_prot_cis.auth_comp_id           THR 
_struct_mon_prot_cis.auth_seq_id            6 
_struct_mon_prot_cis.auth_asym_id           A 
_struct_mon_prot_cis.pdbx_label_comp_id_2   PRO 
_struct_mon_prot_cis.pdbx_label_seq_id_2    7 
_struct_mon_prot_cis.pdbx_label_asym_id_2   A 
_struct_mon_prot_cis.pdbx_PDB_ins_code_2    ? 
_struct_mon_prot_cis.pdbx_auth_comp_id_2    PRO 
_struct_mon_prot_cis.pdbx_auth_seq_id_2     7 
_struct_mon_prot_cis.pdbx_auth_asym_id_2    A 
_struct_mon_prot_cis.pdbx_PDB_model_num     1 
_struct_mon_prot_cis.pdbx_omega_angle       -3.12 
# 
loop_
_struct_sheet.id 
_struct_sheet.type 
_struct_sheet.number_strands 
_struct_sheet.details 
A ? 4 ? 
B ? 5 ? 
C ? 4 ? 
# 
loop_
_struct_sheet_order.sheet_id 
_struct_sheet_order.range_id_1 
_struct_sheet_order.range_id_2 
_struct_sheet_order.offset 
_struct_sheet_order.sense 
A 1 2 ? anti-parallel 
A 2 3 ? anti-parallel 
A 3 4 ? anti-parallel 
B 1 2 ? parallel      
B 2 3 ? anti-parallel 
B 3 4 ? anti-parallel 
B 4 5 ? anti-parallel 
C 1 2 ? parallel      
C 2 3 ? anti-parallel 
C 3 4 ? anti-parallel 
# 
loop_
_struct_sheet_range.sheet_id 
_struct_sheet_range.id 
_struct_sheet_range.beg_label_comp_id 
_struct_sheet_range.beg_label_asym_id 
_struct_sheet_range.beg_label_seq_id 
_struct_sheet_range.pdbx_beg_PDB_ins_code 
_struct_sheet_range.end_label_comp_id 
_struct_sheet_range.end_label_asym_id 
_struct_sheet_range.end_label_seq_id 
_struct_sheet_range.pdbx_end_PDB_ins_code 
_struct_sheet_range.beg_auth_comp_id 
_struct_sheet_range.beg_auth_asym_id 
_struct_sheet_range.beg_auth_seq_id 
_struct_sheet_range.end_auth_comp_id 
_struct_sheet_range.end_auth_asym_id 
_struct_sheet_range.end_auth_seq_id 
A 1 TRP A 2   ? THR A 6   ? TRP A 2   THR A 6   
A 2 LEU A 18  ? ARG A 25  ? LEU A 18  ARG A 25  
A 3 SER A 65  ? ILE A 70  ? SER A 65  ILE A 70  
A 4 TYR A 55  ? ASN A 60  ? TYR A 55  ASN A 60  
B 1 THR A 9   ? ALA A 10  ? THR A 9   ALA A 10  
B 2 THR A 106 ? LEU A 108 ? THR A 106 LEU A 108 
B 3 GLY A 79  ? ALA A 85  ? GLY A 79  ALA A 85  
B 4 THR A 34  ? ARG A 38  ? THR A 34  ARG A 38  
B 5 GLN A 47  ? THR A 48  ? GLN A 47  THR A 48  
C 1 THR A 9   ? ALA A 10  ? THR A 9   ALA A 10  
C 2 THR A 106 ? LEU A 108 ? THR A 106 LEU A 108 
C 3 GLY A 79  ? ALA A 85  ? GLY A 79  ALA A 85  
C 4 GLU A 101 ? LYS A 102 ? GLU A 101 LYS A 102 
# 
loop_
_pdbx_struct_sheet_hbond.sheet_id 
_pdbx_struct_sheet_hbond.range_id_1 
_pdbx_struct_sheet_hbond.range_id_2 
_pdbx_struct_sheet_hbond.range_1_label_atom_id 
_pdbx_struct_sheet_hbond.range_1_label_comp_id 
_pdbx_struct_sheet_hbond.range_1_label_asym_id 
_pdbx_struct_sheet_hbond.range_1_label_seq_id 
_pdbx_struct_sheet_hbond.range_1_PDB_ins_code 
_pdbx_struct_sheet_hbond.range_1_auth_atom_id 
_pdbx_struct_sheet_hbond.range_1_auth_comp_id 
_pdbx_struct_sheet_hbond.range_1_auth_asym_id 
_pdbx_struct_sheet_hbond.range_1_auth_seq_id 
_pdbx_struct_sheet_hbond.range_2_label_atom_id 
_pdbx_struct_sheet_hbond.range_2_label_comp_id 
_pdbx_struct_sheet_hbond.range_2_label_asym_id 
_pdbx_struct_sheet_hbond.range_2_label_seq_id 
_pdbx_struct_sheet_hbond.range_2_PDB_ins_code 
_pdbx_struct_sheet_hbond.range_2_auth_atom_id 
_pdbx_struct_sheet_hbond.range_2_auth_comp_id 
_pdbx_struct_sheet_hbond.range_2_auth_asym_id 
_pdbx_struct_sheet_hbond.range_2_auth_seq_id 
A 1 2 N TRP A 2   ? N TRP A 2   O ARG A 25  ? O ARG A 25  
A 2 3 N LEU A 18  ? N LEU A 18  O ILE A 70  ? O ILE A 70  
A 3 4 O SER A 65  ? O SER A 65  N ASN A 60  ? N ASN A 60  
B 1 2 N ALA A 10  ? N ALA A 10  O VAL A 107 ? O VAL A 107 
B 2 3 O LEU A 108 ? O LEU A 108 N GLY A 79  ? N GLY A 79  
B 3 4 O LYS A 82  ? O LYS A 82  N TYR A 37  ? N TYR A 37  
B 4 5 N ARG A 38  ? N ARG A 38  O GLN A 47  ? O GLN A 47  
C 1 2 N ALA A 10  ? N ALA A 10  O VAL A 107 ? O VAL A 107 
C 2 3 O LEU A 108 ? O LEU A 108 N GLY A 79  ? N GLY A 79  
C 3 4 N ALA A 85  ? N ALA A 85  O GLU A 101 ? O GLU A 101 
# 
_pdbx_entry_details.entry_id                   1VER 
_pdbx_entry_details.compound_details           ? 
_pdbx_entry_details.source_details             ? 
_pdbx_entry_details.nonpolymer_details         ? 
_pdbx_entry_details.sequence_details           ? 
_pdbx_entry_details.has_ligand_of_interest     ? 
_pdbx_entry_details.has_protein_modification   Y 
# 
_pdbx_validate_close_contact.id               1 
_pdbx_validate_close_contact.PDB_model_num    1 
_pdbx_validate_close_contact.auth_atom_id_1   N 
_pdbx_validate_close_contact.auth_asym_id_1   A 
_pdbx_validate_close_contact.auth_comp_id_1   ALA 
_pdbx_validate_close_contact.auth_seq_id_1    1 
_pdbx_validate_close_contact.PDB_ins_code_1   ? 
_pdbx_validate_close_contact.label_alt_id_1   ? 
_pdbx_validate_close_contact.auth_atom_id_2   O 
_pdbx_validate_close_contact.auth_asym_id_2   A 
_pdbx_validate_close_contact.auth_comp_id_2   HOH 
_pdbx_validate_close_contact.auth_seq_id_2    165 
_pdbx_validate_close_contact.PDB_ins_code_2   ? 
_pdbx_validate_close_contact.label_alt_id_2   ? 
_pdbx_validate_close_contact.dist             1.94 
# 
_pdbx_validate_symm_contact.id                1 
_pdbx_validate_symm_contact.PDB_model_num     1 
_pdbx_validate_symm_contact.auth_atom_id_1    O 
_pdbx_validate_symm_contact.auth_asym_id_1    A 
_pdbx_validate_symm_contact.auth_comp_id_1    ALA 
_pdbx_validate_symm_contact.auth_seq_id_1     1 
_pdbx_validate_symm_contact.PDB_ins_code_1    ? 
_pdbx_validate_symm_contact.label_alt_id_1    ? 
_pdbx_validate_symm_contact.site_symmetry_1   1_555 
_pdbx_validate_symm_contact.auth_atom_id_2    O 
_pdbx_validate_symm_contact.auth_asym_id_2    A 
_pdbx_validate_symm_contact.auth_comp_id_2    ALA 
_pdbx_validate_symm_contact.auth_seq_id_2     1 
_pdbx_validate_symm_contact.PDB_ins_code_2    ? 
_pdbx_validate_symm_contact.label_alt_id_2    ? 
_pdbx_validate_symm_contact.site_symmetry_2   8_665 
_pdbx_validate_symm_contact.dist              2.07 
# 
loop_
_pdbx_validate_torsion.id 
_pdbx_validate_torsion.PDB_model_num 
_pdbx_validate_torsion.auth_comp_id 
_pdbx_validate_torsion.auth_asym_id 
_pdbx_validate_torsion.auth_seq_id 
_pdbx_validate_torsion.PDB_ins_code 
_pdbx_validate_torsion.label_alt_id 
_pdbx_validate_torsion.phi 
_pdbx_validate_torsion.psi 
1 1 GLU A 32 ? ? -123.63 -122.19 
2 1 LEU A 41 ? ? -40.91  107.32  
3 1 ASN A 45 ? ? -48.31  106.05  
4 1 LYS A 64 ? ? 49.52   26.23   
5 1 ASP A 72 ? ? 49.33   73.07   
# 
_pdbx_validate_peptide_omega.id               1 
_pdbx_validate_peptide_omega.PDB_model_num    1 
_pdbx_validate_peptide_omega.auth_comp_id_1   SER 
_pdbx_validate_peptide_omega.auth_asym_id_1   A 
_pdbx_validate_peptide_omega.auth_seq_id_1    100 
_pdbx_validate_peptide_omega.PDB_ins_code_1   ? 
_pdbx_validate_peptide_omega.label_alt_id_1   ? 
_pdbx_validate_peptide_omega.auth_comp_id_2   GLU 
_pdbx_validate_peptide_omega.auth_asym_id_2   A 
_pdbx_validate_peptide_omega.auth_seq_id_2    101 
_pdbx_validate_peptide_omega.PDB_ins_code_2   ? 
_pdbx_validate_peptide_omega.label_alt_id_2   ? 
_pdbx_validate_peptide_omega.omega            144.45 
# 
_pdbx_refine_tls.id               1 
_pdbx_refine_tls.details          ? 
_pdbx_refine_tls.method           refined 
_pdbx_refine_tls.origin_x         0.1884 
_pdbx_refine_tls.origin_y         0.1904 
_pdbx_refine_tls.origin_z         0.1563 
_pdbx_refine_tls.T[1][1]          0.0342 
_pdbx_refine_tls.T[2][2]          0.2756 
_pdbx_refine_tls.T[3][3]          0.2732 
_pdbx_refine_tls.T[1][2]          -0.0617 
_pdbx_refine_tls.T[1][3]          -0.0958 
_pdbx_refine_tls.T[2][3]          0.2028 
_pdbx_refine_tls.L[1][1]          7.0373 
_pdbx_refine_tls.L[2][2]          17.1606 
_pdbx_refine_tls.L[3][3]          4.2970 
_pdbx_refine_tls.L[1][2]          2.5125 
_pdbx_refine_tls.L[1][3]          -1.3393 
_pdbx_refine_tls.L[2][3]          0.9952 
_pdbx_refine_tls.S[1][1]          -0.4232 
_pdbx_refine_tls.S[1][2]          0.3990 
_pdbx_refine_tls.S[1][3]          1.1690 
_pdbx_refine_tls.S[2][1]          -0.1744 
_pdbx_refine_tls.S[2][2]          0.4947 
_pdbx_refine_tls.S[2][3]          0.5653 
_pdbx_refine_tls.S[3][1]          -0.3428 
_pdbx_refine_tls.S[3][2]          -0.1242 
_pdbx_refine_tls.S[3][3]          -0.0715 
_pdbx_refine_tls.pdbx_refine_id   'X-RAY DIFFRACTION' 
# 
_pdbx_refine_tls_group.id                  1 
_pdbx_refine_tls_group.refine_tls_id       1 
_pdbx_refine_tls_group.beg_label_asym_id   A 
_pdbx_refine_tls_group.beg_label_seq_id    1 
_pdbx_refine_tls_group.beg_auth_seq_id     1 
_pdbx_refine_tls_group.end_label_asym_id   A 
_pdbx_refine_tls_group.end_label_seq_id    111 
_pdbx_refine_tls_group.end_auth_seq_id     111 
_pdbx_refine_tls_group.selection           ? 
_pdbx_refine_tls_group.beg_auth_asym_id    A 
_pdbx_refine_tls_group.end_auth_asym_id    A 
_pdbx_refine_tls_group.pdbx_refine_id      'X-RAY DIFFRACTION' 
_pdbx_refine_tls_group.selection_details   ? 
# 
loop_
_pdbx_unobs_or_zero_occ_residues.id 
_pdbx_unobs_or_zero_occ_residues.PDB_model_num 
_pdbx_unobs_or_zero_occ_residues.polymer_flag 
_pdbx_unobs_or_zero_occ_residues.occupancy_flag 
_pdbx_unobs_or_zero_occ_residues.auth_asym_id 
_pdbx_unobs_or_zero_occ_residues.auth_comp_id 
_pdbx_unobs_or_zero_occ_residues.auth_seq_id 
_pdbx_unobs_or_zero_occ_residues.PDB_ins_code 
_pdbx_unobs_or_zero_occ_residues.label_asym_id 
_pdbx_unobs_or_zero_occ_residues.label_comp_id 
_pdbx_unobs_or_zero_occ_residues.label_seq_id 
1  1 Y 1 A PHE 88 ? A PHE 88 
2  1 Y 1 A TRP 89 ? A TRP 89 
3  1 Y 1 A LEU 90 ? A LEU 90 
4  1 Y 1 A PRO 91 ? A PRO 91 
5  1 Y 1 A TYR 92 ? A TYR 92 
6  1 Y 1 A GLY 93 ? A GLY 93 
7  1 Y 1 A TYR 94 ? A TYR 94 
8  1 Y 1 A GLY 95 ? A GLY 95 
9  1 Y 1 A SER 96 ? A SER 96 
10 1 Y 1 A LEU 97 ? A LEU 97 
11 1 Y 1 A PRO 98 ? A PRO 98 
# 
loop_
_chem_comp_atom.comp_id 
_chem_comp_atom.atom_id 
_chem_comp_atom.type_symbol 
_chem_comp_atom.pdbx_aromatic_flag 
_chem_comp_atom.pdbx_stereo_config 
_chem_comp_atom.pdbx_ordinal 
ALA N    N N N 1   
ALA CA   C N S 2   
ALA C    C N N 3   
ALA O    O N N 4   
ALA CB   C N N 5   
ALA OXT  O N N 6   
ALA H    H N N 7   
ALA H2   H N N 8   
ALA HA   H N N 9   
ALA HB1  H N N 10  
ALA HB2  H N N 11  
ALA HB3  H N N 12  
ALA HXT  H N N 13  
ARG N    N N N 14  
ARG CA   C N S 15  
ARG C    C N N 16  
ARG O    O N N 17  
ARG CB   C N N 18  
ARG CG   C N N 19  
ARG CD   C N N 20  
ARG NE   N N N 21  
ARG CZ   C N N 22  
ARG NH1  N N N 23  
ARG NH2  N N N 24  
ARG OXT  O N N 25  
ARG H    H N N 26  
ARG H2   H N N 27  
ARG HA   H N N 28  
ARG HB2  H N N 29  
ARG HB3  H N N 30  
ARG HG2  H N N 31  
ARG HG3  H N N 32  
ARG HD2  H N N 33  
ARG HD3  H N N 34  
ARG HE   H N N 35  
ARG HH11 H N N 36  
ARG HH12 H N N 37  
ARG HH21 H N N 38  
ARG HH22 H N N 39  
ARG HXT  H N N 40  
ASN N    N N N 41  
ASN CA   C N S 42  
ASN C    C N N 43  
ASN O    O N N 44  
ASN CB   C N N 45  
ASN CG   C N N 46  
ASN OD1  O N N 47  
ASN ND2  N N N 48  
ASN OXT  O N N 49  
ASN H    H N N 50  
ASN H2   H N N 51  
ASN HA   H N N 52  
ASN HB2  H N N 53  
ASN HB3  H N N 54  
ASN HD21 H N N 55  
ASN HD22 H N N 56  
ASN HXT  H N N 57  
ASP N    N N N 58  
ASP CA   C N S 59  
ASP C    C N N 60  
ASP O    O N N 61  
ASP CB   C N N 62  
ASP CG   C N N 63  
ASP OD1  O N N 64  
ASP OD2  O N N 65  
ASP OXT  O N N 66  
ASP H    H N N 67  
ASP H2   H N N 68  
ASP HA   H N N 69  
ASP HB2  H N N 70  
ASP HB3  H N N 71  
ASP HD2  H N N 72  
ASP HXT  H N N 73  
CYS N    N N N 74  
CYS CA   C N R 75  
CYS C    C N N 76  
CYS O    O N N 77  
CYS CB   C N N 78  
CYS SG   S N N 79  
CYS OXT  O N N 80  
CYS H    H N N 81  
CYS H2   H N N 82  
CYS HA   H N N 83  
CYS HB2  H N N 84  
CYS HB3  H N N 85  
CYS HG   H N N 86  
CYS HXT  H N N 87  
GLN N    N N N 88  
GLN CA   C N S 89  
GLN C    C N N 90  
GLN O    O N N 91  
GLN CB   C N N 92  
GLN CG   C N N 93  
GLN CD   C N N 94  
GLN OE1  O N N 95  
GLN NE2  N N N 96  
GLN OXT  O N N 97  
GLN H    H N N 98  
GLN H2   H N N 99  
GLN HA   H N N 100 
GLN HB2  H N N 101 
GLN HB3  H N N 102 
GLN HG2  H N N 103 
GLN HG3  H N N 104 
GLN HE21 H N N 105 
GLN HE22 H N N 106 
GLN HXT  H N N 107 
GLU N    N N N 108 
GLU CA   C N S 109 
GLU C    C N N 110 
GLU O    O N N 111 
GLU CB   C N N 112 
GLU CG   C N N 113 
GLU CD   C N N 114 
GLU OE1  O N N 115 
GLU OE2  O N N 116 
GLU OXT  O N N 117 
GLU H    H N N 118 
GLU H2   H N N 119 
GLU HA   H N N 120 
GLU HB2  H N N 121 
GLU HB3  H N N 122 
GLU HG2  H N N 123 
GLU HG3  H N N 124 
GLU HE2  H N N 125 
GLU HXT  H N N 126 
GLY N    N N N 127 
GLY CA   C N N 128 
GLY C    C N N 129 
GLY O    O N N 130 
GLY OXT  O N N 131 
GLY H    H N N 132 
GLY H2   H N N 133 
GLY HA2  H N N 134 
GLY HA3  H N N 135 
GLY HXT  H N N 136 
HOH O    O N N 137 
HOH H1   H N N 138 
HOH H2   H N N 139 
ILE N    N N N 140 
ILE CA   C N S 141 
ILE C    C N N 142 
ILE O    O N N 143 
ILE CB   C N S 144 
ILE CG1  C N N 145 
ILE CG2  C N N 146 
ILE CD1  C N N 147 
ILE OXT  O N N 148 
ILE H    H N N 149 
ILE H2   H N N 150 
ILE HA   H N N 151 
ILE HB   H N N 152 
ILE HG12 H N N 153 
ILE HG13 H N N 154 
ILE HG21 H N N 155 
ILE HG22 H N N 156 
ILE HG23 H N N 157 
ILE HD11 H N N 158 
ILE HD12 H N N 159 
ILE HD13 H N N 160 
ILE HXT  H N N 161 
LEU N    N N N 162 
LEU CA   C N S 163 
LEU C    C N N 164 
LEU O    O N N 165 
LEU CB   C N N 166 
LEU CG   C N N 167 
LEU CD1  C N N 168 
LEU CD2  C N N 169 
LEU OXT  O N N 170 
LEU H    H N N 171 
LEU H2   H N N 172 
LEU HA   H N N 173 
LEU HB2  H N N 174 
LEU HB3  H N N 175 
LEU HG   H N N 176 
LEU HD11 H N N 177 
LEU HD12 H N N 178 
LEU HD13 H N N 179 
LEU HD21 H N N 180 
LEU HD22 H N N 181 
LEU HD23 H N N 182 
LEU HXT  H N N 183 
LYS N    N N N 184 
LYS CA   C N S 185 
LYS C    C N N 186 
LYS O    O N N 187 
LYS CB   C N N 188 
LYS CG   C N N 189 
LYS CD   C N N 190 
LYS CE   C N N 191 
LYS NZ   N N N 192 
LYS OXT  O N N 193 
LYS H    H N N 194 
LYS H2   H N N 195 
LYS HA   H N N 196 
LYS HB2  H N N 197 
LYS HB3  H N N 198 
LYS HG2  H N N 199 
LYS HG3  H N N 200 
LYS HD2  H N N 201 
LYS HD3  H N N 202 
LYS HE2  H N N 203 
LYS HE3  H N N 204 
LYS HZ1  H N N 205 
LYS HZ2  H N N 206 
LYS HZ3  H N N 207 
LYS HXT  H N N 208 
PHE N    N N N 209 
PHE CA   C N S 210 
PHE C    C N N 211 
PHE O    O N N 212 
PHE CB   C N N 213 
PHE CG   C Y N 214 
PHE CD1  C Y N 215 
PHE CD2  C Y N 216 
PHE CE1  C Y N 217 
PHE CE2  C Y N 218 
PHE CZ   C Y N 219 
PHE OXT  O N N 220 
PHE H    H N N 221 
PHE H2   H N N 222 
PHE HA   H N N 223 
PHE HB2  H N N 224 
PHE HB3  H N N 225 
PHE HD1  H N N 226 
PHE HD2  H N N 227 
PHE HE1  H N N 228 
PHE HE2  H N N 229 
PHE HZ   H N N 230 
PHE HXT  H N N 231 
PRO N    N N N 232 
PRO CA   C N S 233 
PRO C    C N N 234 
PRO O    O N N 235 
PRO CB   C N N 236 
PRO CG   C N N 237 
PRO CD   C N N 238 
PRO OXT  O N N 239 
PRO H    H N N 240 
PRO HA   H N N 241 
PRO HB2  H N N 242 
PRO HB3  H N N 243 
PRO HG2  H N N 244 
PRO HG3  H N N 245 
PRO HD2  H N N 246 
PRO HD3  H N N 247 
PRO HXT  H N N 248 
SER N    N N N 249 
SER CA   C N S 250 
SER C    C N N 251 
SER O    O N N 252 
SER CB   C N N 253 
SER OG   O N N 254 
SER OXT  O N N 255 
SER H    H N N 256 
SER H2   H N N 257 
SER HA   H N N 258 
SER HB2  H N N 259 
SER HB3  H N N 260 
SER HG   H N N 261 
SER HXT  H N N 262 
THR N    N N N 263 
THR CA   C N S 264 
THR C    C N N 265 
THR O    O N N 266 
THR CB   C N R 267 
THR OG1  O N N 268 
THR CG2  C N N 269 
THR OXT  O N N 270 
THR H    H N N 271 
THR H2   H N N 272 
THR HA   H N N 273 
THR HB   H N N 274 
THR HG1  H N N 275 
THR HG21 H N N 276 
THR HG22 H N N 277 
THR HG23 H N N 278 
THR HXT  H N N 279 
TRP N    N N N 280 
TRP CA   C N S 281 
TRP C    C N N 282 
TRP O    O N N 283 
TRP CB   C N N 284 
TRP CG   C Y N 285 
TRP CD1  C Y N 286 
TRP CD2  C Y N 287 
TRP NE1  N Y N 288 
TRP CE2  C Y N 289 
TRP CE3  C Y N 290 
TRP CZ2  C Y N 291 
TRP CZ3  C Y N 292 
TRP CH2  C Y N 293 
TRP OXT  O N N 294 
TRP H    H N N 295 
TRP H2   H N N 296 
TRP HA   H N N 297 
TRP HB2  H N N 298 
TRP HB3  H N N 299 
TRP HD1  H N N 300 
TRP HE1  H N N 301 
TRP HE3  H N N 302 
TRP HZ2  H N N 303 
TRP HZ3  H N N 304 
TRP HH2  H N N 305 
TRP HXT  H N N 306 
TYR N    N N N 307 
TYR CA   C N S 308 
TYR C    C N N 309 
TYR O    O N N 310 
TYR CB   C N N 311 
TYR CG   C Y N 312 
TYR CD1  C Y N 313 
TYR CD2  C Y N 314 
TYR CE1  C Y N 315 
TYR CE2  C Y N 316 
TYR CZ   C Y N 317 
TYR OH   O N N 318 
TYR OXT  O N N 319 
TYR H    H N N 320 
TYR H2   H N N 321 
TYR HA   H N N 322 
TYR HB2  H N N 323 
TYR HB3  H N N 324 
TYR HD1  H N N 325 
TYR HD2  H N N 326 
TYR HE1  H N N 327 
TYR HE2  H N N 328 
TYR HH   H N N 329 
TYR HXT  H N N 330 
VAL N    N N N 331 
VAL CA   C N S 332 
VAL C    C N N 333 
VAL O    O N N 334 
VAL CB   C N N 335 
VAL CG1  C N N 336 
VAL CG2  C N N 337 
VAL OXT  O N N 338 
VAL H    H N N 339 
VAL H2   H N N 340 
VAL HA   H N N 341 
VAL HB   H N N 342 
VAL HG11 H N N 343 
VAL HG12 H N N 344 
VAL HG13 H N N 345 
VAL HG21 H N N 346 
VAL HG22 H N N 347 
VAL HG23 H N N 348 
VAL HXT  H N N 349 
# 
loop_
_chem_comp_bond.comp_id 
_chem_comp_bond.atom_id_1 
_chem_comp_bond.atom_id_2 
_chem_comp_bond.value_order 
_chem_comp_bond.pdbx_aromatic_flag 
_chem_comp_bond.pdbx_stereo_config 
_chem_comp_bond.pdbx_ordinal 
ALA N   CA   sing N N 1   
ALA N   H    sing N N 2   
ALA N   H2   sing N N 3   
ALA CA  C    sing N N 4   
ALA CA  CB   sing N N 5   
ALA CA  HA   sing N N 6   
ALA C   O    doub N N 7   
ALA C   OXT  sing N N 8   
ALA CB  HB1  sing N N 9   
ALA CB  HB2  sing N N 10  
ALA CB  HB3  sing N N 11  
ALA OXT HXT  sing N N 12  
ARG N   CA   sing N N 13  
ARG N   H    sing N N 14  
ARG N   H2   sing N N 15  
ARG CA  C    sing N N 16  
ARG CA  CB   sing N N 17  
ARG CA  HA   sing N N 18  
ARG C   O    doub N N 19  
ARG C   OXT  sing N N 20  
ARG CB  CG   sing N N 21  
ARG CB  HB2  sing N N 22  
ARG CB  HB3  sing N N 23  
ARG CG  CD   sing N N 24  
ARG CG  HG2  sing N N 25  
ARG CG  HG3  sing N N 26  
ARG CD  NE   sing N N 27  
ARG CD  HD2  sing N N 28  
ARG CD  HD3  sing N N 29  
ARG NE  CZ   sing N N 30  
ARG NE  HE   sing N N 31  
ARG CZ  NH1  sing N N 32  
ARG CZ  NH2  doub N N 33  
ARG NH1 HH11 sing N N 34  
ARG NH1 HH12 sing N N 35  
ARG NH2 HH21 sing N N 36  
ARG NH2 HH22 sing N N 37  
ARG OXT HXT  sing N N 38  
ASN N   CA   sing N N 39  
ASN N   H    sing N N 40  
ASN N   H2   sing N N 41  
ASN CA  C    sing N N 42  
ASN CA  CB   sing N N 43  
ASN CA  HA   sing N N 44  
ASN C   O    doub N N 45  
ASN C   OXT  sing N N 46  
ASN CB  CG   sing N N 47  
ASN CB  HB2  sing N N 48  
ASN CB  HB3  sing N N 49  
ASN CG  OD1  doub N N 50  
ASN CG  ND2  sing N N 51  
ASN ND2 HD21 sing N N 52  
ASN ND2 HD22 sing N N 53  
ASN OXT HXT  sing N N 54  
ASP N   CA   sing N N 55  
ASP N   H    sing N N 56  
ASP N   H2   sing N N 57  
ASP CA  C    sing N N 58  
ASP CA  CB   sing N N 59  
ASP CA  HA   sing N N 60  
ASP C   O    doub N N 61  
ASP C   OXT  sing N N 62  
ASP CB  CG   sing N N 63  
ASP CB  HB2  sing N N 64  
ASP CB  HB3  sing N N 65  
ASP CG  OD1  doub N N 66  
ASP CG  OD2  sing N N 67  
ASP OD2 HD2  sing N N 68  
ASP OXT HXT  sing N N 69  
CYS N   CA   sing N N 70  
CYS N   H    sing N N 71  
CYS N   H2   sing N N 72  
CYS CA  C    sing N N 73  
CYS CA  CB   sing N N 74  
CYS CA  HA   sing N N 75  
CYS C   O    doub N N 76  
CYS C   OXT  sing N N 77  
CYS CB  SG   sing N N 78  
CYS CB  HB2  sing N N 79  
CYS CB  HB3  sing N N 80  
CYS SG  HG   sing N N 81  
CYS OXT HXT  sing N N 82  
GLN N   CA   sing N N 83  
GLN N   H    sing N N 84  
GLN N   H2   sing N N 85  
GLN CA  C    sing N N 86  
GLN CA  CB   sing N N 87  
GLN CA  HA   sing N N 88  
GLN C   O    doub N N 89  
GLN C   OXT  sing N N 90  
GLN CB  CG   sing N N 91  
GLN CB  HB2  sing N N 92  
GLN CB  HB3  sing N N 93  
GLN CG  CD   sing N N 94  
GLN CG  HG2  sing N N 95  
GLN CG  HG3  sing N N 96  
GLN CD  OE1  doub N N 97  
GLN CD  NE2  sing N N 98  
GLN NE2 HE21 sing N N 99  
GLN NE2 HE22 sing N N 100 
GLN OXT HXT  sing N N 101 
GLU N   CA   sing N N 102 
GLU N   H    sing N N 103 
GLU N   H2   sing N N 104 
GLU CA  C    sing N N 105 
GLU CA  CB   sing N N 106 
GLU CA  HA   sing N N 107 
GLU C   O    doub N N 108 
GLU C   OXT  sing N N 109 
GLU CB  CG   sing N N 110 
GLU CB  HB2  sing N N 111 
GLU CB  HB3  sing N N 112 
GLU CG  CD   sing N N 113 
GLU CG  HG2  sing N N 114 
GLU CG  HG3  sing N N 115 
GLU CD  OE1  doub N N 116 
GLU CD  OE2  sing N N 117 
GLU OE2 HE2  sing N N 118 
GLU OXT HXT  sing N N 119 
GLY N   CA   sing N N 120 
GLY N   H    sing N N 121 
GLY N   H2   sing N N 122 
GLY CA  C    sing N N 123 
GLY CA  HA2  sing N N 124 
GLY CA  HA3  sing N N 125 
GLY C   O    doub N N 126 
GLY C   OXT  sing N N 127 
GLY OXT HXT  sing N N 128 
HOH O   H1   sing N N 129 
HOH O   H2   sing N N 130 
ILE N   CA   sing N N 131 
ILE N   H    sing N N 132 
ILE N   H2   sing N N 133 
ILE CA  C    sing N N 134 
ILE CA  CB   sing N N 135 
ILE CA  HA   sing N N 136 
ILE C   O    doub N N 137 
ILE C   OXT  sing N N 138 
ILE CB  CG1  sing N N 139 
ILE CB  CG2  sing N N 140 
ILE CB  HB   sing N N 141 
ILE CG1 CD1  sing N N 142 
ILE CG1 HG12 sing N N 143 
ILE CG1 HG13 sing N N 144 
ILE CG2 HG21 sing N N 145 
ILE CG2 HG22 sing N N 146 
ILE CG2 HG23 sing N N 147 
ILE CD1 HD11 sing N N 148 
ILE CD1 HD12 sing N N 149 
ILE CD1 HD13 sing N N 150 
ILE OXT HXT  sing N N 151 
LEU N   CA   sing N N 152 
LEU N   H    sing N N 153 
LEU N   H2   sing N N 154 
LEU CA  C    sing N N 155 
LEU CA  CB   sing N N 156 
LEU CA  HA   sing N N 157 
LEU C   O    doub N N 158 
LEU C   OXT  sing N N 159 
LEU CB  CG   sing N N 160 
LEU CB  HB2  sing N N 161 
LEU CB  HB3  sing N N 162 
LEU CG  CD1  sing N N 163 
LEU CG  CD2  sing N N 164 
LEU CG  HG   sing N N 165 
LEU CD1 HD11 sing N N 166 
LEU CD1 HD12 sing N N 167 
LEU CD1 HD13 sing N N 168 
LEU CD2 HD21 sing N N 169 
LEU CD2 HD22 sing N N 170 
LEU CD2 HD23 sing N N 171 
LEU OXT HXT  sing N N 172 
LYS N   CA   sing N N 173 
LYS N   H    sing N N 174 
LYS N   H2   sing N N 175 
LYS CA  C    sing N N 176 
LYS CA  CB   sing N N 177 
LYS CA  HA   sing N N 178 
LYS C   O    doub N N 179 
LYS C   OXT  sing N N 180 
LYS CB  CG   sing N N 181 
LYS CB  HB2  sing N N 182 
LYS CB  HB3  sing N N 183 
LYS CG  CD   sing N N 184 
LYS CG  HG2  sing N N 185 
LYS CG  HG3  sing N N 186 
LYS CD  CE   sing N N 187 
LYS CD  HD2  sing N N 188 
LYS CD  HD3  sing N N 189 
LYS CE  NZ   sing N N 190 
LYS CE  HE2  sing N N 191 
LYS CE  HE3  sing N N 192 
LYS NZ  HZ1  sing N N 193 
LYS NZ  HZ2  sing N N 194 
LYS NZ  HZ3  sing N N 195 
LYS OXT HXT  sing N N 196 
PHE N   CA   sing N N 197 
PHE N   H    sing N N 198 
PHE N   H2   sing N N 199 
PHE CA  C    sing N N 200 
PHE CA  CB   sing N N 201 
PHE CA  HA   sing N N 202 
PHE C   O    doub N N 203 
PHE C   OXT  sing N N 204 
PHE CB  CG   sing N N 205 
PHE CB  HB2  sing N N 206 
PHE CB  HB3  sing N N 207 
PHE CG  CD1  doub Y N 208 
PHE CG  CD2  sing Y N 209 
PHE CD1 CE1  sing Y N 210 
PHE CD1 HD1  sing N N 211 
PHE CD2 CE2  doub Y N 212 
PHE CD2 HD2  sing N N 213 
PHE CE1 CZ   doub Y N 214 
PHE CE1 HE1  sing N N 215 
PHE CE2 CZ   sing Y N 216 
PHE CE2 HE2  sing N N 217 
PHE CZ  HZ   sing N N 218 
PHE OXT HXT  sing N N 219 
PRO N   CA   sing N N 220 
PRO N   CD   sing N N 221 
PRO N   H    sing N N 222 
PRO CA  C    sing N N 223 
PRO CA  CB   sing N N 224 
PRO CA  HA   sing N N 225 
PRO C   O    doub N N 226 
PRO C   OXT  sing N N 227 
PRO CB  CG   sing N N 228 
PRO CB  HB2  sing N N 229 
PRO CB  HB3  sing N N 230 
PRO CG  CD   sing N N 231 
PRO CG  HG2  sing N N 232 
PRO CG  HG3  sing N N 233 
PRO CD  HD2  sing N N 234 
PRO CD  HD3  sing N N 235 
PRO OXT HXT  sing N N 236 
SER N   CA   sing N N 237 
SER N   H    sing N N 238 
SER N   H2   sing N N 239 
SER CA  C    sing N N 240 
SER CA  CB   sing N N 241 
SER CA  HA   sing N N 242 
SER C   O    doub N N 243 
SER C   OXT  sing N N 244 
SER CB  OG   sing N N 245 
SER CB  HB2  sing N N 246 
SER CB  HB3  sing N N 247 
SER OG  HG   sing N N 248 
SER OXT HXT  sing N N 249 
THR N   CA   sing N N 250 
THR N   H    sing N N 251 
THR N   H2   sing N N 252 
THR CA  C    sing N N 253 
THR CA  CB   sing N N 254 
THR CA  HA   sing N N 255 
THR C   O    doub N N 256 
THR C   OXT  sing N N 257 
THR CB  OG1  sing N N 258 
THR CB  CG2  sing N N 259 
THR CB  HB   sing N N 260 
THR OG1 HG1  sing N N 261 
THR CG2 HG21 sing N N 262 
THR CG2 HG22 sing N N 263 
THR CG2 HG23 sing N N 264 
THR OXT HXT  sing N N 265 
TRP N   CA   sing N N 266 
TRP N   H    sing N N 267 
TRP N   H2   sing N N 268 
TRP CA  C    sing N N 269 
TRP CA  CB   sing N N 270 
TRP CA  HA   sing N N 271 
TRP C   O    doub N N 272 
TRP C   OXT  sing N N 273 
TRP CB  CG   sing N N 274 
TRP CB  HB2  sing N N 275 
TRP CB  HB3  sing N N 276 
TRP CG  CD1  doub Y N 277 
TRP CG  CD2  sing Y N 278 
TRP CD1 NE1  sing Y N 279 
TRP CD1 HD1  sing N N 280 
TRP CD2 CE2  doub Y N 281 
TRP CD2 CE3  sing Y N 282 
TRP NE1 CE2  sing Y N 283 
TRP NE1 HE1  sing N N 284 
TRP CE2 CZ2  sing Y N 285 
TRP CE3 CZ3  doub Y N 286 
TRP CE3 HE3  sing N N 287 
TRP CZ2 CH2  doub Y N 288 
TRP CZ2 HZ2  sing N N 289 
TRP CZ3 CH2  sing Y N 290 
TRP CZ3 HZ3  sing N N 291 
TRP CH2 HH2  sing N N 292 
TRP OXT HXT  sing N N 293 
TYR N   CA   sing N N 294 
TYR N   H    sing N N 295 
TYR N   H2   sing N N 296 
TYR CA  C    sing N N 297 
TYR CA  CB   sing N N 298 
TYR CA  HA   sing N N 299 
TYR C   O    doub N N 300 
TYR C   OXT  sing N N 301 
TYR CB  CG   sing N N 302 
TYR CB  HB2  sing N N 303 
TYR CB  HB3  sing N N 304 
TYR CG  CD1  doub Y N 305 
TYR CG  CD2  sing Y N 306 
TYR CD1 CE1  sing Y N 307 
TYR CD1 HD1  sing N N 308 
TYR CD2 CE2  doub Y N 309 
TYR CD2 HD2  sing N N 310 
TYR CE1 CZ   doub Y N 311 
TYR CE1 HE1  sing N N 312 
TYR CE2 CZ   sing Y N 313 
TYR CE2 HE2  sing N N 314 
TYR CZ  OH   sing N N 315 
TYR OH  HH   sing N N 316 
TYR OXT HXT  sing N N 317 
VAL N   CA   sing N N 318 
VAL N   H    sing N N 319 
VAL N   H2   sing N N 320 
VAL CA  C    sing N N 321 
VAL CA  CB   sing N N 322 
VAL CA  HA   sing N N 323 
VAL C   O    doub N N 324 
VAL C   OXT  sing N N 325 
VAL CB  CG1  sing N N 326 
VAL CB  CG2  sing N N 327 
VAL CB  HB   sing N N 328 
VAL CG1 HG11 sing N N 329 
VAL CG1 HG12 sing N N 330 
VAL CG1 HG13 sing N N 331 
VAL CG2 HG21 sing N N 332 
VAL CG2 HG22 sing N N 333 
VAL CG2 HG23 sing N N 334 
VAL OXT HXT  sing N N 335 
# 
_atom_sites.entry_id                    1VER 
_atom_sites.fract_transf_matrix[1][1]   -0.00538593 
_atom_sites.fract_transf_matrix[1][2]   0.00103317 
_atom_sites.fract_transf_matrix[1][3]   -0.00869735 
_atom_sites.fract_transf_matrix[2][1]   -0.00867744 
_atom_sites.fract_transf_matrix[2][2]   0.00075643 
_atom_sites.fract_transf_matrix[2][3]   0.00546346 
_atom_sites.fract_transf_matrix[3][1]   0.00177262 
_atom_sites.fract_transf_matrix[3][2]   0.01521165 
_atom_sites.fract_transf_matrix[3][3]   0.00070930 
_atom_sites.fract_transf_vector[1]      0.471150 
_atom_sites.fract_transf_vector[2]      0.375015 
_atom_sites.fract_transf_vector[3]      0.214895 
# 
loop_
_atom_type.symbol 
C 
N 
O 
S 
# 
loop_
_atom_site.group_PDB 
_atom_site.id 
_atom_site.type_symbol 
_atom_site.label_atom_id 
_atom_site.label_alt_id 
_atom_site.label_comp_id 
_atom_site.label_asym_id 
_atom_site.label_entity_id 
_atom_site.label_seq_id 
_atom_site.pdbx_PDB_ins_code 
_atom_site.Cartn_x 
_atom_site.Cartn_y 
_atom_site.Cartn_z 
_atom_site.occupancy 
_atom_site.B_iso_or_equiv 
_atom_site.pdbx_formal_charge 
_atom_site.auth_seq_id 
_atom_site.auth_comp_id 
_atom_site.auth_asym_id 
_atom_site.auth_atom_id 
_atom_site.pdbx_PDB_model_num 
ATOM   1   N N   . ALA A 1 1   ? -10.602 -13.949 -6.547  1.00 39.81 ? 1   ALA A N   1 
ATOM   2   C CA  . ALA A 1 1   ? -9.318  -13.764 -5.821  1.00 39.92 ? 1   ALA A CA  1 
ATOM   3   C C   . ALA A 1 1   ? -9.458  -12.661 -4.754  1.00 40.10 ? 1   ALA A C   1 
ATOM   4   O O   . ALA A 1 1   ? -10.542 -12.115 -4.532  1.00 39.99 ? 1   ALA A O   1 
ATOM   5   C CB  . ALA A 1 1   ? -8.214  -13.421 -6.823  1.00 39.81 ? 1   ALA A CB  1 
ATOM   6   N N   . TRP A 1 2   ? -8.367  -12.321 -4.086  1.00 40.03 ? 2   TRP A N   1 
ATOM   7   C CA  . TRP A 1 2   ? -8.388  -11.142 -3.241  1.00 40.13 ? 2   TRP A CA  1 
ATOM   8   C C   . TRP A 1 2   ? -7.009  -10.762 -2.831  1.00 40.02 ? 2   TRP A C   1 
ATOM   9   O O   . TRP A 1 2   ? -6.090  -11.577 -2.911  1.00 39.96 ? 2   TRP A O   1 
ATOM   10  C CB  . TRP A 1 2   ? -9.246  -11.366 -1.999  1.00 40.30 ? 2   TRP A CB  1 
ATOM   11  C CG  . TRP A 1 2   ? -8.860  -12.557 -1.148  1.00 41.25 ? 2   TRP A CG  1 
ATOM   12  C CD1 . TRP A 1 2   ? -8.936  -13.876 -1.488  1.00 41.78 ? 2   TRP A CD1 1 
ATOM   13  C CD2 . TRP A 1 2   ? -8.399  -12.524 0.209   1.00 41.72 ? 2   TRP A CD2 1 
ATOM   14  N NE1 . TRP A 1 2   ? -8.543  -14.657 -0.429  1.00 41.43 ? 2   TRP A NE1 1 
ATOM   15  C CE2 . TRP A 1 2   ? -8.209  -13.845 0.621   1.00 41.13 ? 2   TRP A CE2 1 
ATOM   16  C CE3 . TRP A 1 2   ? -8.133  -11.495 1.125   1.00 43.91 ? 2   TRP A CE3 1 
ATOM   17  C CZ2 . TRP A 1 2   ? -7.758  -14.169 1.886   1.00 42.60 ? 2   TRP A CZ2 1 
ATOM   18  C CZ3 . TRP A 1 2   ? -7.688  -11.825 2.394   1.00 43.85 ? 2   TRP A CZ3 1 
ATOM   19  C CH2 . TRP A 1 2   ? -7.501  -13.147 2.755   1.00 43.32 ? 2   TRP A CH2 1 
ATOM   20  N N   . VAL A 1 3   ? -6.869  -9.511  -2.393  1.00 39.97 ? 3   VAL A N   1 
ATOM   21  C CA  . VAL A 1 3   ? -5.594  -8.997  -1.889  1.00 39.89 ? 3   VAL A CA  1 
ATOM   22  C C   . VAL A 1 3   ? -5.725  -8.806  -0.378  1.00 40.16 ? 3   VAL A C   1 
ATOM   23  O O   . VAL A 1 3   ? -6.756  -8.378  0.137   1.00 40.00 ? 3   VAL A O   1 
ATOM   24  C CB  . VAL A 1 3   ? -5.111  -7.706  -2.639  1.00 39.49 ? 3   VAL A CB  1 
ATOM   25  C CG1 . VAL A 1 3   ? -3.926  -7.086  -1.965  1.00 39.82 ? 3   VAL A CG1 1 
ATOM   26  C CG2 . VAL A 1 3   ? -4.717  -8.036  -4.063  1.00 38.65 ? 3   VAL A CG2 1 
ATOM   27  N N   . ASP A 1 4   ? -4.649  -9.168  0.309   1.00 40.79 ? 4   ASP A N   1 
ATOM   28  C CA  . ASP A 1 4   ? -4.613  -9.296  1.758   1.00 40.59 ? 4   ASP A CA  1 
ATOM   29  C C   . ASP A 1 4   ? -3.645  -8.225  2.224   1.00 40.13 ? 4   ASP A C   1 
ATOM   30  O O   . ASP A 1 4   ? -2.438  -8.368  2.157   1.00 38.36 ? 4   ASP A O   1 
ATOM   31  C CB  . ASP A 1 4   ? -4.173  -10.728 2.152   1.00 40.76 ? 4   ASP A CB  1 
ATOM   32  C CG  . ASP A 1 4   ? -4.547  -11.104 3.588   1.00 40.56 ? 4   ASP A CG  1 
ATOM   33  O OD1 . ASP A 1 4   ? -4.378  -12.302 3.944   1.00 37.98 ? 4   ASP A OD1 1 
ATOM   34  O OD2 . ASP A 1 4   ? -4.994  -10.275 4.424   1.00 39.55 ? 4   ASP A OD2 1 
ATOM   35  N N   . GLN A 1 5   ? -4.225  -7.115  2.646   1.00 40.81 ? 5   GLN A N   1 
ATOM   36  C CA  . GLN A 1 5   ? -3.467  -5.959  3.061   1.00 41.30 ? 5   GLN A CA  1 
ATOM   37  C C   . GLN A 1 5   ? -3.465  -5.846  4.569   1.00 41.46 ? 5   GLN A C   1 
ATOM   38  O O   . GLN A 1 5   ? -4.467  -6.088  5.235   1.00 41.23 ? 5   GLN A O   1 
ATOM   39  C CB  . GLN A 1 5   ? -4.050  -4.696  2.450   1.00 41.37 ? 5   GLN A CB  1 
ATOM   40  C CG  . GLN A 1 5   ? -3.150  -3.503  2.641   1.00 42.10 ? 5   GLN A CG  1 
ATOM   41  C CD  . GLN A 1 5   ? -3.657  -2.300  1.946   1.00 42.51 ? 5   GLN A CD  1 
ATOM   42  O OE1 . GLN A 1 5   ? -4.340  -2.411  0.928   1.00 44.78 ? 5   GLN A OE1 1 
ATOM   43  N NE2 . GLN A 1 5   ? -3.342  -1.131  2.492   1.00 41.68 ? 5   GLN A NE2 1 
ATOM   44  N N   . THR A 1 6   ? -2.331  -5.383  5.070   1.00 42.08 ? 6   THR A N   1 
ATOM   45  C CA  . THR A 1 6   ? -1.943  -5.543  6.460   1.00 42.22 ? 6   THR A CA  1 
ATOM   46  C C   . THR A 1 6   ? -0.898  -4.439  6.814   1.00 42.57 ? 6   THR A C   1 
ATOM   47  O O   . THR A 1 6   ? 0.046   -4.237  6.066   1.00 43.00 ? 6   THR A O   1 
ATOM   48  C CB  . THR A 1 6   ? -1.379  -6.977  6.566   1.00 41.88 ? 6   THR A CB  1 
ATOM   49  O OG1 . THR A 1 6   ? -2.224  -7.772  7.402   1.00 41.95 ? 6   THR A OG1 1 
ATOM   50  C CG2 . THR A 1 6   ? -0.043  -7.021  7.229   1.00 42.09 ? 6   THR A CG2 1 
ATOM   51  N N   . PRO A 1 7   ? -1.066  -3.668  7.884   1.00 42.73 ? 7   PRO A N   1 
ATOM   52  C CA  . PRO A 1 7   ? -2.221  -3.705  8.780   1.00 42.90 ? 7   PRO A CA  1 
ATOM   53  C C   . PRO A 1 7   ? -3.414  -2.903  8.263   1.00 42.96 ? 7   PRO A C   1 
ATOM   54  O O   . PRO A 1 7   ? -3.308  -2.141  7.316   1.00 42.51 ? 7   PRO A O   1 
ATOM   55  C CB  . PRO A 1 7   ? -1.668  -3.057  10.060  1.00 42.96 ? 7   PRO A CB  1 
ATOM   56  C CG  . PRO A 1 7   ? -0.661  -2.056  9.568   1.00 42.75 ? 7   PRO A CG  1 
ATOM   57  C CD  . PRO A 1 7   ? -0.091  -2.638  8.287   1.00 42.62 ? 7   PRO A CD  1 
ATOM   58  N N   . ARG A 1 8   ? -4.544  -3.066  8.929   1.00 43.73 ? 8   ARG A N   1 
ATOM   59  C CA  . ARG A 1 8   ? -5.757  -2.361  8.565   1.00 44.66 ? 8   ARG A CA  1 
ATOM   60  C C   . ARG A 1 8   ? -5.760  -0.954  9.173   1.00 44.54 ? 8   ARG A C   1 
ATOM   61  O O   . ARG A 1 8   ? -6.567  -0.101  8.806   1.00 44.09 ? 8   ARG A O   1 
ATOM   62  C CB  . ARG A 1 8   ? -6.984  -3.180  9.008   1.00 45.24 ? 8   ARG A CB  1 
ATOM   63  C CG  . ARG A 1 8   ? -7.910  -3.656  7.846   1.00 47.41 ? 8   ARG A CG  1 
ATOM   64  C CD  . ARG A 1 8   ? -7.530  -5.000  7.218   1.00 49.70 ? 8   ARG A CD  1 
ATOM   65  N NE  . ARG A 1 8   ? -8.585  -6.006  7.381   1.00 52.43 ? 8   ARG A NE  1 
ATOM   66  C CZ  . ARG A 1 8   ? -8.424  -7.327  7.176   1.00 54.91 ? 8   ARG A CZ  1 
ATOM   67  N NH1 . ARG A 1 8   ? -7.245  -7.840  6.795   1.00 54.18 ? 8   ARG A NH1 1 
ATOM   68  N NH2 . ARG A 1 8   ? -9.461  -8.152  7.354   1.00 55.49 ? 8   ARG A NH2 1 
ATOM   69  N N   . THR A 1 9   ? -4.842  -0.736  10.107  1.00 45.02 ? 9   THR A N   1 
ATOM   70  C CA  . THR A 1 9   ? -4.677  0.540   10.801  1.00 45.42 ? 9   THR A CA  1 
ATOM   71  C C   . THR A 1 9   ? -3.239  0.666   11.299  1.00 45.80 ? 9   THR A C   1 
ATOM   72  O O   . THR A 1 9   ? -2.727  -0.244  11.961  1.00 46.14 ? 9   THR A O   1 
ATOM   73  C CB  . THR A 1 9   ? -5.609  0.634   12.031  1.00 45.22 ? 9   THR A CB  1 
ATOM   74  O OG1 . THR A 1 9   ? -5.673  -0.642  12.685  1.00 45.04 ? 9   THR A OG1 1 
ATOM   75  C CG2 . THR A 1 9   ? -7.050  0.945   11.626  1.00 45.18 ? 9   THR A CG2 1 
ATOM   76  N N   . ALA A 1 10  ? -2.600  1.795   11.004  1.00 45.93 ? 10  ALA A N   1 
ATOM   77  C CA  . ALA A 1 10  ? -1.303  2.101   11.592  1.00 45.99 ? 10  ALA A CA  1 
ATOM   78  C C   . ALA A 1 10  ? -1.252  3.570   11.971  1.00 46.02 ? 10  ALA A C   1 
ATOM   79  O O   . ALA A 1 10  ? -1.165  4.424   11.091  1.00 46.26 ? 10  ALA A O   1 
ATOM   80  C CB  . ALA A 1 10  ? -0.165  1.745   10.622  1.00 45.95 ? 10  ALA A CB  1 
ATOM   81  N N   . THR A 1 11  ? -1.334  3.855   13.276  1.00 45.89 ? 11  THR A N   1 
ATOM   82  C CA  . THR A 1 11  ? -1.040  5.192   13.806  1.00 45.55 ? 11  THR A CA  1 
ATOM   83  C C   . THR A 1 11  ? 0.436   5.286   14.222  1.00 45.47 ? 11  THR A C   1 
ATOM   84  O O   . THR A 1 11  ? 0.804   5.154   15.391  1.00 45.09 ? 11  THR A O   1 
ATOM   85  C CB  . THR A 1 11  ? -2.023  5.621   14.945  1.00 45.51 ? 11  THR A CB  1 
ATOM   86  O OG1 . THR A 1 11  ? -1.692  6.940   15.406  1.00 44.83 ? 11  THR A OG1 1 
ATOM   87  C CG2 . THR A 1 11  ? -1.906  4.748   16.193  1.00 45.59 ? 11  THR A CG2 1 
ATOM   88  N N   . LYS A 1 12  ? 1.272   5.487   13.207  1.00 45.62 ? 12  LYS A N   1 
ATOM   89  C CA  . LYS A 1 12  ? 2.692   5.758   13.371  1.00 45.76 ? 12  LYS A CA  1 
ATOM   90  C C   . LYS A 1 12  ? 2.862   7.220   13.772  1.00 45.70 ? 12  LYS A C   1 
ATOM   91  O O   . LYS A 1 12  ? 1.871   7.950   13.899  1.00 45.63 ? 12  LYS A O   1 
ATOM   92  C CB  . LYS A 1 12  ? 3.425   5.488   12.052  1.00 45.92 ? 12  LYS A CB  1 
ATOM   93  C CG  . LYS A 1 12  ? 3.546   4.013   11.686  1.00 46.82 ? 12  LYS A CG  1 
ATOM   94  C CD  . LYS A 1 12  ? 4.682   3.343   12.481  1.00 47.89 ? 12  LYS A CD  1 
ATOM   95  C CE  . LYS A 1 12  ? 4.720   1.818   12.274  1.00 48.84 ? 12  LYS A CE  1 
ATOM   96  N NZ  . LYS A 1 12  ? 5.187   1.087   13.499  1.00 48.93 ? 12  LYS A NZ  1 
ATOM   97  N N   . GLU A 1 13  ? 4.105   7.652   13.984  1.00 45.55 ? 13  GLU A N   1 
ATOM   98  C CA  . GLU A 1 13  ? 4.374   9.071   14.226  1.00 45.41 ? 13  GLU A CA  1 
ATOM   99  C C   . GLU A 1 13  ? 5.483   9.612   13.329  1.00 45.16 ? 13  GLU A C   1 
ATOM   100 O O   . GLU A 1 13  ? 6.118   8.849   12.602  1.00 45.05 ? 13  GLU A O   1 
ATOM   101 C CB  . GLU A 1 13  ? 4.628   9.361   15.715  1.00 45.43 ? 13  GLU A CB  1 
ATOM   102 C CG  . GLU A 1 13  ? 5.540   8.389   16.436  1.00 45.72 ? 13  GLU A CG  1 
ATOM   103 C CD  . GLU A 1 13  ? 5.700   8.733   17.911  1.00 46.47 ? 13  GLU A CD  1 
ATOM   104 O OE1 . GLU A 1 13  ? 5.042   9.691   18.390  1.00 46.24 ? 13  GLU A OE1 1 
ATOM   105 O OE2 . GLU A 1 13  ? 6.491   8.045   18.597  1.00 46.90 ? 13  GLU A OE2 1 
ATOM   106 N N   . THR A 1 14  ? 5.672   10.934  13.366  1.00 44.90 ? 14  THR A N   1 
ATOM   107 C CA  . THR A 1 14  ? 6.514   11.657  12.412  1.00 44.71 ? 14  THR A CA  1 
ATOM   108 C C   . THR A 1 14  ? 7.971   11.275  12.597  1.00 44.50 ? 14  THR A C   1 
ATOM   109 O O   . THR A 1 14  ? 8.458   11.192  13.721  1.00 44.21 ? 14  THR A O   1 
ATOM   110 C CB  . THR A 1 14  ? 6.302   13.212  12.545  1.00 44.82 ? 14  THR A CB  1 
ATOM   111 O OG1 . THR A 1 14  ? 5.202   13.630  11.721  1.00 44.93 ? 14  THR A OG1 1 
ATOM   112 C CG2 . THR A 1 14  ? 7.487   14.033  11.996  1.00 44.75 ? 14  THR A CG2 1 
ATOM   113 N N   . GLY A 1 15  ? 8.647   11.034  11.477  1.00 44.50 ? 15  GLY A N   1 
ATOM   114 C CA  . GLY A 1 15  ? 10.022  10.573  11.473  1.00 44.65 ? 15  GLY A CA  1 
ATOM   115 C C   . GLY A 1 15  ? 10.110  9.073   11.282  1.00 44.80 ? 15  GLY A C   1 
ATOM   116 O O   . GLY A 1 15  ? 11.084  8.591   10.699  1.00 44.91 ? 15  GLY A O   1 
ATOM   117 N N   . GLU A 1 16  ? 9.096   8.348   11.774  1.00 44.95 ? 16  GLU A N   1 
ATOM   118 C CA  . GLU A 1 16  ? 9.034   6.878   11.710  1.00 44.98 ? 16  GLU A CA  1 
ATOM   119 C C   . GLU A 1 16  ? 8.735   6.432   10.293  1.00 44.72 ? 16  GLU A C   1 
ATOM   120 O O   . GLU A 1 16  ? 8.544   7.264   9.421   1.00 44.90 ? 16  GLU A O   1 
ATOM   121 C CB  . GLU A 1 16  ? 7.951   6.317   12.648  1.00 45.01 ? 16  GLU A CB  1 
ATOM   122 C CG  . GLU A 1 16  ? 8.086   6.728   14.108  1.00 45.66 ? 16  GLU A CG  1 
ATOM   123 C CD  . GLU A 1 16  ? 7.266   5.860   15.055  1.00 46.88 ? 16  GLU A CD  1 
ATOM   124 O OE1 . GLU A 1 16  ? 7.507   5.906   16.281  1.00 47.16 ? 16  GLU A OE1 1 
ATOM   125 O OE2 . GLU A 1 16  ? 6.371   5.130   14.580  1.00 48.78 ? 16  GLU A OE2 1 
ATOM   126 N N   . SER A 1 17  ? 8.707   5.123   10.060  1.00 44.36 ? 17  SER A N   1 
ATOM   127 C CA  . SER A 1 17  ? 8.309   4.598   8.757   1.00 44.22 ? 17  SER A CA  1 
ATOM   128 C C   . SER A 1 17  ? 7.130   3.624   8.869   1.00 43.95 ? 17  SER A C   1 
ATOM   129 O O   . SER A 1 17  ? 6.732   3.246   9.961   1.00 43.90 ? 17  SER A O   1 
ATOM   130 C CB  . SER A 1 17  ? 9.508   3.959   8.051   1.00 44.27 ? 17  SER A CB  1 
ATOM   131 O OG  . SER A 1 17  ? 9.893   2.755   8.673   1.00 44.57 ? 17  SER A OG  1 
ATOM   132 N N   . LEU A 1 18  ? 6.563   3.253   7.730   1.00 43.92 ? 18  LEU A N   1 
ATOM   133 C CA  . LEU A 1 18  ? 5.435   2.320   7.666   1.00 44.02 ? 18  LEU A CA  1 
ATOM   134 C C   . LEU A 1 18  ? 5.711   1.253   6.605   1.00 43.55 ? 18  LEU A C   1 
ATOM   135 O O   . LEU A 1 18  ? 6.108   1.583   5.502   1.00 43.25 ? 18  LEU A O   1 
ATOM   136 C CB  . LEU A 1 18  ? 4.163   3.093   7.296   1.00 44.33 ? 18  LEU A CB  1 
ATOM   137 C CG  . LEU A 1 18  ? 2.737   2.574   7.569   1.00 45.16 ? 18  LEU A CG  1 
ATOM   138 C CD1 . LEU A 1 18  ? 1.772   3.012   6.459   1.00 45.46 ? 18  LEU A CD1 1 
ATOM   139 C CD2 . LEU A 1 18  ? 2.666   1.077   7.731   1.00 46.71 ? 18  LEU A CD2 1 
ATOM   140 N N   . THR A 1 19  ? 5.514   -0.014  6.934   1.00 43.45 ? 19  THR A N   1 
ATOM   141 C CA  . THR A 1 19  ? 5.522   -1.065  5.926   1.00 43.78 ? 19  THR A CA  1 
ATOM   142 C C   . THR A 1 19  ? 4.138   -1.680  5.857   1.00 44.14 ? 19  THR A C   1 
ATOM   143 O O   . THR A 1 19  ? 3.700   -2.331  6.800   1.00 43.91 ? 19  THR A O   1 
ATOM   144 C CB  . THR A 1 19  ? 6.560   -2.163  6.249   1.00 44.21 ? 19  THR A CB  1 
ATOM   145 O OG1 . THR A 1 19  ? 7.913   -1.636  6.210   1.00 43.80 ? 19  THR A OG1 1 
ATOM   146 C CG2 . THR A 1 19  ? 6.517   -3.285  5.176   1.00 43.99 ? 19  THR A CG2 1 
ATOM   147 N N   . ILE A 1 20  ? 3.438   -1.418  4.758   1.00 44.85 ? 20  ILE A N   1 
ATOM   148 C CA  . ILE A 1 20  ? 2.188   -2.091  4.425   1.00 45.39 ? 20  ILE A CA  1 
ATOM   149 C C   . ILE A 1 20  ? 2.535   -3.348  3.607   1.00 45.61 ? 20  ILE A C   1 
ATOM   150 O O   . ILE A 1 20  ? 3.411   -3.311  2.737   1.00 45.68 ? 20  ILE A O   1 
ATOM   151 C CB  . ILE A 1 20  ? 1.260   -1.157  3.588   1.00 45.75 ? 20  ILE A CB  1 
ATOM   152 C CG1 . ILE A 1 20  ? 0.974   0.157   4.312   1.00 45.74 ? 20  ILE A CG1 1 
ATOM   153 C CG2 . ILE A 1 20  ? -0.074  -1.833  3.246   1.00 46.03 ? 20  ILE A CG2 1 
ATOM   154 C CD1 . ILE A 1 20  ? 0.735   1.280   3.346   1.00 45.77 ? 20  ILE A CD1 1 
ATOM   155 N N   . ASN A 1 21  ? 1.827   -4.445  3.877   1.00 45.69 ? 21  ASN A N   1 
ATOM   156 C CA  . ASN A 1 21  ? 2.082   -5.721  3.230   1.00 45.87 ? 21  ASN A CA  1 
ATOM   157 C C   . ASN A 1 21  ? 0.842   -6.276  2.583   1.00 45.77 ? 21  ASN A C   1 
ATOM   158 O O   . ASN A 1 21  ? -0.173  -6.496  3.244   1.00 45.99 ? 21  ASN A O   1 
ATOM   159 C CB  . ASN A 1 21  ? 2.626   -6.737  4.224   1.00 45.95 ? 21  ASN A CB  1 
ATOM   160 C CG  . ASN A 1 21  ? 4.082   -6.509  4.532   1.00 46.88 ? 21  ASN A CG  1 
ATOM   161 O OD1 . ASN A 1 21  ? 4.483   -6.455  5.696   1.00 45.42 ? 21  ASN A OD1 1 
ATOM   162 N ND2 . ASN A 1 21  ? 4.890   -6.349  3.482   1.00 49.22 ? 21  ASN A ND2 1 
ATOM   163 N N   . CYS A 1 22  ? 0.955   -6.504  1.277   1.00 45.61 ? 22  CYS A N   1 
ATOM   164 C CA  . CYS A 1 22  ? -0.085  -7.143  0.479   1.00 45.36 ? 22  CYS A CA  1 
ATOM   165 C C   . CYS A 1 22  ? 0.303   -8.542  -0.003  1.00 44.39 ? 22  CYS A C   1 
ATOM   166 O O   . CYS A 1 22  ? 1.474   -8.801  -0.272  1.00 44.02 ? 22  CYS A O   1 
ATOM   167 C CB  . CYS A 1 22  ? -0.436  -6.250  -0.703  1.00 45.38 ? 22  CYS A CB  1 
ATOM   168 S SG  . CYS A 1 22  ? -1.284  -4.762  -0.163  1.00 47.07 ? 22  CYS A SG  1 
ATOM   169 N N   . VAL A 1 23  ? -0.684  -9.444  -0.079  1.00 43.69 ? 23  VAL A N   1 
ATOM   170 C CA  . VAL A 1 23  ? -0.485  -10.739 -0.724  1.00 42.87 ? 23  VAL A CA  1 
ATOM   171 C C   . VAL A 1 23  ? -1.709  -11.134 -1.573  1.00 42.09 ? 23  VAL A C   1 
ATOM   172 O O   . VAL A 1 23  ? -2.843  -10.978 -1.142  1.00 41.16 ? 23  VAL A O   1 
ATOM   173 C CB  . VAL A 1 23  ? -0.039  -11.829 0.288   1.00 42.69 ? 23  VAL A CB  1 
ATOM   174 C CG1 . VAL A 1 23  ? -1.031  -11.982 1.365   1.00 42.87 ? 23  VAL A CG1 1 
ATOM   175 C CG2 . VAL A 1 23  ? 0.216   -13.183 -0.413  1.00 43.10 ? 23  VAL A CG2 1 
ATOM   176 N N   . LEU A 1 24  ? -1.442  -11.582 -2.807  1.00 41.64 ? 24  LEU A N   1 
ATOM   177 C CA  . LEU A 1 24  ? -2.462  -12.049 -3.730  1.00 41.41 ? 24  LEU A CA  1 
ATOM   178 C C   . LEU A 1 24  ? -2.874  -13.454 -3.349  1.00 41.77 ? 24  LEU A C   1 
ATOM   179 O O   . LEU A 1 24  ? -2.096  -14.415 -3.485  1.00 41.43 ? 24  LEU A O   1 
ATOM   180 C CB  . LEU A 1 24  ? -1.976  -12.029 -5.182  1.00 41.29 ? 24  LEU A CB  1 
ATOM   181 C CG  . LEU A 1 24  ? -3.058  -12.295 -6.242  1.00 41.13 ? 24  LEU A CG  1 
ATOM   182 C CD1 . LEU A 1 24  ? -4.027  -11.110 -6.399  1.00 41.67 ? 24  LEU A CD1 1 
ATOM   183 C CD2 . LEU A 1 24  ? -2.454  -12.652 -7.579  1.00 40.60 ? 24  LEU A CD2 1 
ATOM   184 N N   . ARG A 1 25  ? -4.130  -13.565 -2.916  1.00 41.98 ? 25  ARG A N   1 
ATOM   185 C CA  . ARG A 1 25  ? -4.642  -14.775 -2.313  1.00 42.00 ? 25  ARG A CA  1 
ATOM   186 C C   . ARG A 1 25  ? -5.573  -15.587 -3.208  1.00 42.03 ? 25  ARG A C   1 
ATOM   187 O O   . ARG A 1 25  ? -6.292  -15.044 -4.026  1.00 41.90 ? 25  ARG A O   1 
ATOM   188 C CB  . ARG A 1 25  ? -5.334  -14.403 -1.020  1.00 42.03 ? 25  ARG A CB  1 
ATOM   189 C CG  . ARG A 1 25  ? -4.346  -14.102 0.070   1.00 42.99 ? 25  ARG A CG  1 
ATOM   190 C CD  . ARG A 1 25  ? -3.872  -15.325 0.816   1.00 44.97 ? 25  ARG A CD  1 
ATOM   191 N NE  . ARG A 1 25  ? -4.104  -15.117 2.239   1.00 47.71 ? 25  ARG A NE  1 
ATOM   192 C CZ  . ARG A 1 25  ? -4.723  -15.956 3.067   1.00 47.44 ? 25  ARG A CZ  1 
ATOM   193 N NH1 . ARG A 1 25  ? -4.876  -15.611 4.328   1.00 46.78 ? 25  ARG A NH1 1 
ATOM   194 N NH2 . ARG A 1 25  ? -5.182  -17.130 2.663   1.00 48.53 ? 25  ARG A NH2 1 
ATOM   195 N N   . ASP A 1 26  ? -5.540  -16.904 -3.029  1.00 42.42 ? 26  ASP A N   1 
ATOM   196 C CA  . ASP A 1 26  ? -6.478  -17.812 -3.666  1.00 42.66 ? 26  ASP A CA  1 
ATOM   197 C C   . ASP A 1 26  ? -6.710  -17.469 -5.141  1.00 43.02 ? 26  ASP A C   1 
ATOM   198 O O   . ASP A 1 26  ? -7.846  -17.506 -5.600  1.00 43.38 ? 26  ASP A O   1 
ATOM   199 C CB  . ASP A 1 26  ? -7.801  -17.811 -2.878  1.00 42.63 ? 26  ASP A CB  1 
ATOM   200 C CG  . ASP A 1 26  ? -7.677  -18.511 -1.517  1.00 42.95 ? 26  ASP A CG  1 
ATOM   201 O OD1 . ASP A 1 26  ? -7.647  -17.819 -0.480  1.00 41.75 ? 26  ASP A OD1 1 
ATOM   202 O OD2 . ASP A 1 26  ? -7.598  -19.754 -1.380  1.00 43.93 ? 26  ASP A OD2 1 
ATOM   203 N N   . ALA A 1 27  ? -5.637  -17.145 -5.871  1.00 43.15 ? 27  ALA A N   1 
ATOM   204 C CA  . ALA A 1 27  ? -5.721  -16.738 -7.283  1.00 43.42 ? 27  ALA A CA  1 
ATOM   205 C C   . ALA A 1 27  ? -4.937  -17.692 -8.167  1.00 43.84 ? 27  ALA A C   1 
ATOM   206 O O   . ALA A 1 27  ? -3.766  -17.931 -7.908  1.00 44.30 ? 27  ALA A O   1 
ATOM   207 C CB  . ALA A 1 27  ? -5.191  -15.310 -7.467  1.00 43.12 ? 27  ALA A CB  1 
ATOM   208 N N   . SER A 1 28  ? -5.567  -18.207 -9.218  1.00 44.23 ? 28  SER A N   1 
ATOM   209 C CA  . SER A 1 28  ? -4.926  -19.158 -10.145 1.00 45.06 ? 28  SER A CA  1 
ATOM   210 C C   . SER A 1 28  ? -3.756  -18.589 -11.010 1.00 45.41 ? 28  SER A C   1 
ATOM   211 O O   . SER A 1 28  ? -2.872  -19.329 -11.466 1.00 45.34 ? 28  SER A O   1 
ATOM   212 C CB  . SER A 1 28  ? -5.994  -19.757 -11.077 1.00 45.26 ? 28  SER A CB  1 
ATOM   213 O OG  . SER A 1 28  ? -6.765  -18.731 -11.699 1.00 45.67 ? 28  SER A OG  1 
ATOM   214 N N   . TYR A 1 29  ? -3.776  -17.282 -11.237 1.00 45.63 ? 29  TYR A N   1 
ATOM   215 C CA  . TYR A 1 29  ? -2.744  -16.596 -12.000 1.00 46.00 ? 29  TYR A CA  1 
ATOM   216 C C   . TYR A 1 29  ? -1.672  -16.075 -11.036 1.00 46.01 ? 29  TYR A C   1 
ATOM   217 O O   . TYR A 1 29  ? -1.918  -15.965 -9.854  1.00 45.94 ? 29  TYR A O   1 
ATOM   218 C CB  . TYR A 1 29  ? -3.368  -15.439 -12.801 1.00 46.23 ? 29  TYR A CB  1 
ATOM   219 C CG  . TYR A 1 29  ? -4.364  -14.621 -12.008 1.00 46.49 ? 29  TYR A CG  1 
ATOM   220 C CD1 . TYR A 1 29  ? -5.704  -14.987 -11.954 1.00 46.98 ? 29  TYR A CD1 1 
ATOM   221 C CD2 . TYR A 1 29  ? -3.959  -13.503 -11.285 1.00 48.01 ? 29  TYR A CD2 1 
ATOM   222 C CE1 . TYR A 1 29  ? -6.618  -14.259 -11.215 1.00 47.91 ? 29  TYR A CE1 1 
ATOM   223 C CE2 . TYR A 1 29  ? -4.865  -12.760 -10.532 1.00 49.09 ? 29  TYR A CE2 1 
ATOM   224 C CZ  . TYR A 1 29  ? -6.199  -13.146 -10.505 1.00 49.16 ? 29  TYR A CZ  1 
ATOM   225 O OH  . TYR A 1 29  ? -7.115  -12.427 -9.763  1.00 49.69 ? 29  TYR A OH  1 
ATOM   226 N N   . GLY A 1 30  ? -0.489  -15.751 -11.542 1.00 46.34 ? 30  GLY A N   1 
ATOM   227 C CA  . GLY A 1 30  ? 0.584   -15.226 -10.710 1.00 46.80 ? 30  GLY A CA  1 
ATOM   228 C C   . GLY A 1 30  ? 0.478   -13.723 -10.486 1.00 47.05 ? 30  GLY A C   1 
ATOM   229 O O   . GLY A 1 30  ? -0.570  -13.137 -10.747 1.00 47.34 ? 30  GLY A O   1 
ATOM   230 N N   . LEU A 1 31  ? 1.558   -13.094 -10.021 1.00 47.02 ? 31  LEU A N   1 
ATOM   231 C CA  . LEU A 1 31  ? 1.562   -11.658 -9.741  1.00 47.04 ? 31  LEU A CA  1 
ATOM   232 C C   . LEU A 1 31  ? 2.150   -10.927 -10.932 1.00 47.34 ? 31  LEU A C   1 
ATOM   233 O O   . LEU A 1 31  ? 3.226   -11.278 -11.417 1.00 47.29 ? 31  LEU A O   1 
ATOM   234 C CB  . LEU A 1 31  ? 2.419   -11.338 -8.516  1.00 46.88 ? 31  LEU A CB  1 
ATOM   235 C CG  . LEU A 1 31  ? 1.895   -10.328 -7.491  1.00 46.91 ? 31  LEU A CG  1 
ATOM   236 C CD1 . LEU A 1 31  ? 3.059   -9.680  -6.752  1.00 47.38 ? 31  LEU A CD1 1 
ATOM   237 C CD2 . LEU A 1 31  ? 1.023   -9.274  -8.118  1.00 47.01 ? 31  LEU A CD2 1 
ATOM   238 N N   . GLU A 1 32  ? 1.459   -9.903  -11.407 1.00 47.44 ? 32  GLU A N   1 
ATOM   239 C CA  . GLU A 1 32  ? 1.997   -9.137  -12.499 1.00 47.70 ? 32  GLU A CA  1 
ATOM   240 C C   . GLU A 1 32  ? 2.084   -7.667  -12.084 1.00 47.35 ? 32  GLU A C   1 
ATOM   241 O O   . GLU A 1 32  ? 2.758   -7.395  -11.098 1.00 47.96 ? 32  GLU A O   1 
ATOM   242 C CB  . GLU A 1 32  ? 1.244   -9.462  -13.787 1.00 48.20 ? 32  GLU A CB  1 
ATOM   243 C CG  . GLU A 1 32  ? 2.166   -9.903  -14.944 1.00 50.58 ? 32  GLU A CG  1 
ATOM   244 C CD  . GLU A 1 32  ? 3.125   -11.062 -14.611 1.00 52.14 ? 32  GLU A CD  1 
ATOM   245 O OE1 . GLU A 1 32  ? 2.713   -12.003 -13.883 1.00 52.31 ? 32  GLU A OE1 1 
ATOM   246 O OE2 . GLU A 1 32  ? 4.292   -11.030 -15.101 1.00 52.34 ? 32  GLU A OE2 1 
ATOM   247 N N   . SER A 1 33  ? 1.467   -6.708  -12.765 1.00 46.79 ? 33  SER A N   1 
ATOM   248 C CA  . SER A 1 33  ? 1.645   -5.310  -12.349 1.00 46.45 ? 33  SER A CA  1 
ATOM   249 C C   . SER A 1 33  ? 1.238   -5.104  -10.878 1.00 46.08 ? 33  SER A C   1 
ATOM   250 O O   . SER A 1 33  ? 0.511   -5.907  -10.298 1.00 46.14 ? 33  SER A O   1 
ATOM   251 C CB  . SER A 1 33  ? 0.885   -4.351  -13.276 1.00 46.57 ? 33  SER A CB  1 
ATOM   252 O OG  . SER A 1 33  ? 0.718   -3.061  -12.707 1.00 46.71 ? 33  SER A OG  1 
ATOM   253 N N   . THR A 1 34  ? 1.751   -4.046  -10.272 1.00 45.62 ? 34  THR A N   1 
ATOM   254 C CA  . THR A 1 34  ? 1.404   -3.689  -8.898  1.00 45.56 ? 34  THR A CA  1 
ATOM   255 C C   . THR A 1 34  ? 1.209   -2.197  -8.815  1.00 44.81 ? 34  THR A C   1 
ATOM   256 O O   . THR A 1 34  ? 1.663   -1.480  -9.684  1.00 45.14 ? 34  THR A O   1 
ATOM   257 C CB  . THR A 1 34  ? 2.525   -4.089  -7.935  1.00 45.92 ? 34  THR A CB  1 
ATOM   258 O OG1 . THR A 1 34  ? 3.792   -3.715  -8.507  1.00 47.83 ? 34  THR A OG1 1 
ATOM   259 C CG2 . THR A 1 34  ? 2.598   -5.618  -7.757  1.00 45.65 ? 34  THR A CG2 1 
ATOM   260 N N   . GLY A 1 35  ? 0.573   -1.722  -7.755  1.00 44.17 ? 35  GLY A N   1 
ATOM   261 C CA  . GLY A 1 35  ? 0.191   -0.324  -7.688  1.00 43.84 ? 35  GLY A CA  1 
ATOM   262 C C   . GLY A 1 35  ? -0.278  0.138   -6.328  1.00 43.55 ? 35  GLY A C   1 
ATOM   263 O O   . GLY A 1 35  ? -0.975  -0.583  -5.638  1.00 43.37 ? 35  GLY A O   1 
ATOM   264 N N   . TRP A 1 36  ? 0.089   1.357   -5.956  1.00 43.43 ? 36  TRP A N   1 
ATOM   265 C CA  . TRP A 1 36  ? -0.303  1.911   -4.671  1.00 43.65 ? 36  TRP A CA  1 
ATOM   266 C C   . TRP A 1 36  ? -1.054  3.217   -4.859  1.00 43.76 ? 36  TRP A C   1 
ATOM   267 O O   . TRP A 1 36  ? -0.806  3.912   -5.821  1.00 44.10 ? 36  TRP A O   1 
ATOM   268 C CB  . TRP A 1 36  ? 0.934   2.081   -3.775  1.00 43.66 ? 36  TRP A CB  1 
ATOM   269 C CG  . TRP A 1 36  ? 1.624   0.755   -3.532  1.00 43.52 ? 36  TRP A CG  1 
ATOM   270 C CD1 . TRP A 1 36  ? 2.489   0.101   -4.373  1.00 43.11 ? 36  TRP A CD1 1 
ATOM   271 C CD2 . TRP A 1 36  ? 1.471   -0.088  -2.391  1.00 43.23 ? 36  TRP A CD2 1 
ATOM   272 N NE1 . TRP A 1 36  ? 2.884   -1.092  -3.814  1.00 42.76 ? 36  TRP A NE1 1 
ATOM   273 C CE2 . TRP A 1 36  ? 2.275   -1.236  -2.602  1.00 42.13 ? 36  TRP A CE2 1 
ATOM   274 C CE3 . TRP A 1 36  ? 0.732   0.006   -1.212  1.00 42.31 ? 36  TRP A CE3 1 
ATOM   275 C CZ2 . TRP A 1 36  ? 2.366   -2.260  -1.690  1.00 42.17 ? 36  TRP A CZ2 1 
ATOM   276 C CZ3 . TRP A 1 36  ? 0.826   -1.005  -0.303  1.00 42.77 ? 36  TRP A CZ3 1 
ATOM   277 C CH2 . TRP A 1 36  ? 1.636   -2.138  -0.546  1.00 43.22 ? 36  TRP A CH2 1 
ATOM   278 N N   . TYR A 1 37  ? -1.977  3.521   -3.942  1.00 44.26 ? 37  TYR A N   1 
ATOM   279 C CA  . TYR A 1 37  ? -2.833  4.710   -3.990  1.00 44.69 ? 37  TYR A CA  1 
ATOM   280 C C   . TYR A 1 37  ? -3.043  5.289   -2.597  1.00 45.68 ? 37  TYR A C   1 
ATOM   281 O O   . TYR A 1 37  ? -3.524  4.637   -1.702  1.00 45.58 ? 37  TYR A O   1 
ATOM   282 C CB  . TYR A 1 37  ? -4.174  4.373   -4.621  1.00 44.51 ? 37  TYR A CB  1 
ATOM   283 C CG  . TYR A 1 37  ? -3.979  3.609   -5.896  1.00 44.82 ? 37  TYR A CG  1 
ATOM   284 C CD1 . TYR A 1 37  ? -3.919  4.260   -7.119  1.00 45.09 ? 37  TYR A CD1 1 
ATOM   285 C CD2 . TYR A 1 37  ? -3.777  2.238   -5.872  1.00 45.84 ? 37  TYR A CD2 1 
ATOM   286 C CE1 . TYR A 1 37  ? -3.690  3.560   -8.276  1.00 45.33 ? 37  TYR A CE1 1 
ATOM   287 C CE2 . TYR A 1 37  ? -3.553  1.532   -7.020  1.00 45.95 ? 37  TYR A CE2 1 
ATOM   288 C CZ  . TYR A 1 37  ? -3.508  2.196   -8.211  1.00 45.91 ? 37  TYR A CZ  1 
ATOM   289 O OH  . TYR A 1 37  ? -3.274  1.477   -9.343  1.00 49.07 ? 37  TYR A OH  1 
ATOM   290 N N   . ARG A 1 38  ? -2.616  6.527   -2.425  1.00 47.31 ? 38  ARG A N   1 
ATOM   291 C CA  . ARG A 1 38  ? -2.902  7.342   -1.245  1.00 48.10 ? 38  ARG A CA  1 
ATOM   292 C C   . ARG A 1 38  ? -4.323  7.819   -1.440  1.00 47.87 ? 38  ARG A C   1 
ATOM   293 O O   . ARG A 1 38  ? -4.789  7.890   -2.576  1.00 47.88 ? 38  ARG A O   1 
ATOM   294 C CB  . ARG A 1 38  ? -1.969  8.583   -1.232  1.00 48.62 ? 38  ARG A CB  1 
ATOM   295 C CG  . ARG A 1 38  ? -1.448  9.046   0.134   1.00 50.71 ? 38  ARG A CG  1 
ATOM   296 C CD  . ARG A 1 38  ? 0.057   9.449   0.165   1.00 53.44 ? 38  ARG A CD  1 
ATOM   297 N NE  . ARG A 1 38  ? 0.228   10.891  0.014   1.00 55.90 ? 38  ARG A NE  1 
ATOM   298 C CZ  . ARG A 1 38  ? 0.274   11.543  -1.151  1.00 58.69 ? 38  ARG A CZ  1 
ATOM   299 N NH1 . ARG A 1 38  ? 0.411   12.871  -1.160  1.00 59.57 ? 38  ARG A NH1 1 
ATOM   300 N NH2 . ARG A 1 38  ? 0.184   10.892  -2.315  1.00 59.59 ? 38  ARG A NH2 1 
ATOM   301 N N   . THR A 1 39  ? -5.014  8.131   -0.355  1.00 47.47 ? 39  THR A N   1 
ATOM   302 C CA  . THR A 1 39  ? -6.105  9.089   -0.440  1.00 47.36 ? 39  THR A CA  1 
ATOM   303 C C   . THR A 1 39  ? -5.777  10.084  0.658   1.00 47.23 ? 39  THR A C   1 
ATOM   304 O O   . THR A 1 39  ? -5.856  9.782   1.847   1.00 47.09 ? 39  THR A O   1 
ATOM   305 C CB  . THR A 1 39  ? -7.529  8.416   -0.372  1.00 47.47 ? 39  THR A CB  1 
ATOM   306 O OG1 . THR A 1 39  ? -8.306  8.802   -1.520  1.00 47.03 ? 39  THR A OG1 1 
ATOM   307 C CG2 . THR A 1 39  ? -8.384  8.905   0.796   1.00 47.35 ? 39  THR A CG2 1 
ATOM   308 N N   . LYS A 1 40  ? -5.320  11.256  0.243   1.00 47.19 ? 40  LYS A N   1 
ATOM   309 C CA  . LYS A 1 40  ? -4.827  12.213  1.206   1.00 47.13 ? 40  LYS A CA  1 
ATOM   310 C C   . LYS A 1 40  ? -5.993  12.542  2.103   1.00 47.19 ? 40  LYS A C   1 
ATOM   311 O O   . LYS A 1 40  ? -7.064  12.907  1.626   1.00 47.17 ? 40  LYS A O   1 
ATOM   312 C CB  . LYS A 1 40  ? -4.229  13.472  0.548   1.00 47.02 ? 40  LYS A CB  1 
ATOM   313 C CG  . LYS A 1 40  ? -2.996  14.001  1.313   1.00 46.82 ? 40  LYS A CG  1 
ATOM   314 C CD  . LYS A 1 40  ? -2.202  15.077  0.563   1.00 46.47 ? 40  LYS A CD  1 
ATOM   315 C CE  . LYS A 1 40  ? -2.513  16.497  1.072   1.00 46.50 ? 40  LYS A CE  1 
ATOM   316 N NZ  . LYS A 1 40  ? -2.720  16.602  2.554   1.00 45.86 ? 40  LYS A NZ  1 
ATOM   317 N N   . LEU A 1 41  ? -5.798  12.315  3.395   1.00 47.30 ? 41  LEU A N   1 
ATOM   318 C CA  . LEU A 1 41  ? -6.687  12.831  4.426   1.00 47.33 ? 41  LEU A CA  1 
ATOM   319 C C   . LEU A 1 41  ? -7.094  14.281  4.071   1.00 47.66 ? 41  LEU A C   1 
ATOM   320 O O   . LEU A 1 41  ? -6.277  15.222  4.146   1.00 47.69 ? 41  LEU A O   1 
ATOM   321 C CB  . LEU A 1 41  ? -5.962  12.752  5.771   1.00 47.14 ? 41  LEU A CB  1 
ATOM   322 C CG  . LEU A 1 41  ? -6.654  13.228  7.039   1.00 46.34 ? 41  LEU A CG  1 
ATOM   323 C CD1 . LEU A 1 41  ? -6.676  12.129  8.059   1.00 45.95 ? 41  LEU A CD1 1 
ATOM   324 C CD2 . LEU A 1 41  ? -5.928  14.443  7.599   1.00 46.62 ? 41  LEU A CD2 1 
ATOM   325 N N   . GLY A 1 42  ? -8.353  14.439  3.653   1.00 47.83 ? 42  GLY A N   1 
ATOM   326 C CA  . GLY A 1 42  ? -8.869  15.716  3.177   1.00 47.73 ? 42  GLY A CA  1 
ATOM   327 C C   . GLY A 1 42  ? -9.807  15.559  1.995   1.00 47.74 ? 42  GLY A C   1 
ATOM   328 O O   . GLY A 1 42  ? -10.867 16.176  1.953   1.00 47.48 ? 42  GLY A O   1 
ATOM   329 N N   . SER A 1 43  ? -9.410  14.720  1.040   1.00 48.04 ? 43  SER A N   1 
ATOM   330 C CA  . SER A 1 43  ? -10.128 14.553  -0.223  1.00 48.28 ? 43  SER A CA  1 
ATOM   331 C C   . SER A 1 43  ? -10.710 13.137  -0.448  1.00 48.76 ? 43  SER A C   1 
ATOM   332 O O   . SER A 1 43  ? -10.400 12.177  0.273   1.00 48.44 ? 43  SER A O   1 
ATOM   333 C CB  . SER A 1 43  ? -9.194  14.917  -1.382  1.00 48.30 ? 43  SER A CB  1 
ATOM   334 O OG  . SER A 1 43  ? -8.063  14.065  -1.419  1.00 47.07 ? 43  SER A OG  1 
ATOM   335 N N   . THR A 1 44  ? -11.579 13.039  -1.455  1.00 49.30 ? 44  THR A N   1 
ATOM   336 C CA  . THR A 1 44  ? -12.124 11.749  -1.905  1.00 49.61 ? 44  THR A CA  1 
ATOM   337 C C   . THR A 1 44  ? -11.356 11.199  -3.127  1.00 49.81 ? 44  THR A C   1 
ATOM   338 O O   . THR A 1 44  ? -11.305 9.973   -3.351  1.00 49.86 ? 44  THR A O   1 
ATOM   339 C CB  . THR A 1 44  ? -13.659 11.869  -2.186  1.00 49.63 ? 44  THR A CB  1 
ATOM   340 O OG1 . THR A 1 44  ? -14.208 10.570  -2.455  1.00 49.78 ? 44  THR A OG1 1 
ATOM   341 C CG2 . THR A 1 44  ? -13.967 12.703  -3.446  1.00 49.19 ? 44  THR A CG2 1 
ATOM   342 N N   . ASN A 1 45  ? -10.787 12.132  -3.904  1.00 49.77 ? 45  ASN A N   1 
ATOM   343 C CA  . ASN A 1 45  ? -9.851  11.862  -5.002  1.00 49.48 ? 45  ASN A CA  1 
ATOM   344 C C   . ASN A 1 45  ? -8.734  10.903  -4.602  1.00 49.23 ? 45  ASN A C   1 
ATOM   345 O O   . ASN A 1 45  ? -7.826  11.274  -3.858  1.00 49.15 ? 45  ASN A O   1 
ATOM   346 C CB  . ASN A 1 45  ? -9.231  13.192  -5.477  1.00 49.49 ? 45  ASN A CB  1 
ATOM   347 C CG  . ASN A 1 45  ? -8.610  13.103  -6.858  1.00 49.18 ? 45  ASN A CG  1 
ATOM   348 O OD1 . ASN A 1 45  ? -7.449  12.714  -7.009  1.00 47.89 ? 45  ASN A OD1 1 
ATOM   349 N ND2 . ASN A 1 45  ? -9.379  13.494  -7.878  1.00 48.90 ? 45  ASN A ND2 1 
ATOM   350 N N   . GLU A 1 46  ? -8.811  9.664   -5.076  1.00 49.07 ? 46  GLU A N   1 
ATOM   351 C CA  . GLU A 1 46  ? -7.732  8.713   -4.847  1.00 49.04 ? 46  GLU A CA  1 
ATOM   352 C C   . GLU A 1 46  ? -6.664  8.924   -5.900  1.00 48.82 ? 46  GLU A C   1 
ATOM   353 O O   . GLU A 1 46  ? -6.952  9.000   -7.093  1.00 48.78 ? 46  GLU A O   1 
ATOM   354 C CB  . GLU A 1 46  ? -8.211  7.261   -4.863  1.00 49.09 ? 46  GLU A CB  1 
ATOM   355 C CG  . GLU A 1 46  ? -7.313  6.349   -4.034  1.00 49.83 ? 46  GLU A CG  1 
ATOM   356 C CD  . GLU A 1 46  ? -7.274  4.909   -4.523  1.00 51.36 ? 46  GLU A CD  1 
ATOM   357 O OE1 . GLU A 1 46  ? -7.157  3.987   -3.662  1.00 51.15 ? 46  GLU A OE1 1 
ATOM   358 O OE2 . GLU A 1 46  ? -7.339  4.705   -5.762  1.00 51.52 ? 46  GLU A OE2 1 
ATOM   359 N N   . GLN A 1 47  ? -5.425  9.014   -5.433  1.00 48.68 ? 47  GLN A N   1 
ATOM   360 C CA  . GLN A 1 47  ? -4.285  9.360   -6.268  1.00 48.37 ? 47  GLN A CA  1 
ATOM   361 C C   . GLN A 1 47  ? -3.202  8.281   -6.194  1.00 47.51 ? 47  GLN A C   1 
ATOM   362 O O   . GLN A 1 47  ? -2.803  7.853   -5.100  1.00 47.38 ? 47  GLN A O   1 
ATOM   363 C CB  . GLN A 1 47  ? -3.715  10.720  -5.841  1.00 48.68 ? 47  GLN A CB  1 
ATOM   364 C CG  . GLN A 1 47  ? -3.364  10.852  -4.335  1.00 49.39 ? 47  GLN A CG  1 
ATOM   365 C CD  . GLN A 1 47  ? -2.744  12.206  -4.006  1.00 50.87 ? 47  GLN A CD  1 
ATOM   366 O OE1 . GLN A 1 47  ? -2.052  12.348  -2.992  1.00 51.36 ? 47  GLN A OE1 1 
ATOM   367 N NE2 . GLN A 1 47  ? -2.988  13.202  -4.868  1.00 50.64 ? 47  GLN A NE2 1 
ATOM   368 N N   . THR A 1 48  ? -2.743  7.862   -7.375  1.00 46.35 ? 48  THR A N   1 
ATOM   369 C CA  . THR A 1 48  ? -1.609  6.952   -7.515  1.00 45.37 ? 48  THR A CA  1 
ATOM   370 C C   . THR A 1 48  ? -0.373  7.454   -6.748  1.00 44.66 ? 48  THR A C   1 
ATOM   371 O O   . THR A 1 48  ? -0.094  8.643   -6.717  1.00 44.42 ? 48  THR A O   1 
ATOM   372 C CB  . THR A 1 48  ? -1.260  6.773   -9.022  1.00 45.26 ? 48  THR A CB  1 
ATOM   373 O OG1 . THR A 1 48  ? -2.435  6.435   -9.771  1.00 43.92 ? 48  THR A OG1 1 
ATOM   374 C CG2 . THR A 1 48  ? -0.337  5.580   -9.235  1.00 45.53 ? 48  THR A CG2 1 
ATOM   375 N N   . ILE A 1 49  ? 0.340   6.539   -6.110  1.00 43.99 ? 49  ILE A N   1 
ATOM   376 C CA  . ILE A 1 49  ? 1.648   6.826   -5.532  1.00 43.43 ? 49  ILE A CA  1 
ATOM   377 C C   . ILE A 1 49  ? 2.732   6.479   -6.568  1.00 43.66 ? 49  ILE A C   1 
ATOM   378 O O   . ILE A 1 49  ? 2.688   5.398   -7.166  1.00 44.12 ? 49  ILE A O   1 
ATOM   379 C CB  . ILE A 1 49  ? 1.837   6.008   -4.251  1.00 42.82 ? 49  ILE A CB  1 
ATOM   380 C CG1 . ILE A 1 49  ? 0.969   6.597   -3.139  1.00 41.60 ? 49  ILE A CG1 1 
ATOM   381 C CG2 . ILE A 1 49  ? 3.314   5.963   -3.858  1.00 42.75 ? 49  ILE A CG2 1 
ATOM   382 C CD1 . ILE A 1 49  ? 0.771   5.677   -1.936  1.00 40.71 ? 49  ILE A CD1 1 
ATOM   383 N N   . SER A 1 50  ? 3.693   7.384   -6.770  1.00 43.62 ? 50  SER A N   1 
ATOM   384 C CA  . SER A 1 50  ? 4.807   7.161   -7.710  1.00 43.72 ? 50  SER A CA  1 
ATOM   385 C C   . SER A 1 50  ? 6.106   6.679   -7.042  1.00 43.40 ? 50  SER A C   1 
ATOM   386 O O   . SER A 1 50  ? 6.885   7.492   -6.545  1.00 43.31 ? 50  SER A O   1 
ATOM   387 C CB  . SER A 1 50  ? 5.098   8.437   -8.475  1.00 43.69 ? 50  SER A CB  1 
ATOM   388 O OG  . SER A 1 50  ? 4.072   8.660   -9.416  1.00 45.22 ? 50  SER A OG  1 
ATOM   389 N N   . ILE A 1 51  ? 6.340   5.364   -7.106  1.00 43.11 ? 51  ILE A N   1 
ATOM   390 C CA  . ILE A 1 51  ? 7.414   4.668   -6.379  1.00 42.81 ? 51  ILE A CA  1 
ATOM   391 C C   . ILE A 1 51  ? 8.811   5.245   -6.627  1.00 42.89 ? 51  ILE A C   1 
ATOM   392 O O   . ILE A 1 51  ? 9.298   5.281   -7.756  1.00 43.22 ? 51  ILE A O   1 
ATOM   393 C CB  . ILE A 1 51  ? 7.433   3.150   -6.718  1.00 42.60 ? 51  ILE A CB  1 
ATOM   394 C CG1 . ILE A 1 51  ? 6.083   2.463   -6.388  1.00 42.42 ? 51  ILE A CG1 1 
ATOM   395 C CG2 . ILE A 1 51  ? 8.578   2.465   -5.992  1.00 42.42 ? 51  ILE A CG2 1 
ATOM   396 C CD1 . ILE A 1 51  ? 5.554   2.620   -4.955  1.00 41.97 ? 51  ILE A CD1 1 
ATOM   397 N N   . GLY A 1 52  ? 9.447   5.655   -5.536  1.00 42.68 ? 52  GLY A N   1 
ATOM   398 C CA  . GLY A 1 52  ? 10.750  6.272   -5.551  1.00 42.57 ? 52  GLY A CA  1 
ATOM   399 C C   . GLY A 1 52  ? 10.945  7.046   -4.262  1.00 42.68 ? 52  GLY A C   1 
ATOM   400 O O   . GLY A 1 52  ? 9.974   7.413   -3.609  1.00 42.51 ? 52  GLY A O   1 
ATOM   401 N N   . GLY A 1 53  ? 12.203  7.297   -3.905  1.00 42.80 ? 53  GLY A N   1 
ATOM   402 C CA  . GLY A 1 53  ? 12.548  8.094   -2.736  1.00 42.58 ? 53  GLY A CA  1 
ATOM   403 C C   . GLY A 1 53  ? 12.158  7.501   -1.391  1.00 42.38 ? 53  GLY A C   1 
ATOM   404 O O   . GLY A 1 53  ? 12.699  6.465   -0.974  1.00 42.63 ? 53  GLY A O   1 
ATOM   405 N N   . ARG A 1 54  ? 11.244  8.189   -0.706  1.00 41.93 ? 54  ARG A N   1 
ATOM   406 C CA  . ARG A 1 54  ? 10.734  7.756   0.595   1.00 41.82 ? 54  ARG A CA  1 
ATOM   407 C C   . ARG A 1 54  ? 9.874   6.509   0.508   1.00 41.60 ? 54  ARG A C   1 
ATOM   408 O O   . ARG A 1 54  ? 9.884   5.701   1.403   1.00 41.77 ? 54  ARG A O   1 
ATOM   409 C CB  . ARG A 1 54  ? 9.867   8.840   1.214   1.00 41.91 ? 54  ARG A CB  1 
ATOM   410 C CG  . ARG A 1 54  ? 10.618  10.017  1.704   1.00 42.28 ? 54  ARG A CG  1 
ATOM   411 C CD  . ARG A 1 54  ? 9.950   11.365  1.434   1.00 43.07 ? 54  ARG A CD  1 
ATOM   412 N NE  . ARG A 1 54  ? 8.488   11.369  1.293   1.00 42.41 ? 54  ARG A NE  1 
ATOM   413 C CZ  . ARG A 1 54  ? 7.611   11.048  2.245   1.00 42.94 ? 54  ARG A CZ  1 
ATOM   414 N NH1 . ARG A 1 54  ? 7.993   10.618  3.445   1.00 42.52 ? 54  ARG A NH1 1 
ATOM   415 N NH2 . ARG A 1 54  ? 6.321   11.132  1.978   1.00 43.60 ? 54  ARG A NH2 1 
ATOM   416 N N   . TYR A 1 55  ? 9.083   6.386   -0.543  1.00 41.61 ? 55  TYR A N   1 
ATOM   417 C CA  . TYR A 1 55  ? 8.253   5.207   -0.741  1.00 41.70 ? 55  TYR A CA  1 
ATOM   418 C C   . TYR A 1 55  ? 9.107   4.190   -1.481  1.00 41.39 ? 55  TYR A C   1 
ATOM   419 O O   . TYR A 1 55  ? 9.648   4.510   -2.532  1.00 41.66 ? 55  TYR A O   1 
ATOM   420 C CB  . TYR A 1 55  ? 7.055   5.541   -1.609  1.00 41.78 ? 55  TYR A CB  1 
ATOM   421 C CG  . TYR A 1 55  ? 6.237   6.745   -1.218  1.00 43.01 ? 55  TYR A CG  1 
ATOM   422 C CD1 . TYR A 1 55  ? 5.147   6.608   -0.382  1.00 45.49 ? 55  TYR A CD1 1 
ATOM   423 C CD2 . TYR A 1 55  ? 6.500   7.999   -1.745  1.00 44.41 ? 55  TYR A CD2 1 
ATOM   424 C CE1 . TYR A 1 55  ? 4.335   7.693   -0.046  1.00 46.84 ? 55  TYR A CE1 1 
ATOM   425 C CE2 . TYR A 1 55  ? 5.699   9.102   -1.417  1.00 46.64 ? 55  TYR A CE2 1 
ATOM   426 C CZ  . TYR A 1 55  ? 4.609   8.940   -0.563  1.00 47.72 ? 55  TYR A CZ  1 
ATOM   427 O OH  . TYR A 1 55  ? 3.776   10.000  -0.220  1.00 49.23 ? 55  TYR A OH  1 
ATOM   428 N N   . VAL A 1 56  ? 9.242   2.985   -0.937  1.00 41.05 ? 56  VAL A N   1 
ATOM   429 C CA  . VAL A 1 56  ? 10.105  1.971   -1.539  1.00 41.07 ? 56  VAL A CA  1 
ATOM   430 C C   . VAL A 1 56  ? 9.370   0.651   -1.573  1.00 41.10 ? 56  VAL A C   1 
ATOM   431 O O   . VAL A 1 56  ? 9.005   0.099   -0.536  1.00 41.64 ? 56  VAL A O   1 
ATOM   432 C CB  . VAL A 1 56  ? 11.525  1.857   -0.853  1.00 41.25 ? 56  VAL A CB  1 
ATOM   433 C CG1 . VAL A 1 56  ? 11.591  2.612   0.478   1.00 41.73 ? 56  VAL A CG1 1 
ATOM   434 C CG2 . VAL A 1 56  ? 11.977  0.396   -0.689  1.00 40.97 ? 56  VAL A CG2 1 
ATOM   435 N N   . GLU A 1 57  ? 9.138   0.162   -2.786  1.00 40.96 ? 57  GLU A N   1 
ATOM   436 C CA  . GLU A 1 57  ? 8.301   -1.006  -2.995  1.00 40.50 ? 57  GLU A CA  1 
ATOM   437 C C   . GLU A 1 57  ? 9.169   -2.224  -3.256  1.00 40.33 ? 57  GLU A C   1 
ATOM   438 O O   . GLU A 1 57  ? 10.180  -2.139  -3.942  1.00 39.83 ? 57  GLU A O   1 
ATOM   439 C CB  . GLU A 1 57  ? 7.353   -0.774  -4.163  1.00 40.54 ? 57  GLU A CB  1 
ATOM   440 C CG  . GLU A 1 57  ? 6.266   -1.829  -4.307  1.00 39.88 ? 57  GLU A CG  1 
ATOM   441 C CD  . GLU A 1 57  ? 5.713   -1.946  -5.720  1.00 38.40 ? 57  GLU A CD  1 
ATOM   442 O OE1 . GLU A 1 57  ? 4.596   -2.496  -5.852  1.00 38.52 ? 57  GLU A OE1 1 
ATOM   443 O OE2 . GLU A 1 57  ? 6.388   -1.526  -6.691  1.00 36.20 ? 57  GLU A OE2 1 
ATOM   444 N N   . THR A 1 58  ? 8.737   -3.351  -2.691  1.00 40.58 ? 58  THR A N   1 
ATOM   445 C CA  . THR A 1 58  ? 9.412   -4.634  -2.794  1.00 40.61 ? 58  THR A CA  1 
ATOM   446 C C   . THR A 1 58  ? 8.423   -5.680  -3.261  1.00 40.52 ? 58  THR A C   1 
ATOM   447 O O   . THR A 1 58  ? 7.436   -5.908  -2.609  1.00 40.83 ? 58  THR A O   1 
ATOM   448 C CB  . THR A 1 58  ? 9.949   -5.009  -1.432  1.00 40.51 ? 58  THR A CB  1 
ATOM   449 O OG1 . THR A 1 58  ? 10.716  -3.912  -0.919  1.00 40.91 ? 58  THR A OG1 1 
ATOM   450 C CG2 . THR A 1 58  ? 10.958  -6.134  -1.541  1.00 40.94 ? 58  THR A CG2 1 
ATOM   451 N N   . VAL A 1 59  ? 8.688   -6.308  -4.393  1.00 40.88 ? 59  VAL A N   1 
ATOM   452 C CA  . VAL A 1 59  ? 7.761   -7.273  -4.944  1.00 41.62 ? 59  VAL A CA  1 
ATOM   453 C C   . VAL A 1 59  ? 8.378   -8.645  -4.984  1.00 41.67 ? 59  VAL A C   1 
ATOM   454 O O   . VAL A 1 59  ? 9.399   -8.879  -5.619  1.00 40.44 ? 59  VAL A O   1 
ATOM   455 C CB  . VAL A 1 59  ? 7.264   -6.887  -6.364  1.00 42.11 ? 59  VAL A CB  1 
ATOM   456 C CG1 . VAL A 1 59  ? 6.456   -8.035  -7.009  1.00 42.52 ? 59  VAL A CG1 1 
ATOM   457 C CG2 . VAL A 1 59  ? 6.405   -5.615  -6.306  1.00 42.97 ? 59  VAL A CG2 1 
ATOM   458 N N   . ASN A 1 60  ? 7.721   -9.552  -4.279  1.00 42.73 ? 60  ASN A N   1 
ATOM   459 C CA  . ASN A 1 60  ? 7.995   -10.975 -4.400  1.00 43.69 ? 60  ASN A CA  1 
ATOM   460 C C   . ASN A 1 60  ? 6.866   -11.763 -5.090  1.00 44.08 ? 60  ASN A C   1 
ATOM   461 O O   . ASN A 1 60  ? 6.008   -12.378 -4.438  1.00 44.00 ? 60  ASN A O   1 
ATOM   462 C CB  . ASN A 1 60  ? 8.357   -11.522 -3.029  1.00 43.92 ? 60  ASN A CB  1 
ATOM   463 C CG  . ASN A 1 60  ? 9.544   -10.793 -2.438  1.00 44.18 ? 60  ASN A CG  1 
ATOM   464 O OD1 . ASN A 1 60  ? 10.697  -11.013 -2.836  1.00 43.39 ? 60  ASN A OD1 1 
ATOM   465 N ND2 . ASN A 1 60  ? 9.263   -9.875  -1.527  1.00 44.84 ? 60  ASN A ND2 1 
ATOM   466 N N   . LYS A 1 61  ? 6.870   -11.696 -6.429  1.00 44.37 ? 61  LYS A N   1 
ATOM   467 C CA  . LYS A 1 61  ? 6.035   -12.560 -7.240  1.00 44.47 ? 61  LYS A CA  1 
ATOM   468 C C   . LYS A 1 61  ? 6.700   -13.902 -7.072  1.00 44.64 ? 61  LYS A C   1 
ATOM   469 O O   . LYS A 1 61  ? 7.935   -13.978 -6.988  1.00 44.99 ? 61  LYS A O   1 
ATOM   470 C CB  . LYS A 1 61  ? 5.956   -12.084 -8.709  1.00 44.51 ? 61  LYS A CB  1 
ATOM   471 C CG  . LYS A 1 61  ? 7.234   -12.184 -9.569  1.00 44.75 ? 61  LYS A CG  1 
ATOM   472 C CD  . LYS A 1 61  ? 6.990   -12.786 -10.990 1.00 45.19 ? 61  LYS A CD  1 
ATOM   473 C CE  . LYS A 1 61  ? 7.458   -11.834 -12.162 1.00 46.53 ? 61  LYS A CE  1 
ATOM   474 N NZ  . LYS A 1 61  ? 8.738   -12.196 -12.932 1.00 45.04 ? 61  LYS A NZ  1 
ATOM   475 N N   . GLY A 1 62  ? 5.902   -14.951 -6.963  1.00 44.60 ? 62  GLY A N   1 
ATOM   476 C CA  . GLY A 1 62  ? 6.427   -16.249 -6.577  1.00 44.89 ? 62  GLY A CA  1 
ATOM   477 C C   . GLY A 1 62  ? 5.800   -16.624 -5.260  1.00 45.08 ? 62  GLY A C   1 
ATOM   478 O O   . GLY A 1 62  ? 5.241   -17.723 -5.115  1.00 45.76 ? 62  GLY A O   1 
ATOM   479 N N   . SER A 1 63  ? 5.876   -15.699 -4.302  1.00 44.83 ? 63  SER A N   1 
ATOM   480 C CA  . SER A 1 63  ? 5.021   -15.762 -3.121  1.00 44.31 ? 63  SER A CA  1 
ATOM   481 C C   . SER A 1 63  ? 3.865   -14.770 -3.265  1.00 44.40 ? 63  SER A C   1 
ATOM   482 O O   . SER A 1 63  ? 3.153   -14.494 -2.299  1.00 45.19 ? 63  SER A O   1 
ATOM   483 C CB  . SER A 1 63  ? 5.818   -15.522 -1.832  1.00 43.91 ? 63  SER A CB  1 
ATOM   484 O OG  . SER A 1 63  ? 6.366   -14.229 -1.783  1.00 42.61 ? 63  SER A OG  1 
ATOM   485 N N   . LYS A 1 64  ? 3.657   -14.230 -4.462  1.00 44.25 ? 64  LYS A N   1 
ATOM   486 C CA  . LYS A 1 64  ? 2.543   -13.308 -4.681  1.00 44.38 ? 64  LYS A CA  1 
ATOM   487 C C   . LYS A 1 64  ? 2.467   -12.167 -3.611  1.00 44.90 ? 64  LYS A C   1 
ATOM   488 O O   . LYS A 1 64  ? 1.402   -11.595 -3.340  1.00 44.39 ? 64  LYS A O   1 
ATOM   489 C CB  . LYS A 1 64  ? 1.239   -14.114 -4.747  1.00 43.88 ? 64  LYS A CB  1 
ATOM   490 C CG  . LYS A 1 64  ? 0.894   -14.600 -6.122  1.00 43.04 ? 64  LYS A CG  1 
ATOM   491 C CD  . LYS A 1 64  ? 0.245   -15.965 -6.084  1.00 43.15 ? 64  LYS A CD  1 
ATOM   492 C CE  . LYS A 1 64  ? -0.669  -16.169 -7.274  1.00 43.42 ? 64  LYS A CE  1 
ATOM   493 N NZ  . LYS A 1 64  ? -0.720  -17.585 -7.774  1.00 43.88 ? 64  LYS A NZ  1 
ATOM   494 N N   . SER A 1 65  ? 3.621   -11.843 -3.026  1.00 45.34 ? 65  SER A N   1 
ATOM   495 C CA  . SER A 1 65  ? 3.743   -10.782 -2.042  1.00 45.55 ? 65  SER A CA  1 
ATOM   496 C C   . SER A 1 65  ? 4.310   -9.517  -2.660  1.00 45.70 ? 65  SER A C   1 
ATOM   497 O O   . SER A 1 65  ? 5.170   -9.557  -3.543  1.00 45.65 ? 65  SER A O   1 
ATOM   498 C CB  . SER A 1 65  ? 4.660   -11.232 -0.934  1.00 45.66 ? 65  SER A CB  1 
ATOM   499 O OG  . SER A 1 65  ? 4.286   -12.527 -0.505  1.00 47.51 ? 65  SER A OG  1 
ATOM   500 N N   . PHE A 1 66  ? 3.770   -8.394  -2.216  1.00 46.04 ? 66  PHE A N   1 
ATOM   501 C CA  . PHE A 1 66  ? 4.320   -7.082  -2.514  1.00 46.46 ? 66  PHE A CA  1 
ATOM   502 C C   . PHE A 1 66  ? 4.085   -6.187  -1.322  1.00 46.96 ? 66  PHE A C   1 
ATOM   503 O O   . PHE A 1 66  ? 3.289   -6.510  -0.443  1.00 47.34 ? 66  PHE A O   1 
ATOM   504 C CB  . PHE A 1 66  ? 3.769   -6.463  -3.805  1.00 46.58 ? 66  PHE A CB  1 
ATOM   505 C CG  . PHE A 1 66  ? 2.258   -6.409  -3.900  1.00 46.03 ? 66  PHE A CG  1 
ATOM   506 C CD1 . PHE A 1 66  ? 1.618   -5.206  -4.069  1.00 45.98 ? 66  PHE A CD1 1 
ATOM   507 C CD2 . PHE A 1 66  ? 1.497   -7.566  -3.918  1.00 45.65 ? 66  PHE A CD2 1 
ATOM   508 C CE1 . PHE A 1 66  ? 0.251   -5.155  -4.212  1.00 46.45 ? 66  PHE A CE1 1 
ATOM   509 C CE2 . PHE A 1 66  ? 0.141   -7.517  -4.051  1.00 46.28 ? 66  PHE A CE2 1 
ATOM   510 C CZ  . PHE A 1 66  ? -0.489  -6.308  -4.200  1.00 46.93 ? 66  PHE A CZ  1 
ATOM   511 N N   . SER A 1 67  ? 4.803   -5.069  -1.288  1.00 47.40 ? 67  SER A N   1 
ATOM   512 C CA  . SER A 1 67  ? 5.015   -4.328  -0.042  1.00 47.25 ? 67  SER A CA  1 
ATOM   513 C C   . SER A 1 67  ? 5.578   -2.933  -0.301  1.00 47.20 ? 67  SER A C   1 
ATOM   514 O O   . SER A 1 67  ? 6.377   -2.712  -1.224  1.00 46.85 ? 67  SER A O   1 
ATOM   515 C CB  . SER A 1 67  ? 5.958   -5.123  0.877   1.00 47.08 ? 67  SER A CB  1 
ATOM   516 O OG  . SER A 1 67  ? 6.844   -4.292  1.601   1.00 46.69 ? 67  SER A OG  1 
ATOM   517 N N   . LEU A 1 68  ? 5.140   -2.003  0.535   1.00 47.00 ? 68  LEU A N   1 
ATOM   518 C CA  . LEU A 1 68  ? 5.533   -0.617  0.437   1.00 47.00 ? 68  LEU A CA  1 
ATOM   519 C C   . LEU A 1 68  ? 6.004   -0.180  1.809   1.00 47.52 ? 68  LEU A C   1 
ATOM   520 O O   . LEU A 1 68  ? 5.207   -0.197  2.759   1.00 47.90 ? 68  LEU A O   1 
ATOM   521 C CB  . LEU A 1 68  ? 4.317   0.210   -0.005  1.00 46.58 ? 68  LEU A CB  1 
ATOM   522 C CG  . LEU A 1 68  ? 4.374   1.734   0.051   1.00 45.67 ? 68  LEU A CG  1 
ATOM   523 C CD1 . LEU A 1 68  ? 5.249   2.305   -1.043  1.00 44.93 ? 68  LEU A CD1 1 
ATOM   524 C CD2 . LEU A 1 68  ? 2.985   2.290   -0.070  1.00 46.07 ? 68  LEU A CD2 1 
ATOM   525 N N   . ARG A 1 69  ? 7.291   0.176   1.924   1.00 47.58 ? 69  ARG A N   1 
ATOM   526 C CA  . ARG A 1 69  ? 7.784   0.922   3.087   1.00 47.49 ? 69  ARG A CA  1 
ATOM   527 C C   . ARG A 1 69  ? 7.821   2.401   2.764   1.00 47.38 ? 69  ARG A C   1 
ATOM   528 O O   . ARG A 1 69  ? 8.480   2.790   1.810   1.00 46.69 ? 69  ARG A O   1 
ATOM   529 C CB  . ARG A 1 69  ? 9.178   0.460   3.520   1.00 47.74 ? 69  ARG A CB  1 
ATOM   530 C CG  . ARG A 1 69  ? 9.542   0.865   4.937   1.00 48.05 ? 69  ARG A CG  1 
ATOM   531 C CD  . ARG A 1 69  ? 10.796  0.203   5.472   1.00 50.06 ? 69  ARG A CD  1 
ATOM   532 N NE  . ARG A 1 69  ? 11.823  1.203   5.836   1.00 52.61 ? 69  ARG A NE  1 
ATOM   533 C CZ  . ARG A 1 69  ? 12.384  1.365   7.053   1.00 52.39 ? 69  ARG A CZ  1 
ATOM   534 N NH1 . ARG A 1 69  ? 12.046  0.598   8.097   1.00 52.14 ? 69  ARG A NH1 1 
ATOM   535 N NH2 . ARG A 1 69  ? 13.295  2.319   7.223   1.00 51.54 ? 69  ARG A NH2 1 
ATOM   536 N N   . ILE A 1 70  ? 7.098   3.210   3.547   1.00 47.73 ? 70  ILE A N   1 
ATOM   537 C CA  . ILE A 1 70  ? 7.155   4.676   3.439   1.00 48.12 ? 70  ILE A CA  1 
ATOM   538 C C   . ILE A 1 70  ? 8.057   5.232   4.536   1.00 48.27 ? 70  ILE A C   1 
ATOM   539 O O   . ILE A 1 70  ? 7.708   5.157   5.707   1.00 48.45 ? 70  ILE A O   1 
ATOM   540 C CB  . ILE A 1 70  ? 5.768   5.341   3.578   1.00 48.01 ? 70  ILE A CB  1 
ATOM   541 C CG1 . ILE A 1 70  ? 4.675   4.533   2.897   1.00 48.22 ? 70  ILE A CG1 1 
ATOM   542 C CG2 . ILE A 1 70  ? 5.821   6.748   3.002   1.00 47.97 ? 70  ILE A CG2 1 
ATOM   543 C CD1 . ILE A 1 70  ? 3.291   4.885   3.408   1.00 49.26 ? 70  ILE A CD1 1 
ATOM   544 N N   . ARG A 1 71  ? 9.184   5.823   4.145   1.00 48.47 ? 71  ARG A N   1 
ATOM   545 C CA  . ARG A 1 71  ? 10.249  6.212   5.066   1.00 48.71 ? 71  ARG A CA  1 
ATOM   546 C C   . ARG A 1 71  ? 10.019  7.615   5.521   1.00 48.26 ? 71  ARG A C   1 
ATOM   547 O O   . ARG A 1 71  ? 9.428   8.411   4.798   1.00 48.07 ? 71  ARG A O   1 
ATOM   548 C CB  . ARG A 1 71  ? 11.616  6.188   4.373   1.00 49.15 ? 71  ARG A CB  1 
ATOM   549 C CG  . ARG A 1 71  ? 11.975  4.882   3.665   1.00 51.24 ? 71  ARG A CG  1 
ATOM   550 C CD  . ARG A 1 71  ? 12.965  5.071   2.514   1.00 53.73 ? 71  ARG A CD  1 
ATOM   551 N NE  . ARG A 1 71  ? 13.937  3.972   2.428   1.00 56.03 ? 71  ARG A NE  1 
ATOM   552 C CZ  . ARG A 1 71  ? 15.031  3.989   1.666   1.00 56.30 ? 71  ARG A CZ  1 
ATOM   553 N NH1 . ARG A 1 71  ? 15.851  2.938   1.653   1.00 56.29 ? 71  ARG A NH1 1 
ATOM   554 N NH2 . ARG A 1 71  ? 15.305  5.048   0.911   1.00 56.89 ? 71  ARG A NH2 1 
ATOM   555 N N   . ASP A 1 72  ? 10.527  7.933   6.704   1.00 48.12 ? 72  ASP A N   1 
ATOM   556 C CA  . ASP A 1 72  ? 10.501  9.303   7.193   1.00 48.04 ? 72  ASP A CA  1 
ATOM   557 C C   . ASP A 1 72  ? 9.078   9.863   7.037   1.00 47.53 ? 72  ASP A C   1 
ATOM   558 O O   . ASP A 1 72  ? 8.807   10.691  6.167   1.00 47.76 ? 72  ASP A O   1 
ATOM   559 C CB  . ASP A 1 72  ? 11.549  10.134  6.433   1.00 48.14 ? 72  ASP A CB  1 
ATOM   560 C CG  . ASP A 1 72  ? 11.534  11.601  6.808   1.00 49.09 ? 72  ASP A CG  1 
ATOM   561 O OD1 . ASP A 1 72  ? 11.334  11.926  7.999   1.00 51.07 ? 72  ASP A OD1 1 
ATOM   562 O OD2 . ASP A 1 72  ? 11.725  12.500  5.965   1.00 49.87 ? 72  ASP A OD2 1 
ATOM   563 N N   . LEU A 1 73  ? 8.176   9.392   7.890   1.00 46.77 ? 73  LEU A N   1 
ATOM   564 C CA  . LEU A 1 73  ? 6.772   9.750   7.797   1.00 46.24 ? 73  LEU A CA  1 
ATOM   565 C C   . LEU A 1 73  ? 6.578   11.215  8.144   1.00 45.94 ? 73  LEU A C   1 
ATOM   566 O O   . LEU A 1 73  ? 7.110   11.703  9.141   1.00 45.87 ? 73  LEU A O   1 
ATOM   567 C CB  . LEU A 1 73  ? 5.924   8.902   8.739   1.00 46.11 ? 73  LEU A CB  1 
ATOM   568 C CG  . LEU A 1 73  ? 5.638   7.462   8.345   1.00 45.54 ? 73  LEU A CG  1 
ATOM   569 C CD1 . LEU A 1 73  ? 4.981   6.781   9.517   1.00 45.64 ? 73  LEU A CD1 1 
ATOM   570 C CD2 . LEU A 1 73  ? 4.758   7.377   7.120   1.00 45.68 ? 73  LEU A CD2 1 
ATOM   571 N N   . ARG A 1 74  ? 5.823   11.908  7.300   1.00 45.60 ? 74  ARG A N   1 
ATOM   572 C CA  . ARG A 1 74  ? 5.418   13.285  7.557   1.00 45.37 ? 74  ARG A CA  1 
ATOM   573 C C   . ARG A 1 74  ? 3.965   13.255  8.044   1.00 45.01 ? 74  ARG A C   1 
ATOM   574 O O   . ARG A 1 74  ? 3.303   12.219  7.965   1.00 44.82 ? 74  ARG A O   1 
ATOM   575 C CB  . ARG A 1 74  ? 5.575   14.138  6.281   1.00 45.33 ? 74  ARG A CB  1 
ATOM   576 C CG  . ARG A 1 74  ? 7.047   14.482  5.914   1.00 45.30 ? 74  ARG A CG  1 
ATOM   577 C CD  . ARG A 1 74  ? 7.575   13.853  4.595   1.00 44.76 ? 74  ARG A CD  1 
ATOM   578 N NE  . ARG A 1 74  ? 9.051   13.789  4.535   1.00 43.64 ? 74  ARG A NE  1 
ATOM   579 C CZ  . ARG A 1 74  ? 9.829   14.348  3.595   1.00 42.68 ? 74  ARG A CZ  1 
ATOM   580 N NH1 . ARG A 1 74  ? 11.147  14.212  3.653   1.00 42.05 ? 74  ARG A NH1 1 
ATOM   581 N NH2 . ARG A 1 74  ? 9.314   15.037  2.588   1.00 42.74 ? 74  ARG A NH2 1 
ATOM   582 N N   . VAL A 1 75  ? 3.474   14.376  8.558   1.00 44.67 ? 75  VAL A N   1 
ATOM   583 C CA  . VAL A 1 75  ? 2.051   14.483  8.892   1.00 44.47 ? 75  VAL A CA  1 
ATOM   584 C C   . VAL A 1 75  ? 1.225   14.471  7.602   1.00 44.30 ? 75  VAL A C   1 
ATOM   585 O O   . VAL A 1 75  ? 0.135   13.900  7.572   1.00 44.10 ? 75  VAL A O   1 
ATOM   586 C CB  . VAL A 1 75  ? 1.711   15.767  9.684   1.00 44.42 ? 75  VAL A CB  1 
ATOM   587 C CG1 . VAL A 1 75  ? 0.251   15.732  10.142  1.00 44.06 ? 75  VAL A CG1 1 
ATOM   588 C CG2 . VAL A 1 75  ? 2.669   15.956  10.870  1.00 44.41 ? 75  VAL A CG2 1 
ATOM   589 N N   . GLU A 1 76  ? 1.768   15.107  6.551   1.00 44.03 ? 76  GLU A N   1 
ATOM   590 C CA  . GLU A 1 76  ? 1.186   15.120  5.194   1.00 43.64 ? 76  GLU A CA  1 
ATOM   591 C C   . GLU A 1 76  ? 0.779   13.746  4.677   1.00 43.24 ? 76  GLU A C   1 
ATOM   592 O O   . GLU A 1 76  ? -0.035  13.653  3.756   1.00 42.95 ? 76  GLU A O   1 
ATOM   593 C CB  . GLU A 1 76  ? 2.177   15.722  4.181   1.00 43.51 ? 76  GLU A CB  1 
ATOM   594 C CG  . GLU A 1 76  ? 2.058   17.226  3.989   1.00 43.72 ? 76  GLU A CG  1 
ATOM   595 C CD  . GLU A 1 76  ? 0.936   17.640  3.046   1.00 43.87 ? 76  GLU A CD  1 
ATOM   596 O OE1 . GLU A 1 76  ? 1.020   18.737  2.450   1.00 43.97 ? 76  GLU A OE1 1 
ATOM   597 O OE2 . GLU A 1 76  ? -0.044  16.889  2.905   1.00 44.56 ? 76  GLU A OE2 1 
ATOM   598 N N   . ASP A 1 77  ? 1.361   12.699  5.263   1.00 42.97 ? 77  ASP A N   1 
ATOM   599 C CA  . ASP A 1 77  ? 1.170   11.322  4.812   1.00 42.98 ? 77  ASP A CA  1 
ATOM   600 C C   . ASP A 1 77  ? -0.056  10.613  5.374   1.00 42.77 ? 77  ASP A C   1 
ATOM   601 O O   . ASP A 1 77  ? -0.447  9.588   4.856   1.00 42.39 ? 77  ASP A O   1 
ATOM   602 C CB  . ASP A 1 77  ? 2.430   10.501  5.114   1.00 43.02 ? 77  ASP A CB  1 
ATOM   603 C CG  . ASP A 1 77  ? 3.632   11.007  4.365   1.00 43.11 ? 77  ASP A CG  1 
ATOM   604 O OD1 . ASP A 1 77  ? 3.428   11.678  3.329   1.00 43.48 ? 77  ASP A OD1 1 
ATOM   605 O OD2 . ASP A 1 77  ? 4.808   10.802  4.733   1.00 43.48 ? 77  ASP A OD2 1 
ATOM   606 N N   . SER A 1 78  ? -0.661  11.153  6.420   1.00 43.07 ? 78  SER A N   1 
ATOM   607 C CA  . SER A 1 78  ? -1.883  10.574  6.948   1.00 43.54 ? 78  SER A CA  1 
ATOM   608 C C   . SER A 1 78  ? -2.906  10.434  5.830   1.00 44.00 ? 78  SER A C   1 
ATOM   609 O O   . SER A 1 78  ? -3.124  11.366  5.053   1.00 43.80 ? 78  SER A O   1 
ATOM   610 C CB  . SER A 1 78  ? -2.478  11.426  8.067   1.00 43.62 ? 78  SER A CB  1 
ATOM   611 O OG  . SER A 1 78  ? -1.481  11.880  8.957   1.00 44.60 ? 78  SER A OG  1 
ATOM   612 N N   . GLY A 1 79  ? -3.517  9.253   5.769   1.00 44.73 ? 79  GLY A N   1 
ATOM   613 C CA  . GLY A 1 79  ? -4.521  8.912   4.772   1.00 45.12 ? 79  GLY A CA  1 
ATOM   614 C C   . GLY A 1 79  ? -4.756  7.411   4.677   1.00 45.35 ? 79  GLY A C   1 
ATOM   615 O O   . GLY A 1 79  ? -4.315  6.646   5.543   1.00 45.53 ? 79  GLY A O   1 
ATOM   616 N N   . THR A 1 80  ? -5.437  6.991   3.613   1.00 45.41 ? 80  THR A N   1 
ATOM   617 C CA  . THR A 1 80  ? -5.787  5.591   3.419   1.00 45.52 ? 80  THR A CA  1 
ATOM   618 C C   . THR A 1 80  ? -5.129  5.004   2.179   1.00 45.73 ? 80  THR A C   1 
ATOM   619 O O   . THR A 1 80  ? -5.431  5.400   1.060   1.00 45.71 ? 80  THR A O   1 
ATOM   620 C CB  . THR A 1 80  ? -7.288  5.455   3.337   1.00 45.47 ? 80  THR A CB  1 
ATOM   621 O OG1 . THR A 1 80  ? -7.830  5.560   4.657   1.00 45.71 ? 80  THR A OG1 1 
ATOM   622 C CG2 . THR A 1 80  ? -7.688  4.070   2.886   1.00 45.82 ? 80  THR A CG2 1 
ATOM   623 N N   . TYR A 1 81  ? -4.254  4.027   2.412   1.00 46.25 ? 81  TYR A N   1 
ATOM   624 C CA  . TYR A 1 81  ? -3.391  3.440   1.396   1.00 46.37 ? 81  TYR A CA  1 
ATOM   625 C C   . TYR A 1 81  ? -3.959  2.131   0.931   1.00 46.94 ? 81  TYR A C   1 
ATOM   626 O O   . TYR A 1 81  ? -4.367  1.318   1.740   1.00 46.88 ? 81  TYR A O   1 
ATOM   627 C CB  . TYR A 1 81  ? -2.003  3.194   1.968   1.00 46.07 ? 81  TYR A CB  1 
ATOM   628 C CG  . TYR A 1 81  ? -1.308  4.467   2.356   1.00 45.69 ? 81  TYR A CG  1 
ATOM   629 C CD1 . TYR A 1 81  ? -0.336  5.023   1.528   1.00 45.97 ? 81  TYR A CD1 1 
ATOM   630 C CD2 . TYR A 1 81  ? -1.634  5.137   3.537   1.00 45.33 ? 81  TYR A CD2 1 
ATOM   631 C CE1 . TYR A 1 81  ? 0.310   6.206   1.867   1.00 45.78 ? 81  TYR A CE1 1 
ATOM   632 C CE2 . TYR A 1 81  ? -0.999  6.322   3.880   1.00 45.41 ? 81  TYR A CE2 1 
ATOM   633 C CZ  . TYR A 1 81  ? -0.031  6.846   3.040   1.00 45.24 ? 81  TYR A CZ  1 
ATOM   634 O OH  . TYR A 1 81  ? 0.598   8.016   3.355   1.00 45.03 ? 81  TYR A OH  1 
ATOM   635 N N   . LYS A 1 82  ? -3.988  1.941   -0.381  1.00 47.75 ? 82  LYS A N   1 
ATOM   636 C CA  . LYS A 1 82  ? -4.407  0.683   -0.974  1.00 48.32 ? 82  LYS A CA  1 
ATOM   637 C C   . LYS A 1 82  ? -3.371  0.218   -1.981  1.00 48.72 ? 82  LYS A C   1 
ATOM   638 O O   . LYS A 1 82  ? -2.756  1.012   -2.677  1.00 48.30 ? 82  LYS A O   1 
ATOM   639 C CB  . LYS A 1 82  ? -5.778  0.806   -1.632  1.00 48.32 ? 82  LYS A CB  1 
ATOM   640 C CG  . LYS A 1 82  ? -6.903  0.813   -0.618  1.00 48.91 ? 82  LYS A CG  1 
ATOM   641 C CD  . LYS A 1 82  ? -8.161  1.371   -1.204  1.00 50.39 ? 82  LYS A CD  1 
ATOM   642 C CE  . LYS A 1 82  ? -9.180  1.652   -0.121  1.00 52.20 ? 82  LYS A CE  1 
ATOM   643 N NZ  . LYS A 1 82  ? -10.062 2.819   -0.471  1.00 53.56 ? 82  LYS A NZ  1 
ATOM   644 N N   . CYS A 1 83  ? -3.166  -1.091  -2.013  1.00 49.15 ? 83  CYS A N   1 
ATOM   645 C CA  . CYS A 1 83  ? -2.344  -1.699  -3.029  1.00 49.17 ? 83  CYS A CA  1 
ATOM   646 C C   . CYS A 1 83  ? -3.232  -2.333  -4.074  1.00 49.28 ? 83  CYS A C   1 
ATOM   647 O O   . CYS A 1 83  ? -4.428  -2.536  -3.840  1.00 49.33 ? 83  CYS A O   1 
ATOM   648 C CB  . CYS A 1 83  ? -1.464  -2.741  -2.408  1.00 49.00 ? 83  CYS A CB  1 
ATOM   649 S SG  . CYS A 1 83  ? -2.368  -4.125  -1.762  1.00 49.18 ? 83  CYS A SG  1 
ATOM   650 N N   . GLY A 1 84  ? -2.626  -2.657  -5.213  1.00 49.33 ? 84  GLY A N   1 
ATOM   651 C CA  . GLY A 1 84  ? -3.335  -3.196  -6.360  1.00 49.19 ? 84  GLY A CA  1 
ATOM   652 C C   . GLY A 1 84  ? -2.532  -4.291  -7.029  1.00 49.12 ? 84  GLY A C   1 
ATOM   653 O O   . GLY A 1 84  ? -1.348  -4.127  -7.273  1.00 49.28 ? 84  GLY A O   1 
ATOM   654 N N   . ALA A 1 85  ? -3.163  -5.421  -7.305  1.00 49.01 ? 85  ALA A N   1 
ATOM   655 C CA  . ALA A 1 85  ? -2.537  -6.463  -8.082  1.00 49.26 ? 85  ALA A CA  1 
ATOM   656 C C   . ALA A 1 85  ? -3.243  -6.482  -9.423  1.00 49.76 ? 85  ALA A C   1 
ATOM   657 O O   . ALA A 1 85  ? -4.472  -6.544  -9.458  1.00 49.89 ? 85  ALA A O   1 
ATOM   658 C CB  . ALA A 1 85  ? -2.681  -7.794  -7.381  1.00 49.16 ? 85  ALA A CB  1 
ATOM   659 N N   . PHE A 1 86  ? -2.474  -6.393  -10.513 1.00 50.29 ? 86  PHE A N   1 
ATOM   660 C CA  . PHE A 1 86  ? -2.999  -6.540  -11.882 1.00 50.83 ? 86  PHE A CA  1 
ATOM   661 C C   . PHE A 1 86  ? -2.345  -7.716  -12.633 1.00 51.30 ? 86  PHE A C   1 
ATOM   662 O O   . PHE A 1 86  ? -1.238  -8.166  -12.287 1.00 51.47 ? 86  PHE A O   1 
ATOM   663 C CB  . PHE A 1 86  ? -2.787  -5.274  -12.705 1.00 50.78 ? 86  PHE A CB  1 
ATOM   664 C CG  . PHE A 1 86  ? -3.242  -4.018  -12.033 1.00 51.53 ? 86  PHE A CG  1 
ATOM   665 C CD1 . PHE A 1 86  ? -4.387  -3.356  -12.476 1.00 52.02 ? 86  PHE A CD1 1 
ATOM   666 C CD2 . PHE A 1 86  ? -2.508  -3.469  -10.977 1.00 52.06 ? 86  PHE A CD2 1 
ATOM   667 C CE1 . PHE A 1 86  ? -4.805  -2.172  -11.865 1.00 52.26 ? 86  PHE A CE1 1 
ATOM   668 C CE2 . PHE A 1 86  ? -2.920  -2.290  -10.349 1.00 52.10 ? 86  PHE A CE2 1 
ATOM   669 C CZ  . PHE A 1 86  ? -4.074  -1.643  -10.791 1.00 52.60 ? 86  PHE A CZ  1 
ATOM   670 N N   . ARG A 1 87  ? -3.039  -8.181  -13.678 1.00 51.82 ? 87  ARG A N   1 
ATOM   671 C CA  . ARG A 1 87  ? -2.621  -9.335  -14.491 1.00 51.91 ? 87  ARG A CA  1 
ATOM   672 C C   . ARG A 1 87  ? -1.663  -8.930  -15.610 1.00 51.90 ? 87  ARG A C   1 
ATOM   673 O O   . ARG A 1 87  ? -0.885  -9.753  -16.092 1.00 51.72 ? 87  ARG A O   1 
ATOM   674 C CB  . ARG A 1 87  ? -3.840  -10.027 -15.111 1.00 51.90 ? 87  ARG A CB  1 
ATOM   675 C CG  . ARG A 1 87  ? -3.915  -11.527 -14.860 1.00 52.27 ? 87  ARG A CG  1 
ATOM   676 C CD  . ARG A 1 87  ? -5.343  -12.054 -14.866 1.00 52.53 ? 87  ARG A CD  1 
ATOM   677 N NE  . ARG A 1 87  ? -5.417  -13.514 -14.895 1.00 53.38 ? 87  ARG A NE  1 
ATOM   678 C CZ  . ARG A 1 87  ? -5.156  -14.280 -15.961 1.00 54.43 ? 87  ARG A CZ  1 
ATOM   679 N NH1 . ARG A 1 87  ? -5.265  -15.605 -15.854 1.00 54.34 ? 87  ARG A NH1 1 
ATOM   680 N NH2 . ARG A 1 87  ? -4.804  -13.745 -17.136 1.00 54.98 ? 87  ARG A NH2 1 
ATOM   681 N N   . LEU A 1 99  ? -8.051  -5.276  -15.199 1.00 48.13 ? 99  LEU A N   1 
ATOM   682 C CA  . LEU A 1 99  ? -8.672  -5.685  -13.933 1.00 48.11 ? 99  LEU A CA  1 
ATOM   683 C C   . LEU A 1 99  ? -7.761  -5.599  -12.680 1.00 47.80 ? 99  LEU A C   1 
ATOM   684 O O   . LEU A 1 99  ? -6.930  -6.477  -12.405 1.00 47.42 ? 99  LEU A O   1 
ATOM   685 C CB  . LEU A 1 99  ? -9.276  -7.094  -14.044 1.00 48.34 ? 99  LEU A CB  1 
ATOM   686 C CG  . LEU A 1 99  ? -8.447  -8.214  -14.682 1.00 48.54 ? 99  LEU A CG  1 
ATOM   687 C CD1 . LEU A 1 99  ? -8.213  -9.376  -13.670 1.00 48.20 ? 99  LEU A CD1 1 
ATOM   688 C CD2 . LEU A 1 99  ? -9.138  -8.689  -15.981 1.00 47.97 ? 99  LEU A CD2 1 
ATOM   689 N N   . SER A 1 100 ? -7.952  -4.504  -11.946 1.00 47.37 ? 100 SER A N   1 
ATOM   690 C CA  . SER A 1 100 ? -7.511  -4.347  -10.572 1.00 47.04 ? 100 SER A CA  1 
ATOM   691 C C   . SER A 1 100 ? -8.091  -5.444  -9.659  1.00 46.75 ? 100 SER A C   1 
ATOM   692 O O   . SER A 1 100 ? -9.156  -5.976  -9.924  1.00 46.99 ? 100 SER A O   1 
ATOM   693 C CB  . SER A 1 100 ? -8.009  -2.976  -10.061 1.00 46.92 ? 100 SER A CB  1 
ATOM   694 O OG  . SER A 1 100 ? -7.034  -2.318  -9.263  1.00 47.46 ? 100 SER A OG  1 
ATOM   695 N N   . GLU A 1 101 ? -7.390  -5.787  -8.587  1.00 46.31 ? 101 GLU A N   1 
ATOM   696 C CA  . GLU A 1 101 ? -8.086  -6.151  -7.353  1.00 46.11 ? 101 GLU A CA  1 
ATOM   697 C C   . GLU A 1 101 ? -7.295  -5.581  -6.200  1.00 44.85 ? 101 GLU A C   1 
ATOM   698 O O   . GLU A 1 101 ? -6.101  -5.698  -6.182  1.00 44.33 ? 101 GLU A O   1 
ATOM   699 C CB  . GLU A 1 101 ? -8.337  -7.647  -7.214  1.00 46.54 ? 101 GLU A CB  1 
ATOM   700 C CG  . GLU A 1 101 ? -7.105  -8.524  -7.078  1.00 49.34 ? 101 GLU A CG  1 
ATOM   701 C CD  . GLU A 1 101 ? -7.035  -9.601  -8.151  1.00 52.97 ? 101 GLU A CD  1 
ATOM   702 O OE1 . GLU A 1 101 ? -7.964  -10.442 -8.210  1.00 55.23 ? 101 GLU A OE1 1 
ATOM   703 O OE2 . GLU A 1 101 ? -6.055  -9.602  -8.947  1.00 55.84 ? 101 GLU A OE2 1 
ATOM   704 N N   . LYS A 1 102 ? -7.979  -4.951  -5.255  1.00 44.25 ? 102 LYS A N   1 
ATOM   705 C CA  . LYS A 1 102 ? -7.348  -4.047  -4.307  1.00 43.97 ? 102 LYS A CA  1 
ATOM   706 C C   . LYS A 1 102 ? -7.568  -4.426  -2.843  1.00 43.73 ? 102 LYS A C   1 
ATOM   707 O O   . LYS A 1 102 ? -8.657  -4.831  -2.457  1.00 43.86 ? 102 LYS A O   1 
ATOM   708 C CB  . LYS A 1 102 ? -7.879  -2.636  -4.567  1.00 44.02 ? 102 LYS A CB  1 
ATOM   709 C CG  . LYS A 1 102 ? -7.539  -2.115  -5.972  1.00 44.31 ? 102 LYS A CG  1 
ATOM   710 C CD  . LYS A 1 102 ? -7.156  -0.632  -5.986  1.00 44.93 ? 102 LYS A CD  1 
ATOM   711 C CE  . LYS A 1 102 ? -8.328  0.271   -5.564  1.00 45.78 ? 102 LYS A CE  1 
ATOM   712 N NZ  . LYS A 1 102 ? -8.493  1.497   -6.410  1.00 45.77 ? 102 LYS A NZ  1 
ATOM   713 N N   . GLY A 1 103 ? -6.534  -4.278  -2.019  1.00 43.50 ? 103 GLY A N   1 
ATOM   714 C CA  . GLY A 1 103 ? -6.663  -4.500  -0.588  1.00 43.47 ? 103 GLY A CA  1 
ATOM   715 C C   . GLY A 1 103 ? -7.631  -3.511  0.018   1.00 43.24 ? 103 GLY A C   1 
ATOM   716 O O   . GLY A 1 103 ? -7.944  -2.536  -0.617  1.00 44.06 ? 103 GLY A O   1 
ATOM   717 N N   . ALA A 1 104 ? -8.124  -3.742  1.226   1.00 43.06 ? 104 ALA A N   1 
ATOM   718 C CA  . ALA A 1 104 ? -9.081  -2.812  1.829   1.00 42.99 ? 104 ALA A CA  1 
ATOM   719 C C   . ALA A 1 104 ? -8.408  -1.597  2.493   1.00 42.96 ? 104 ALA A C   1 
ATOM   720 O O   . ALA A 1 104 ? -9.075  -0.708  3.052   1.00 42.63 ? 104 ALA A O   1 
ATOM   721 C CB  . ALA A 1 104 ? -9.929  -3.521  2.808   1.00 43.28 ? 104 ALA A CB  1 
ATOM   722 N N   . GLY A 1 105 ? -7.083  -1.556  2.448   1.00 42.51 ? 105 GLY A N   1 
ATOM   723 C CA  . GLY A 1 105 ? -6.400  -0.343  2.818   1.00 42.31 ? 105 GLY A CA  1 
ATOM   724 C C   . GLY A 1 105 ? -5.936  -0.273  4.259   1.00 41.97 ? 105 GLY A C   1 
ATOM   725 O O   . GLY A 1 105 ? -6.333  -1.053  5.125   1.00 41.85 ? 105 GLY A O   1 
ATOM   726 N N   . THR A 1 106 ? -5.069  0.701   4.487   1.00 41.36 ? 106 THR A N   1 
ATOM   727 C CA  . THR A 1 106 ? -4.404  0.914   5.742   1.00 40.73 ? 106 THR A CA  1 
ATOM   728 C C   . THR A 1 106 ? -4.766  2.348   6.078   1.00 40.07 ? 106 THR A C   1 
ATOM   729 O O   . THR A 1 106 ? -4.453  3.249   5.314   1.00 40.05 ? 106 THR A O   1 
ATOM   730 C CB  . THR A 1 106 ? -2.858  0.742   5.523   1.00 41.01 ? 106 THR A CB  1 
ATOM   731 O OG1 . THR A 1 106 ? -2.566  -0.562  4.982   1.00 41.37 ? 106 THR A OG1 1 
ATOM   732 C CG2 . THR A 1 106 ? -2.062  0.791   6.846   1.00 40.73 ? 106 THR A CG2 1 
ATOM   733 N N   . VAL A 1 107 ? -5.443  2.580   7.192   1.00 39.30 ? 107 VAL A N   1 
ATOM   734 C CA  . VAL A 1 107 ? -5.722  3.952   7.597   1.00 38.84 ? 107 VAL A CA  1 
ATOM   735 C C   . VAL A 1 107 ? -4.568  4.496   8.458   1.00 38.25 ? 107 VAL A C   1 
ATOM   736 O O   . VAL A 1 107 ? -4.540  4.324   9.678   1.00 37.76 ? 107 VAL A O   1 
ATOM   737 C CB  . VAL A 1 107 ? -7.069  4.056   8.311   1.00 38.89 ? 107 VAL A CB  1 
ATOM   738 C CG1 . VAL A 1 107 ? -7.297  5.466   8.776   1.00 39.50 ? 107 VAL A CG1 1 
ATOM   739 C CG2 . VAL A 1 107 ? -8.205  3.637   7.373   1.00 38.81 ? 107 VAL A CG2 1 
ATOM   740 N N   . LEU A 1 108 ? -3.601  5.125   7.798   1.00 37.85 ? 108 LEU A N   1 
ATOM   741 C CA  . LEU A 1 108 ? -2.418  5.634   8.483   1.00 37.95 ? 108 LEU A CA  1 
ATOM   742 C C   . LEU A 1 108 ? -2.687  7.005   9.069   1.00 37.90 ? 108 LEU A C   1 
ATOM   743 O O   . LEU A 1 108 ? -3.312  7.864   8.429   1.00 37.90 ? 108 LEU A O   1 
ATOM   744 C CB  . LEU A 1 108 ? -1.206  5.692   7.549   1.00 38.13 ? 108 LEU A CB  1 
ATOM   745 C CG  . LEU A 1 108 ? 0.028   6.476   8.021   1.00 38.58 ? 108 LEU A CG  1 
ATOM   746 C CD1 . LEU A 1 108 ? 0.859   5.643   9.003   1.00 39.30 ? 108 LEU A CD1 1 
ATOM   747 C CD2 . LEU A 1 108 ? 0.877   6.974   6.844   1.00 37.97 ? 108 LEU A CD2 1 
ATOM   748 N N   . THR A 1 109 ? -2.198  7.193   10.296  1.00 37.62 ? 109 THR A N   1 
ATOM   749 C CA  . THR A 1 109 ? -2.409  8.407   11.068  1.00 37.27 ? 109 THR A CA  1 
ATOM   750 C C   . THR A 1 109 ? -1.072  8.774   11.676  1.00 36.65 ? 109 THR A C   1 
ATOM   751 O O   . THR A 1 109 ? -0.488  7.982   12.397  1.00 36.27 ? 109 THR A O   1 
ATOM   752 C CB  . THR A 1 109 ? -3.465  8.149   12.160  1.00 37.47 ? 109 THR A CB  1 
ATOM   753 O OG1 . THR A 1 109 ? -4.781  8.175   11.587  1.00 37.69 ? 109 THR A OG1 1 
ATOM   754 C CG2 . THR A 1 109 ? -3.502  9.277   13.174  1.00 38.07 ? 109 THR A CG2 1 
ATOM   755 N N   . VAL A 1 110 ? -0.600  9.981   11.385  1.00 36.34 ? 110 VAL A N   1 
ATOM   756 C CA  . VAL A 1 110 ? 0.764   10.391  11.710  1.00 36.14 ? 110 VAL A CA  1 
ATOM   757 C C   . VAL A 1 110 ? 0.763   11.556  12.654  1.00 35.82 ? 110 VAL A C   1 
ATOM   758 O O   . VAL A 1 110 ? 0.080   12.532  12.406  1.00 35.99 ? 110 VAL A O   1 
ATOM   759 C CB  . VAL A 1 110 ? 1.517   10.837  10.462  1.00 36.16 ? 110 VAL A CB  1 
ATOM   760 C CG1 . VAL A 1 110 ? 2.915   11.334  10.838  1.00 36.38 ? 110 VAL A CG1 1 
ATOM   761 C CG2 . VAL A 1 110 ? 1.582   9.690   9.448   1.00 36.41 ? 110 VAL A CG2 1 
ATOM   762 N N   . LYS A 1 111 ? 1.565   11.453  13.711  1.00 35.74 ? 111 LYS A N   1 
ATOM   763 C CA  . LYS A 1 111 ? 1.687   12.479  14.755  1.00 35.65 ? 111 LYS A CA  1 
ATOM   764 C C   . LYS A 1 111 ? 0.340   12.756  15.421  1.00 35.69 ? 111 LYS A C   1 
ATOM   765 O O   . LYS A 1 111 ? -0.250  11.856  16.021  1.00 35.75 ? 111 LYS A O   1 
ATOM   766 C CB  . LYS A 1 111 ? 2.314   13.772  14.214  1.00 35.42 ? 111 LYS A CB  1 
ATOM   767 C CG  . LYS A 1 111 ? 2.202   14.966  15.166  1.00 35.29 ? 111 LYS A CG  1 
ATOM   768 C CD  . LYS A 1 111 ? 3.196   16.078  14.829  1.00 34.49 ? 111 LYS A CD  1 
ATOM   769 C CE  . LYS A 1 111 ? 4.371   16.084  15.782  1.00 33.74 ? 111 LYS A CE  1 
ATOM   770 N NZ  . LYS A 1 111 ? 5.468   16.912  15.248  1.00 33.10 ? 111 LYS A NZ  1 
HETATM 771 O O   . HOH B 2 .   ? -11.150 -7.856  1.926   1.00 62.33 ? 112 HOH A O   1 
HETATM 772 O O   . HOH B 2 .   ? -9.071  -7.673  -2.203  1.00 64.26 ? 113 HOH A O   1 
HETATM 773 O O   . HOH B 2 .   ? -9.030  -0.011  6.391   1.00 72.01 ? 114 HOH A O   1 
HETATM 774 O O   . HOH B 2 .   ? 8.749   0.173   8.164   1.00 45.87 ? 115 HOH A O   1 
HETATM 775 O O   . HOH B 2 .   ? -8.060  -8.575  4.348   1.00 64.32 ? 116 HOH A O   1 
HETATM 776 O O   . HOH B 2 .   ? -11.307 -4.597  -1.263  1.00 59.13 ? 117 HOH A O   1 
HETATM 777 O O   . HOH B 2 .   ? -10.415 -9.572  3.680   1.00 68.76 ? 118 HOH A O   1 
HETATM 778 O O   . HOH B 2 .   ? -10.187 -1.778  -1.672  1.00 71.90 ? 119 HOH A O   1 
HETATM 779 O O   . HOH B 2 .   ? -6.889  -21.537 -6.776  1.00 86.85 ? 120 HOH A O   1 
HETATM 780 O O   . HOH B 2 .   ? -0.396  -9.069  4.374   1.00 59.45 ? 121 HOH A O   1 
HETATM 781 O O   . HOH B 2 .   ? -2.675  -17.067 -5.260  1.00 67.87 ? 122 HOH A O   1 
HETATM 782 O O   . HOH B 2 .   ? -10.788 -18.352 -5.159  1.00 65.92 ? 123 HOH A O   1 
HETATM 783 O O   . HOH B 2 .   ? 5.408   3.749   -9.658  1.00 74.52 ? 124 HOH A O   1 
HETATM 784 O O   . HOH B 2 .   ? -7.334  -6.872  2.141   0.50 37.28 ? 125 HOH A O   1 
HETATM 785 O O   . HOH B 2 .   ? 9.353   -2.444  0.746   1.00 49.93 ? 126 HOH A O   1 
HETATM 786 O O   . HOH B 2 .   ? 4.163   -11.663 2.423   1.00 72.11 ? 127 HOH A O   1 
HETATM 787 O O   . HOH B 2 .   ? -11.480 -4.154  -4.537  1.00 69.83 ? 128 HOH A O   1 
HETATM 788 O O   . HOH B 2 .   ? -0.386  -16.462 -2.651  1.00 75.26 ? 129 HOH A O   1 
HETATM 789 O O   . HOH B 2 .   ? 4.806   -19.108 -0.639  1.00 69.47 ? 130 HOH A O   1 
HETATM 790 O O   . HOH B 2 .   ? -4.029  -5.270  10.986  1.00 71.05 ? 131 HOH A O   1 
HETATM 791 O O   . HOH B 2 .   ? 3.951   20.016  14.757  1.00 56.31 ? 132 HOH A O   1 
HETATM 792 O O   . HOH B 2 .   ? 12.746  12.046  2.672   1.00 82.82 ? 133 HOH A O   1 
HETATM 793 O O   . HOH B 2 .   ? 2.378   -6.989  8.292   1.00 59.93 ? 134 HOH A O   1 
HETATM 794 O O   . HOH B 2 .   ? 3.733   19.096  12.004  1.00 64.85 ? 135 HOH A O   1 
HETATM 795 O O   . HOH B 2 .   ? -9.101  4.000   13.356  1.00 88.01 ? 136 HOH A O   1 
HETATM 796 O O   . HOH B 2 .   ? -2.821  13.079  12.193  1.00 79.40 ? 137 HOH A O   1 
HETATM 797 O O   . HOH B 2 .   ? -5.397  -19.534 0.792   1.00 71.49 ? 138 HOH A O   1 
HETATM 798 O O   . HOH B 2 .   ? -2.753  -3.302  15.929  1.00 91.29 ? 139 HOH A O   1 
HETATM 799 O O   . HOH B 2 .   ? -13.220 9.262   -0.446  1.00 87.62 ? 140 HOH A O   1 
HETATM 800 O O   . HOH B 2 .   ? 3.524   -24.476 -1.395  1.00 85.37 ? 141 HOH A O   1 
HETATM 801 O O   . HOH B 2 .   ? -9.084  10.544  3.059   0.50 40.58 ? 142 HOH A O   1 
HETATM 802 O O   . HOH B 2 .   ? 13.205  0.849   2.775   1.00 63.49 ? 143 HOH A O   1 
HETATM 803 O O   . HOH B 2 .   ? 0.560   -6.398  10.692  1.00 61.91 ? 144 HOH A O   1 
HETATM 804 O O   . HOH B 2 .   ? 2.495   -18.492 -3.771  1.00 60.17 ? 145 HOH A O   1 
HETATM 805 O O   . HOH B 2 .   ? -1.182  -8.403  10.685  1.00 80.60 ? 146 HOH A O   1 
HETATM 806 O O   . HOH B 2 .   ? -1.349  -14.913 3.893   1.00 78.58 ? 147 HOH A O   1 
HETATM 807 O O   . HOH B 2 .   ? -0.421  -17.155 3.072   1.00 70.53 ? 148 HOH A O   1 
HETATM 808 O O   . HOH B 2 .   ? -0.476  2.440   -10.932 1.00 66.47 ? 149 HOH A O   1 
HETATM 809 O O   . HOH B 2 .   ? 4.427   -19.789 -8.369  1.00 71.61 ? 150 HOH A O   1 
HETATM 810 O O   . HOH B 2 .   ? -6.803  4.916   -9.183  1.00 76.43 ? 151 HOH A O   1 
HETATM 811 O O   . HOH B 2 .   ? 1.732   8.760   -10.250 1.00 82.25 ? 152 HOH A O   1 
HETATM 812 O O   . HOH B 2 .   ? -1.294  19.101  2.616   1.00 74.06 ? 153 HOH A O   1 
HETATM 813 O O   . HOH B 2 .   ? 4.325   5.407   17.449  1.00 80.60 ? 154 HOH A O   1 
HETATM 814 O O   . HOH B 2 .   ? -11.008 6.566   1.790   1.00 88.78 ? 155 HOH A O   1 
HETATM 815 O O   . HOH B 2 .   ? -6.426  5.481   12.142  1.00 64.53 ? 156 HOH A O   1 
HETATM 816 O O   . HOH B 2 .   ? -11.944 -9.371  -4.067  1.00 53.90 ? 157 HOH A O   1 
HETATM 817 O O   . HOH B 2 .   ? -12.447 -11.193 -0.780  0.50 43.20 ? 158 HOH A O   1 
HETATM 818 O O   . HOH B 2 .   ? 9.725   6.861   17.506  1.00 73.32 ? 159 HOH A O   1 
HETATM 819 O O   . HOH B 2 .   ? 2.261   0.444   13.780  1.00 89.15 ? 160 HOH A O   1 
HETATM 820 O O   . HOH B 2 .   ? 3.237   10.735  -4.851  1.00 75.95 ? 161 HOH A O   1 
HETATM 821 O O   . HOH B 2 .   ? -4.010  16.227  5.848   0.50 38.52 ? 162 HOH A O   1 
HETATM 822 O O   . HOH B 2 .   ? 8.498   -14.964 -3.154  1.00 74.15 ? 163 HOH A O   1 
HETATM 823 O O   . HOH B 2 .   ? 10.116  -14.167 -14.221 1.00 89.67 ? 164 HOH A O   1 
HETATM 824 O O   . HOH B 2 .   ? -11.736 -15.341 -7.286  1.00 52.63 ? 165 HOH A O   1 
HETATM 825 O O   . HOH B 2 .   ? 1.922   10.039  18.520  1.00 75.58 ? 166 HOH A O   1 
HETATM 826 O O   . HOH B 2 .   ? -0.394  -4.694  -15.912 1.00 83.63 ? 167 HOH A O   1 
HETATM 827 O O   . HOH B 2 .   ? -2.442  -22.101 -6.087  1.00 76.97 ? 168 HOH A O   1 
HETATM 828 O O   . HOH B 2 .   ? 7.453   -8.965  -0.291  1.00 70.36 ? 169 HOH A O   1 
HETATM 829 O O   . HOH B 2 .   ? 5.463   -5.192  8.325   1.00 66.45 ? 170 HOH A O   1 
HETATM 830 O O   . HOH B 2 .   ? 20.574  13.134  7.881   1.00 77.96 ? 171 HOH A O   1 
HETATM 831 O O   . HOH B 2 .   ? -1.935  -12.006 4.726   1.00 49.35 ? 172 HOH A O   1 
HETATM 832 O O   . HOH B 2 .   ? 8.630   16.183  19.644  1.00 87.48 ? 173 HOH A O   1 
HETATM 833 O O   . HOH B 2 .   ? 2.373   -17.048 -0.641  1.00 97.68 ? 174 HOH A O   1 
HETATM 834 O O   . HOH B 2 .   ? 6.876   -14.014 1.867   1.00 60.94 ? 175 HOH A O   1 
HETATM 835 O O   . HOH B 2 .   ? -13.770 -11.775 1.501   0.50 55.46 ? 176 HOH A O   1 
HETATM 836 O O   . HOH B 2 .   ? 2.335   -6.727  -17.833 0.50 41.79 ? 177 HOH A O   1 
HETATM 837 O O   . HOH B 2 .   ? -1.753  -1.196  -12.991 1.00 68.40 ? 178 HOH A O   1 
HETATM 838 O O   . HOH B 2 .   ? 1.653   -14.882 -13.464 1.00 81.14 ? 179 HOH A O   1 
HETATM 839 O O   . HOH B 2 .   ? 2.456   -8.447  11.382  1.00 72.84 ? 180 HOH A O   1 
HETATM 840 O O   . HOH B 2 .   ? 10.746  5.022   15.366  1.00 71.47 ? 181 HOH A O   1 
HETATM 841 O O   . HOH B 2 .   ? 8.501   9.990   -6.251  1.00 78.24 ? 182 HOH A O   1 
HETATM 842 O O   . HOH B 2 .   ? -9.438  1.245   8.853   1.00 81.06 ? 183 HOH A O   1 
HETATM 843 O O   . HOH B 2 .   ? 5.148   -22.032 -0.091  1.00 75.18 ? 184 HOH A O   1 
HETATM 844 O O   . HOH B 2 .   ? 3.097   -14.787 -8.833  1.00 88.41 ? 185 HOH A O   1 
HETATM 845 O O   . HOH B 2 .   ? 9.020   8.708   -12.446 1.00 72.12 ? 186 HOH A O   1 
HETATM 846 O O   . HOH B 2 .   ? 6.603   12.062  -9.884  1.00 76.44 ? 187 HOH A O   1 
HETATM 847 O O   . HOH B 2 .   ? -2.754  -18.831 -14.658 1.00 67.63 ? 188 HOH A O   1 
HETATM 848 O O   . HOH B 2 .   ? 5.467   -9.178  -10.509 1.00 80.32 ? 189 HOH A O   1 
HETATM 849 O O   . HOH B 2 .   ? -2.709  -3.604  -17.783 1.00 77.07 ? 190 HOH A O   1 
HETATM 850 O O   . HOH B 2 .   ? 5.411   -8.369  -14.235 1.00 76.46 ? 191 HOH A O   1 
HETATM 851 O O   . HOH B 2 .   ? 13.596  -4.748  -0.644  1.00 69.70 ? 192 HOH A O   1 
HETATM 852 O O   . HOH B 2 .   ? 18.156  7.944   0.787   1.00 78.79 ? 193 HOH A O   1 
HETATM 853 O O   . HOH B 2 .   ? -7.923  8.258   4.264   1.00 74.35 ? 194 HOH A O   1 
HETATM 854 O O   . HOH B 2 .   ? -0.275  -0.714  12.813  1.00 69.66 ? 195 HOH A O   1 
HETATM 855 O O   . HOH B 2 .   ? -7.188  4.706   -1.250  1.00 84.91 ? 196 HOH A O   1 
HETATM 856 O O   . HOH B 2 .   ? 10.067  15.733  -10.476 1.00 85.90 ? 197 HOH A O   1 
HETATM 857 O O   . HOH B 2 .   ? 10.974  18.230  21.029  1.00 68.74 ? 198 HOH A O   1 
HETATM 858 O O   . HOH B 2 .   ? 9.395   -6.563  1.678   1.00 85.42 ? 199 HOH A O   1 
HETATM 859 O O   . HOH B 2 .   ? 7.981   12.620  -7.540  1.00 85.90 ? 200 HOH A O   1 
HETATM 860 O O   . HOH B 2 .   ? 20.145  4.913   -1.857  1.00 92.05 ? 201 HOH A O   1 
HETATM 861 O O   . HOH B 2 .   ? -0.444  -12.305 -15.109 1.00 76.63 ? 202 HOH A O   1 
HETATM 862 O O   . HOH B 2 .   ? 0.245   -18.055 -19.863 1.00 91.50 ? 203 HOH A O   1 
HETATM 863 O O   . HOH B 2 .   ? 6.503   -7.508  8.800   1.00 61.57 ? 204 HOH A O   1 
HETATM 864 O O   . HOH B 2 .   ? 0.908   -22.868 -22.864 1.00 83.23 ? 205 HOH A O   1 
HETATM 865 O O   . HOH B 2 .   ? -2.724  13.826  4.537   1.00 93.68 ? 206 HOH A O   1 
HETATM 866 O O   . HOH B 2 .   ? 1.738   7.155   -12.495 1.00 76.88 ? 207 HOH A O   1 
HETATM 867 O O   . HOH B 2 .   ? -10.343 -11.338 -9.121  0.50 33.39 ? 208 HOH A O   1 
# 
